data_1F9E
#
_entry.id   1F9E
#
_cell.length_a   98.029
_cell.length_b   188.748
_cell.length_c   209.802
_cell.angle_alpha   90.00
_cell.angle_beta   90.00
_cell.angle_gamma   90.00
#
_symmetry.space_group_name_H-M   'C 2 2 21'
#
loop_
_entity.id
_entity.type
_entity.pdbx_description
1 polymer 'Caspase-8 subunit p18'
2 polymer 'Caspase-8 subunit p10'
3 polymer (PHQ)DEVD
4 water water
#
loop_
_entity_poly.entity_id
_entity_poly.type
_entity_poly.pdbx_seq_one_letter_code
_entity_poly.pdbx_strand_id
1 'polypeptide(L)'
;LDKVYQMKSKPRGYCLIINNHNFAKAREKVPKLHSIRDRNGTHLDAGALTTTFEELHFEIKPHHDCTVEQIYEILKIYQL
MDHSNMDCFICCILSHGDKGIIYGTDGQEAPIYELTSQFTGLKCPSLAGKPKVFFIQACQGDNYQKGIPVETD
;
A,C,E,G,I,K
2 'polypeptide(L)'
;TRYIPDEADFLLGMATVNNCVSYRNPAEGTWYIQSLCQSLRERCPRGDDILTILTEVNYEVSNKDDKKNMGKQMPQPTFT
LRKKLVFPS
;
B,D,F,H,J,L
3 'polypeptide(L)' (PHQ)DEV(ASA) Q,R,S,T,U,V
#
# COMPACT_ATOMS: atom_id res chain seq x y z
N LEU A 1 34.60 33.36 29.47
CA LEU A 1 34.64 32.09 30.27
C LEU A 1 33.40 31.23 29.99
N ASP A 2 32.74 31.50 28.86
CA ASP A 2 31.55 30.74 28.48
C ASP A 2 31.99 29.57 27.59
N LYS A 3 31.40 28.40 27.80
CA LYS A 3 31.74 27.23 26.98
C LYS A 3 31.38 27.55 25.52
N VAL A 4 32.16 27.03 24.58
CA VAL A 4 31.90 27.26 23.17
C VAL A 4 32.12 26.00 22.35
N TYR A 5 31.34 25.84 21.30
CA TYR A 5 31.50 24.70 20.44
C TYR A 5 32.76 24.90 19.65
N GLN A 6 33.59 23.86 19.63
CA GLN A 6 34.83 23.89 18.88
C GLN A 6 34.49 24.01 17.38
N MET A 7 35.23 24.85 16.68
CA MET A 7 35.02 25.07 15.25
C MET A 7 36.31 25.35 14.48
N LYS A 8 37.20 24.36 14.45
CA LYS A 8 38.47 24.51 13.73
C LYS A 8 38.47 23.58 12.52
N SER A 9 38.00 22.35 12.72
CA SER A 9 37.92 21.33 11.68
C SER A 9 38.10 21.76 10.23
N LYS A 10 39.07 21.13 9.57
CA LYS A 10 39.44 21.37 8.17
C LYS A 10 38.28 21.74 7.29
N PRO A 11 37.26 20.86 7.18
CA PRO A 11 36.15 21.27 6.33
C PRO A 11 34.95 21.71 7.19
N ARG A 12 35.15 21.78 8.52
CA ARG A 12 34.07 22.16 9.46
C ARG A 12 32.97 21.10 9.53
N GLY A 13 32.36 20.83 8.38
CA GLY A 13 31.32 19.83 8.32
C GLY A 13 30.52 20.04 7.05
N TYR A 14 29.59 19.13 6.76
CA TYR A 14 28.79 19.30 5.56
C TYR A 14 27.67 20.29 5.82
N CYS A 15 27.15 20.86 4.73
CA CYS A 15 26.05 21.79 4.81
C CYS A 15 25.10 21.45 3.68
N LEU A 16 24.15 20.56 3.93
CA LEU A 16 23.21 20.20 2.89
C LEU A 16 22.38 21.41 2.53
N ILE A 17 21.68 21.31 1.41
CA ILE A 17 20.79 22.35 0.97
C ILE A 17 19.77 21.70 0.09
N ILE A 18 18.64 21.30 0.65
CA ILE A 18 17.60 20.71 -0.18
C ILE A 18 16.92 21.94 -0.72
N ASN A 19 17.04 22.16 -2.03
CA ASN A 19 16.47 23.32 -2.70
C ASN A 19 15.33 22.90 -3.59
N ASN A 20 14.10 23.10 -3.16
CA ASN A 20 12.95 22.70 -3.97
C ASN A 20 12.38 23.88 -4.69
N HIS A 21 12.27 23.75 -6.01
CA HIS A 21 11.74 24.81 -6.86
C HIS A 21 10.55 24.40 -7.70
N ASN A 22 10.74 23.41 -8.56
CA ASN A 22 9.71 22.94 -9.48
C ASN A 22 8.70 21.99 -8.87
N PHE A 23 7.61 22.53 -8.36
CA PHE A 23 6.58 21.69 -7.74
C PHE A 23 5.54 21.20 -8.72
N ALA A 24 5.91 20.97 -9.97
CA ALA A 24 4.90 20.51 -10.93
C ALA A 24 4.35 19.12 -10.58
N LYS A 25 5.22 18.18 -10.24
CA LYS A 25 4.79 16.82 -9.89
C LYS A 25 3.76 16.88 -8.77
N ALA A 26 4.11 17.62 -7.72
CA ALA A 26 3.23 17.78 -6.59
C ALA A 26 1.87 18.29 -7.05
N ARG A 27 1.82 19.15 -8.06
CA ARG A 27 0.53 19.67 -8.53
C ARG A 27 -0.31 18.53 -9.12
N GLU A 28 0.33 17.74 -9.97
CA GLU A 28 -0.30 16.60 -10.63
C GLU A 28 -0.89 15.58 -9.64
N LYS A 29 -0.04 14.99 -8.80
CA LYS A 29 -0.43 13.96 -7.84
C LYS A 29 -1.30 14.33 -6.63
N VAL A 30 -1.07 15.50 -6.04
CA VAL A 30 -1.82 15.93 -4.85
C VAL A 30 -2.86 16.98 -5.13
N PRO A 31 -4.12 16.58 -5.09
CA PRO A 31 -5.28 17.45 -5.33
C PRO A 31 -5.37 18.69 -4.47
N LYS A 32 -5.16 18.53 -3.17
CA LYS A 32 -5.27 19.69 -2.27
C LYS A 32 -4.20 20.71 -2.59
N LEU A 33 -3.30 20.34 -3.50
CA LEU A 33 -2.20 21.23 -3.91
C LEU A 33 -2.32 21.60 -5.40
N HIS A 34 -3.54 21.60 -5.92
CA HIS A 34 -3.71 21.90 -7.34
C HIS A 34 -3.09 23.22 -7.77
N SER A 35 -2.58 23.99 -6.81
CA SER A 35 -2.02 25.28 -7.17
C SER A 35 -0.70 25.75 -6.56
N ILE A 36 -0.07 24.93 -5.74
CA ILE A 36 1.21 25.34 -5.20
C ILE A 36 1.98 25.87 -6.43
N ARG A 37 2.52 27.07 -6.33
CA ARG A 37 3.29 27.63 -7.44
C ARG A 37 4.76 27.29 -7.23
N ASP A 38 5.55 27.37 -8.29
CA ASP A 38 6.95 27.05 -8.16
C ASP A 38 7.62 28.12 -7.33
N ARG A 39 8.60 27.72 -6.53
CA ARG A 39 9.28 28.64 -5.65
C ARG A 39 10.33 29.49 -6.34
N ASN A 40 9.88 30.34 -7.24
CA ASN A 40 10.79 31.21 -7.97
C ASN A 40 11.64 32.09 -7.05
N GLY A 41 12.94 31.88 -7.05
CA GLY A 41 13.81 32.69 -6.23
C GLY A 41 14.70 31.85 -5.35
N THR A 42 14.28 30.60 -5.09
CA THR A 42 15.04 29.71 -4.20
C THR A 42 16.49 29.82 -4.52
N HIS A 43 16.74 29.76 -5.82
CA HIS A 43 18.05 29.83 -6.41
C HIS A 43 18.89 30.87 -5.70
N LEU A 44 18.34 32.06 -5.53
CA LEU A 44 19.04 33.12 -4.84
C LEU A 44 19.41 32.73 -3.39
N ASP A 45 18.51 32.01 -2.72
CA ASP A 45 18.77 31.56 -1.34
C ASP A 45 19.93 30.57 -1.39
N ALA A 46 19.74 29.54 -2.21
CA ALA A 46 20.75 28.52 -2.38
C ALA A 46 22.10 29.15 -2.62
N GLY A 47 22.13 30.10 -3.56
CA GLY A 47 23.37 30.78 -3.86
C GLY A 47 23.95 31.46 -2.64
N ALA A 48 23.15 32.34 -2.04
CA ALA A 48 23.56 33.06 -0.83
C ALA A 48 24.04 32.11 0.24
N LEU A 49 23.28 31.03 0.47
CA LEU A 49 23.65 30.05 1.48
C LEU A 49 25.04 29.50 1.17
N THR A 50 25.18 28.98 -0.04
CA THR A 50 26.43 28.42 -0.51
C THR A 50 27.61 29.35 -0.27
N THR A 51 27.49 30.57 -0.74
CA THR A 51 28.53 31.56 -0.56
C THR A 51 28.84 31.78 0.90
N THR A 52 27.80 32.05 1.66
CA THR A 52 27.94 32.33 3.08
C THR A 52 28.63 31.23 3.85
N PHE A 53 28.08 30.02 3.78
CA PHE A 53 28.67 28.92 4.51
C PHE A 53 29.97 28.44 3.93
N GLU A 54 30.16 28.69 2.64
CA GLU A 54 31.41 28.33 2.01
C GLU A 54 32.45 29.23 2.67
N GLU A 55 32.15 30.51 2.77
CA GLU A 55 33.07 31.47 3.40
C GLU A 55 33.35 31.11 4.86
N LEU A 56 32.43 30.36 5.46
CA LEU A 56 32.58 29.95 6.84
C LEU A 56 33.31 28.61 6.97
N HIS A 57 33.81 28.15 5.83
CA HIS A 57 34.56 26.90 5.71
C HIS A 57 33.73 25.64 5.82
N PHE A 58 32.56 25.62 5.20
CA PHE A 58 31.70 24.45 5.23
C PHE A 58 31.69 23.84 3.85
N GLU A 59 31.51 22.52 3.76
CA GLU A 59 31.43 21.88 2.45
C GLU A 59 29.98 21.78 2.00
N ILE A 60 29.59 22.69 1.12
CA ILE A 60 28.22 22.74 0.63
C ILE A 60 27.87 21.49 -0.15
N LYS A 61 26.63 21.06 -0.04
CA LYS A 61 26.16 19.87 -0.72
C LYS A 61 24.73 20.06 -1.18
N PRO A 62 24.55 20.76 -2.30
CA PRO A 62 23.24 21.04 -2.89
C PRO A 62 22.51 19.83 -3.41
N HIS A 63 21.21 19.97 -3.55
CA HIS A 63 20.32 18.93 -4.04
C HIS A 63 19.11 19.71 -4.52
N HIS A 64 18.60 19.39 -5.70
CA HIS A 64 17.48 20.13 -6.24
C HIS A 64 16.21 19.35 -6.51
N ASP A 65 15.08 20.04 -6.33
CA ASP A 65 13.77 19.47 -6.54
C ASP A 65 13.64 18.04 -6.04
N CYS A 66 14.06 17.82 -4.80
CA CYS A 66 13.99 16.50 -4.19
C CYS A 66 12.56 16.20 -3.76
N THR A 67 12.16 14.94 -3.82
CA THR A 67 10.83 14.54 -3.38
C THR A 67 11.01 14.10 -1.93
N VAL A 68 9.91 13.81 -1.24
CA VAL A 68 10.02 13.39 0.16
C VAL A 68 10.95 12.19 0.19
N GLU A 69 10.65 11.24 -0.69
CA GLU A 69 11.43 10.03 -0.82
C GLU A 69 12.92 10.38 -0.88
N GLN A 70 13.26 11.22 -1.84
CA GLN A 70 14.64 11.63 -2.06
C GLN A 70 15.28 12.34 -0.87
N ILE A 71 14.48 13.14 -0.16
CA ILE A 71 14.98 13.88 0.99
C ILE A 71 15.41 12.89 2.05
N TYR A 72 14.49 12.01 2.43
CA TYR A 72 14.80 11.02 3.44
C TYR A 72 16.07 10.28 3.06
N GLU A 73 16.14 9.88 1.78
CA GLU A 73 17.33 9.19 1.27
C GLU A 73 18.61 9.97 1.52
N ILE A 74 18.59 11.25 1.15
CA ILE A 74 19.74 12.12 1.34
C ILE A 74 20.14 12.26 2.81
N LEU A 75 19.16 12.39 3.68
CA LEU A 75 19.49 12.51 5.10
C LEU A 75 20.05 11.18 5.61
N LYS A 76 19.49 10.07 5.13
CA LYS A 76 19.95 8.75 5.54
C LYS A 76 21.44 8.64 5.30
N ILE A 77 21.90 9.10 4.15
CA ILE A 77 23.31 9.07 3.81
C ILE A 77 24.12 9.81 4.85
N TYR A 78 23.79 11.09 5.06
CA TYR A 78 24.56 11.86 6.01
C TYR A 78 24.36 11.37 7.44
N GLN A 79 23.22 10.76 7.68
CA GLN A 79 22.97 10.22 9.00
C GLN A 79 23.99 9.12 9.27
N LEU A 80 24.30 8.35 8.22
CA LEU A 80 25.23 7.23 8.31
C LEU A 80 26.67 7.55 8.05
N MET A 81 26.96 8.77 7.66
CA MET A 81 28.35 9.11 7.42
C MET A 81 29.12 9.19 8.73
N ASP A 82 30.43 9.31 8.65
CA ASP A 82 31.24 9.42 9.85
C ASP A 82 31.73 10.84 9.90
N HIS A 83 31.17 11.60 10.84
CA HIS A 83 31.53 13.01 10.98
C HIS A 83 32.64 13.22 11.99
N SER A 84 33.34 12.16 12.37
CA SER A 84 34.39 12.26 13.39
C SER A 84 35.39 13.40 13.23
N ASN A 85 35.69 13.77 12.00
CA ASN A 85 36.65 14.84 11.78
C ASN A 85 35.95 16.13 11.45
N MET A 86 34.68 16.20 11.82
CA MET A 86 33.87 17.38 11.57
C MET A 86 33.45 17.99 12.89
N ASP A 87 33.36 19.30 12.94
CA ASP A 87 32.98 19.98 14.15
C ASP A 87 31.51 20.40 14.20
N CYS A 88 30.84 20.37 13.05
CA CYS A 88 29.46 20.81 12.97
C CYS A 88 28.78 20.21 11.77
N PHE A 89 27.45 20.22 11.76
CA PHE A 89 26.66 19.72 10.64
C PHE A 89 25.51 20.71 10.43
N ILE A 90 25.22 21.04 9.17
CA ILE A 90 24.15 21.96 8.86
C ILE A 90 23.28 21.45 7.73
N CYS A 91 21.98 21.61 7.87
CA CYS A 91 21.07 21.16 6.82
C CYS A 91 20.06 22.26 6.59
N CYS A 92 20.01 22.79 5.36
CA CYS A 92 19.07 23.84 5.01
C CYS A 92 18.03 23.27 4.11
N ILE A 93 16.78 23.65 4.32
CA ILE A 93 15.71 23.13 3.50
C ILE A 93 14.87 24.30 3.03
N LEU A 94 14.80 24.45 1.71
CA LEU A 94 14.07 25.52 1.05
C LEU A 94 12.98 24.81 0.29
N SER A 95 11.74 25.03 0.67
CA SER A 95 10.64 24.34 0.00
C SER A 95 9.33 24.89 0.51
N HIS A 96 8.22 24.29 0.07
CA HIS A 96 6.91 24.67 0.54
C HIS A 96 6.71 23.85 1.81
N GLY A 97 5.73 24.24 2.61
CA GLY A 97 5.48 23.51 3.83
C GLY A 97 4.17 23.90 4.47
N ASP A 98 3.83 23.20 5.55
CA ASP A 98 2.60 23.45 6.29
C ASP A 98 2.89 23.20 7.77
N LYS A 99 1.85 23.21 8.60
CA LYS A 99 2.04 23.02 10.05
C LYS A 99 2.96 21.87 10.37
N GLY A 100 4.14 22.18 10.86
CA GLY A 100 5.09 21.15 11.24
C GLY A 100 5.68 20.29 10.14
N ILE A 101 5.28 20.51 8.90
CA ILE A 101 5.82 19.70 7.85
C ILE A 101 6.51 20.46 6.74
N ILE A 102 7.16 19.71 5.87
CA ILE A 102 7.89 20.23 4.74
C ILE A 102 7.30 19.51 3.57
N TYR A 103 7.06 20.21 2.48
CA TYR A 103 6.49 19.56 1.32
C TYR A 103 7.55 19.09 0.39
N GLY A 104 7.38 17.86 -0.08
CA GLY A 104 8.33 17.31 -1.01
C GLY A 104 7.92 17.80 -2.39
N THR A 105 8.90 17.94 -3.28
CA THR A 105 8.63 18.43 -4.62
C THR A 105 7.50 17.67 -5.33
N ASP A 106 7.16 16.50 -4.78
CA ASP A 106 6.11 15.65 -5.33
C ASP A 106 4.80 15.77 -4.57
N GLY A 107 4.74 16.68 -3.62
CA GLY A 107 3.52 16.88 -2.86
C GLY A 107 3.43 16.11 -1.55
N GLN A 108 4.32 15.15 -1.36
CA GLN A 108 4.30 14.38 -0.15
C GLN A 108 4.80 15.18 1.03
N GLU A 109 4.35 14.78 2.21
CA GLU A 109 4.71 15.47 3.44
C GLU A 109 5.81 14.86 4.28
N ALA A 110 6.68 15.72 4.79
CA ALA A 110 7.76 15.29 5.63
C ALA A 110 7.75 16.09 6.93
N PRO A 111 7.44 15.43 8.05
CA PRO A 111 7.40 16.08 9.35
C PRO A 111 8.80 16.57 9.69
N ILE A 112 8.90 17.83 10.08
CA ILE A 112 10.20 18.36 10.40
C ILE A 112 10.86 17.55 11.51
N TYR A 113 10.03 16.92 12.33
CA TYR A 113 10.56 16.12 13.41
C TYR A 113 11.30 14.90 12.83
N GLU A 114 10.70 14.26 11.84
CA GLU A 114 11.32 13.12 11.21
C GLU A 114 12.67 13.51 10.64
N LEU A 115 12.78 14.72 10.13
CA LEU A 115 14.03 15.16 9.57
C LEU A 115 15.12 15.35 10.62
N THR A 116 14.88 16.21 11.61
CA THR A 116 15.91 16.44 12.64
C THR A 116 16.21 15.29 13.56
N SER A 117 15.27 14.39 13.75
CA SER A 117 15.49 13.26 14.66
C SER A 117 16.45 12.25 14.07
N GLN A 118 16.80 12.47 12.82
CA GLN A 118 17.71 11.61 12.10
C GLN A 118 19.11 11.75 12.63
N PHE A 119 19.38 12.86 13.32
CA PHE A 119 20.71 13.10 13.79
C PHE A 119 20.94 13.17 15.28
N THR A 120 20.11 12.43 16.01
CA THR A 120 20.24 12.38 17.47
C THR A 120 21.60 11.77 17.81
N GLY A 121 21.85 11.55 19.09
CA GLY A 121 23.12 10.97 19.51
C GLY A 121 23.24 9.53 19.06
N LEU A 122 22.16 8.77 19.26
CA LEU A 122 22.16 7.37 18.88
C LEU A 122 22.26 7.27 17.38
N LYS A 123 21.27 7.84 16.71
CA LYS A 123 21.19 7.85 15.26
C LYS A 123 22.51 8.18 14.54
N CYS A 124 23.36 9.01 15.15
CA CYS A 124 24.61 9.40 14.50
C CYS A 124 25.70 9.83 15.48
N PRO A 125 26.29 8.85 16.17
CA PRO A 125 27.35 9.09 17.17
C PRO A 125 28.51 9.97 16.75
N SER A 126 28.81 10.01 15.46
CA SER A 126 29.92 10.82 14.95
C SER A 126 29.66 12.30 15.22
N LEU A 127 28.39 12.66 15.43
CA LEU A 127 28.04 14.05 15.69
C LEU A 127 27.74 14.38 17.15
N ALA A 128 27.65 13.34 17.99
CA ALA A 128 27.40 13.49 19.42
C ALA A 128 28.21 14.62 20.05
N GLY A 129 27.52 15.59 20.63
CA GLY A 129 28.20 16.72 21.27
C GLY A 129 28.67 17.77 20.29
N LYS A 130 28.13 17.71 19.08
CA LYS A 130 28.49 18.69 18.07
C LYS A 130 27.23 19.36 17.56
N PRO A 131 27.30 20.70 17.35
CA PRO A 131 26.14 21.43 16.87
C PRO A 131 25.56 20.86 15.59
N LYS A 132 24.27 20.57 15.62
CA LYS A 132 23.54 20.10 14.46
C LYS A 132 22.48 21.18 14.18
N VAL A 133 22.74 21.98 13.15
CA VAL A 133 21.87 23.09 12.77
C VAL A 133 20.93 22.85 11.62
N PHE A 134 19.65 23.18 11.77
CA PHE A 134 18.70 23.04 10.66
C PHE A 134 17.98 24.35 10.39
N PHE A 135 18.10 24.86 9.18
CA PHE A 135 17.39 26.07 8.81
C PHE A 135 16.29 25.63 7.88
N ILE A 136 15.05 25.89 8.26
CA ILE A 136 13.96 25.51 7.40
C ILE A 136 13.20 26.74 6.92
N GLN A 137 13.20 26.96 5.61
CA GLN A 137 12.51 28.08 4.99
C GLN A 137 11.32 27.51 4.21
N ALA A 138 10.14 27.70 4.76
CA ALA A 138 8.92 27.22 4.14
C ALA A 138 7.74 27.78 4.92
N CYS A 139 6.53 27.55 4.44
CA CYS A 139 5.36 28.02 5.15
C CYS A 139 5.04 26.96 6.19
N GLN A 140 4.32 27.37 7.21
CA GLN A 140 3.91 26.47 8.27
C GLN A 140 2.40 26.60 8.44
N GLY A 141 1.76 27.10 7.40
CA GLY A 141 0.32 27.30 7.41
C GLY A 141 -0.05 28.34 6.37
N ASP A 142 -1.34 28.58 6.20
CA ASP A 142 -1.81 29.55 5.23
C ASP A 142 -2.28 30.85 5.87
N ASN A 143 -2.01 31.03 7.15
CA ASN A 143 -2.43 32.25 7.83
C ASN A 143 -1.39 33.35 7.71
N TYR A 144 -1.87 34.60 7.77
CA TYR A 144 -0.98 35.74 7.69
C TYR A 144 -0.73 36.30 9.08
N GLN A 145 0.53 36.43 9.44
CA GLN A 145 0.86 36.97 10.75
C GLN A 145 0.46 38.44 10.64
N LYS A 146 -0.42 38.88 11.54
CA LYS A 146 -0.88 40.26 11.54
C LYS A 146 0.12 41.16 12.25
N GLY A 147 0.12 42.43 11.88
CA GLY A 147 1.04 43.38 12.48
C GLY A 147 0.39 44.20 13.56
N ILE A 148 1.19 44.67 14.50
CA ILE A 148 0.70 45.50 15.60
C ILE A 148 1.65 46.70 15.71
N PRO A 149 1.10 47.88 16.00
CA PRO A 149 1.87 49.13 16.13
C PRO A 149 2.60 49.30 17.44
N VAL A 150 3.76 49.92 17.37
CA VAL A 150 4.55 50.17 18.56
C VAL A 150 5.47 51.36 18.35
N GLU A 151 6.29 51.59 19.36
CA GLU A 151 7.26 52.67 19.37
C GLU A 151 8.60 52.21 18.79
N THR A 152 9.31 53.16 18.19
CA THR A 152 10.61 52.90 17.58
C THR A 152 11.68 52.39 18.58
N ASP A 153 12.52 51.46 18.14
CA ASP A 153 13.56 50.86 18.99
C ASP A 153 14.93 51.54 18.90
N THR B 1 35.35 10.91 30.01
CA THR B 1 34.05 10.89 29.28
C THR B 1 32.96 11.65 30.03
N ARG B 2 31.71 11.20 29.85
CA ARG B 2 30.51 11.80 30.45
C ARG B 2 29.36 11.57 29.48
N TYR B 3 28.15 11.85 29.95
CA TYR B 3 26.95 11.72 29.13
C TYR B 3 26.14 13.01 28.97
N ILE B 4 25.51 13.15 27.80
CA ILE B 4 24.65 14.29 27.52
C ILE B 4 23.42 13.66 26.88
N PRO B 5 22.28 14.35 26.94
CA PRO B 5 21.08 13.75 26.34
C PRO B 5 21.11 13.52 24.83
N ASP B 6 20.39 12.47 24.44
CA ASP B 6 20.25 12.06 23.05
C ASP B 6 19.97 13.25 22.13
N GLU B 7 19.03 14.10 22.54
CA GLU B 7 18.63 15.25 21.73
C GLU B 7 19.36 16.57 21.97
N ALA B 8 20.50 16.51 22.64
CA ALA B 8 21.26 17.74 22.88
C ALA B 8 21.86 18.37 21.61
N ASP B 9 22.44 19.55 21.78
CA ASP B 9 23.10 20.30 20.70
C ASP B 9 22.39 20.44 19.36
N PHE B 10 21.13 20.84 19.39
CA PHE B 10 20.39 21.06 18.15
C PHE B 10 20.04 22.53 18.06
N LEU B 11 19.87 23.00 16.83
CA LEU B 11 19.48 24.36 16.59
C LEU B 11 18.59 24.32 15.40
N LEU B 12 17.31 24.60 15.60
CA LEU B 12 16.34 24.59 14.52
C LEU B 12 15.96 26.02 14.26
N GLY B 13 16.14 26.47 13.03
CA GLY B 13 15.79 27.84 12.71
C GLY B 13 14.64 27.90 11.73
N MET B 14 13.43 28.09 12.25
CA MET B 14 12.24 28.20 11.42
C MET B 14 12.10 29.61 10.88
N ALA B 15 11.58 29.72 9.66
CA ALA B 15 11.41 31.01 9.02
C ALA B 15 10.14 31.68 9.49
N THR B 16 9.24 30.89 10.06
CA THR B 16 7.97 31.41 10.52
C THR B 16 7.41 30.62 11.69
N VAL B 17 6.63 31.28 12.55
CA VAL B 17 5.98 30.61 13.66
C VAL B 17 4.98 29.65 13.04
N ASN B 18 4.43 28.77 13.85
CA ASN B 18 3.49 27.82 13.29
C ASN B 18 2.21 28.47 12.77
N ASN B 19 1.59 27.83 11.79
CA ASN B 19 0.35 28.27 11.17
C ASN B 19 0.44 29.43 10.21
N CYS B 20 1.62 29.99 10.03
CA CYS B 20 1.73 31.13 9.13
C CYS B 20 2.61 30.95 7.88
N VAL B 21 2.54 31.93 7.01
CA VAL B 21 3.30 31.92 5.79
C VAL B 21 4.62 32.65 5.96
N SER B 22 5.59 32.32 5.10
CA SER B 22 6.87 32.99 5.07
C SER B 22 6.95 33.55 3.64
N TYR B 23 7.70 34.63 3.43
CA TYR B 23 7.78 35.26 2.12
C TYR B 23 9.04 35.06 1.30
N ARG B 24 8.80 34.94 0.00
CA ARG B 24 9.83 34.73 -1.00
C ARG B 24 9.64 35.74 -2.13
N ASN B 25 10.67 36.52 -2.39
CA ASN B 25 10.64 37.53 -3.45
C ASN B 25 11.39 36.94 -4.65
N PRO B 26 10.68 36.70 -5.77
CA PRO B 26 11.26 36.13 -6.99
C PRO B 26 12.57 36.78 -7.39
N ALA B 27 12.70 38.08 -7.12
CA ALA B 27 13.90 38.81 -7.49
C ALA B 27 15.03 38.82 -6.46
N GLU B 28 14.77 38.47 -5.21
CA GLU B 28 15.87 38.50 -4.25
C GLU B 28 15.94 37.44 -3.14
N GLY B 29 15.04 36.45 -3.21
CA GLY B 29 15.05 35.39 -2.22
C GLY B 29 14.03 35.57 -1.13
N THR B 30 14.08 34.69 -0.13
CA THR B 30 13.15 34.71 0.98
C THR B 30 13.60 35.72 2.01
N TRP B 31 12.66 36.34 2.72
CA TRP B 31 13.01 37.33 3.72
C TRP B 31 13.94 36.67 4.73
N TYR B 32 13.56 35.48 5.15
CA TYR B 32 14.35 34.78 6.14
C TYR B 32 15.77 34.47 5.72
N ILE B 33 15.92 33.64 4.68
CA ILE B 33 17.27 33.25 4.26
C ILE B 33 18.18 34.42 3.95
N GLN B 34 17.70 35.36 3.14
CA GLN B 34 18.51 36.52 2.79
C GLN B 34 19.01 37.20 4.05
N SER B 35 18.08 37.48 4.96
CA SER B 35 18.43 38.11 6.21
C SER B 35 19.45 37.26 6.98
N LEU B 36 19.19 35.95 7.04
CA LEU B 36 20.09 35.04 7.73
C LEU B 36 21.52 35.22 7.24
N CYS B 37 21.69 35.12 5.92
CA CYS B 37 23.01 35.25 5.31
C CYS B 37 23.62 36.62 5.52
N GLN B 38 22.82 37.67 5.29
CA GLN B 38 23.30 39.03 5.49
C GLN B 38 23.88 39.12 6.89
N SER B 39 23.04 38.81 7.87
CA SER B 39 23.45 38.87 9.25
C SER B 39 24.68 38.00 9.51
N LEU B 40 24.65 36.78 9.01
CA LEU B 40 25.78 35.89 9.18
C LEU B 40 27.09 36.49 8.69
N ARG B 41 27.09 37.00 7.47
CA ARG B 41 28.29 37.57 6.89
C ARG B 41 28.92 38.73 7.61
N GLU B 42 28.12 39.62 8.22
CA GLU B 42 28.71 40.74 8.94
C GLU B 42 28.91 40.46 10.44
N ARG B 43 28.23 39.45 10.96
CA ARG B 43 28.34 39.10 12.37
C ARG B 43 29.44 38.10 12.72
N CYS B 44 29.41 36.93 12.08
CA CYS B 44 30.38 35.87 12.34
C CYS B 44 31.80 36.39 12.36
N PRO B 45 32.16 37.24 11.40
CA PRO B 45 33.51 37.79 11.37
C PRO B 45 33.82 38.44 12.71
N ARG B 46 32.87 39.21 13.21
CA ARG B 46 33.01 39.91 14.48
C ARG B 46 33.00 38.95 15.69
N GLY B 47 32.82 37.67 15.42
CA GLY B 47 32.82 36.68 16.50
C GLY B 47 31.51 36.52 17.24
N ASP B 48 30.41 37.01 16.68
CA ASP B 48 29.11 36.90 17.31
C ASP B 48 28.56 35.49 17.30
N ASP B 49 27.83 35.14 18.35
CA ASP B 49 27.24 33.82 18.49
C ASP B 49 25.99 33.66 17.60
N ILE B 50 25.64 32.42 17.26
CA ILE B 50 24.50 32.16 16.38
C ILE B 50 23.15 32.64 16.92
N LEU B 51 22.92 32.47 18.22
CA LEU B 51 21.66 32.93 18.79
C LEU B 51 21.56 34.47 18.62
N THR B 52 22.65 35.17 18.89
CA THR B 52 22.65 36.60 18.72
C THR B 52 22.24 36.88 17.27
N ILE B 53 22.96 36.27 16.34
CA ILE B 53 22.67 36.44 14.93
C ILE B 53 21.20 36.18 14.63
N LEU B 54 20.68 35.05 15.10
CA LEU B 54 19.29 34.71 14.86
C LEU B 54 18.33 35.76 15.41
N THR B 55 18.72 36.37 16.52
CA THR B 55 17.88 37.41 17.12
C THR B 55 17.79 38.62 16.18
N GLU B 56 18.93 38.99 15.62
CA GLU B 56 19.00 40.12 14.69
C GLU B 56 18.10 39.81 13.51
N VAL B 57 18.07 38.53 13.11
CA VAL B 57 17.23 38.12 12.01
C VAL B 57 15.80 38.36 12.40
N ASN B 58 15.46 37.99 13.63
CA ASN B 58 14.10 38.21 14.10
C ASN B 58 13.72 39.68 14.02
N TYR B 59 14.63 40.54 14.47
CA TYR B 59 14.37 41.96 14.44
C TYR B 59 14.04 42.36 13.01
N GLU B 60 15.03 42.20 12.15
CA GLU B 60 14.93 42.55 10.74
C GLU B 60 13.71 42.04 9.99
N VAL B 61 13.43 40.76 10.08
CA VAL B 61 12.28 40.21 9.37
C VAL B 61 10.97 40.77 9.92
N SER B 62 11.00 41.30 11.15
CA SER B 62 9.81 41.86 11.76
C SER B 62 9.42 43.18 11.14
N ASN B 63 10.42 43.96 10.76
CA ASN B 63 10.18 45.25 10.14
C ASN B 63 9.70 45.11 8.71
N LYS B 64 9.91 43.94 8.13
CA LYS B 64 9.45 43.70 6.76
C LYS B 64 7.94 43.48 6.75
N ASP B 65 7.31 43.73 5.61
CA ASP B 65 5.87 43.53 5.48
C ASP B 65 5.36 43.44 4.06
N ASP B 66 4.40 42.55 3.85
CA ASP B 66 3.78 42.33 2.55
C ASP B 66 2.63 43.28 2.67
N LYS B 67 2.67 44.41 1.97
CA LYS B 67 1.56 45.36 2.10
C LYS B 67 0.23 44.85 1.54
N LYS B 68 0.27 44.29 0.34
CA LYS B 68 -0.91 43.74 -0.32
C LYS B 68 -1.84 43.04 0.68
N ASN B 69 -1.49 41.81 1.08
CA ASN B 69 -2.29 41.03 2.03
C ASN B 69 -2.13 41.55 3.47
N MET B 70 -1.57 42.76 3.62
CA MET B 70 -1.33 43.41 4.93
C MET B 70 -0.89 42.33 5.91
N GLY B 71 0.31 41.79 5.66
CA GLY B 71 0.85 40.71 6.46
C GLY B 71 2.30 40.86 6.85
N LYS B 72 2.74 40.01 7.78
CA LYS B 72 4.09 40.05 8.30
C LYS B 72 4.63 38.65 8.52
N GLN B 73 5.90 38.55 8.93
CA GLN B 73 6.54 37.26 9.14
C GLN B 73 7.31 37.23 10.44
N MET B 74 7.09 36.18 11.24
CA MET B 74 7.79 36.05 12.53
C MET B 74 8.59 34.76 12.62
N PRO B 75 9.92 34.85 12.48
CA PRO B 75 10.86 33.72 12.54
C PRO B 75 10.89 33.14 13.96
N GLN B 76 11.18 31.86 14.09
CA GLN B 76 11.16 31.26 15.41
C GLN B 76 12.17 30.16 15.71
N PRO B 77 13.34 30.53 16.19
CA PRO B 77 14.35 29.52 16.51
C PRO B 77 14.06 28.73 17.80
N THR B 78 14.56 27.51 17.85
CA THR B 78 14.38 26.63 18.99
C THR B 78 15.70 25.93 19.15
N PHE B 79 16.12 25.68 20.37
CA PHE B 79 17.42 25.05 20.48
C PHE B 79 17.71 24.27 21.73
N THR B 80 18.61 23.31 21.60
CA THR B 80 19.06 22.51 22.72
C THR B 80 20.56 22.67 22.83
N LEU B 81 21.10 23.69 22.18
CA LEU B 81 22.54 23.95 22.23
C LEU B 81 23.01 24.09 23.67
N ARG B 82 24.14 23.48 24.01
CA ARG B 82 24.65 23.54 25.38
C ARG B 82 25.85 24.45 25.49
N LYS B 83 26.24 25.05 24.38
CA LYS B 83 27.37 25.99 24.37
C LYS B 83 27.03 27.07 23.39
N LYS B 84 27.86 28.09 23.34
CA LYS B 84 27.64 29.16 22.39
C LYS B 84 28.14 28.60 21.06
N LEU B 85 27.34 28.75 20.01
CA LEU B 85 27.74 28.28 18.69
C LEU B 85 28.27 29.46 17.91
N VAL B 86 29.56 29.47 17.63
CA VAL B 86 30.14 30.55 16.87
C VAL B 86 30.85 30.02 15.66
N PHE B 87 30.75 30.74 14.54
CA PHE B 87 31.37 30.38 13.25
C PHE B 87 32.50 31.31 12.87
N PRO B 88 33.71 31.06 13.42
CA PRO B 88 34.87 31.88 13.12
C PRO B 88 35.16 31.92 11.63
N SER B 89 35.73 33.04 11.19
CA SER B 89 36.03 33.25 9.78
C SER B 89 37.54 33.44 9.56
N ASP C 2 6.46 39.39 -3.64
CA ASP C 2 5.77 39.19 -2.40
C ASP C 2 4.97 37.91 -2.82
N GLU C 3 5.40 36.76 -2.33
CA GLU C 3 4.84 35.41 -2.66
C GLU C 3 5.02 34.52 -1.41
N VAL C 4 4.01 33.69 -1.13
CA VAL C 4 4.07 32.81 0.07
C VAL C 4 4.64 31.50 -0.30
N LEU D 1 26.53 47.62 20.38
CA LEU D 1 25.63 48.25 19.38
C LEU D 1 24.47 47.33 19.03
N ASP D 2 24.18 46.37 19.90
CA ASP D 2 23.07 45.45 19.69
C ASP D 2 21.82 46.02 20.35
N LYS D 3 20.67 45.90 19.70
CA LYS D 3 19.43 46.41 20.28
C LYS D 3 19.16 45.62 21.57
N VAL D 4 18.57 46.29 22.56
CA VAL D 4 18.26 45.63 23.82
C VAL D 4 16.90 46.05 24.34
N TYR D 5 16.23 45.13 25.03
CA TYR D 5 14.94 45.43 25.60
C TYR D 5 15.15 46.34 26.79
N GLN D 6 14.40 47.43 26.83
CA GLN D 6 14.48 48.36 27.92
C GLN D 6 14.04 47.67 29.20
N MET D 7 14.77 47.90 30.28
CA MET D 7 14.45 47.30 31.57
C MET D 7 14.78 48.20 32.75
N LYS D 8 14.09 49.32 32.85
CA LYS D 8 14.29 50.26 33.94
C LYS D 8 13.03 50.26 34.83
N SER D 9 11.86 50.32 34.19
CA SER D 9 10.57 50.31 34.87
C SER D 9 10.55 49.98 36.37
N LYS D 10 9.99 50.92 37.14
CA LYS D 10 9.84 50.86 38.60
C LYS D 10 9.60 49.44 39.13
N PRO D 11 8.52 48.78 38.68
CA PRO D 11 8.36 47.42 39.21
C PRO D 11 8.75 46.41 38.13
N ARG D 12 9.27 46.88 36.99
CA ARG D 12 9.67 46.00 35.87
C ARG D 12 8.46 45.38 35.19
N GLY D 13 7.69 44.62 35.98
CA GLY D 13 6.50 43.97 35.46
C GLY D 13 6.11 42.85 36.40
N TYR D 14 4.97 42.22 36.15
CA TYR D 14 4.55 41.16 37.03
C TYR D 14 5.25 39.87 36.68
N CYS D 15 5.30 38.96 37.64
CA CYS D 15 5.90 37.67 37.42
C CYS D 15 4.99 36.65 38.07
N LEU D 16 4.03 36.13 37.32
CA LEU D 16 3.13 35.14 37.89
C LEU D 16 3.92 33.90 38.24
N ILE D 17 3.30 33.01 38.99
CA ILE D 17 3.91 31.74 39.36
C ILE D 17 2.77 30.80 39.68
N ILE D 18 2.28 30.07 38.69
CA ILE D 18 1.25 29.12 38.98
C ILE D 18 2.03 27.96 39.55
N ASN D 19 1.84 27.70 40.85
CA ASN D 19 2.54 26.64 41.55
C ASN D 19 1.57 25.50 41.91
N ASN D 20 1.60 24.41 41.15
CA ASN D 20 0.73 23.28 41.42
C ASN D 20 1.45 22.19 42.18
N HIS D 21 0.89 21.83 43.32
CA HIS D 21 1.45 20.79 44.18
C HIS D 21 0.50 19.64 44.45
N ASN D 22 -0.62 19.93 45.09
CA ASN D 22 -1.62 18.93 45.47
C ASN D 22 -2.53 18.48 44.34
N PHE D 23 -2.13 17.42 43.64
CA PHE D 23 -2.94 16.90 42.55
C PHE D 23 -4.01 15.91 42.99
N ALA D 24 -4.61 16.22 44.14
CA ALA D 24 -5.64 15.41 44.72
C ALA D 24 -6.77 15.12 43.75
N LYS D 25 -7.51 16.15 43.34
CA LYS D 25 -8.63 15.95 42.41
C LYS D 25 -8.17 15.35 41.09
N ALA D 26 -6.89 15.54 40.80
CA ALA D 26 -6.30 14.98 39.61
C ALA D 26 -6.53 13.50 39.72
N ARG D 27 -5.75 12.86 40.60
CA ARG D 27 -5.82 11.41 40.86
C ARG D 27 -7.22 10.92 41.11
N GLU D 28 -8.05 11.78 41.70
CA GLU D 28 -9.42 11.38 41.96
C GLU D 28 -10.24 11.35 40.67
N LYS D 29 -10.48 12.51 40.09
CA LYS D 29 -11.32 12.59 38.91
C LYS D 29 -10.82 12.07 37.55
N VAL D 30 -9.51 12.07 37.31
CA VAL D 30 -8.99 11.63 36.00
C VAL D 30 -8.52 10.19 35.93
N PRO D 31 -9.37 9.29 35.42
CA PRO D 31 -9.00 7.88 35.32
C PRO D 31 -7.54 7.70 34.96
N LYS D 32 -7.29 7.65 33.67
CA LYS D 32 -5.92 7.48 33.19
C LYS D 32 -5.07 8.63 33.75
N LEU D 33 -4.83 8.65 35.07
CA LEU D 33 -4.06 9.75 35.63
C LEU D 33 -3.93 9.75 37.14
N HIS D 34 -4.45 8.71 37.78
CA HIS D 34 -4.35 8.57 39.23
C HIS D 34 -2.85 8.50 39.44
N SER D 35 -2.45 7.86 40.52
CA SER D 35 -1.03 7.67 40.85
C SER D 35 -0.02 8.80 40.53
N ILE D 36 -0.48 9.89 39.92
CA ILE D 36 0.41 11.01 39.59
C ILE D 36 0.67 11.73 40.88
N ARG D 37 1.84 11.45 41.46
CA ARG D 37 2.24 12.02 42.73
C ARG D 37 2.11 13.52 42.88
N ASP D 38 1.88 13.97 44.10
CA ASP D 38 1.88 15.40 44.34
C ASP D 38 3.32 15.84 44.07
N ARG D 39 3.45 17.04 43.54
CA ARG D 39 4.74 17.57 43.18
C ARG D 39 5.55 18.09 44.35
N ASN D 40 5.93 17.18 45.23
CA ASN D 40 6.69 17.58 46.41
C ASN D 40 7.99 18.28 46.06
N GLY D 41 8.10 19.54 46.46
CA GLY D 41 9.31 20.29 46.18
C GLY D 41 9.05 21.59 45.46
N THR D 42 7.91 21.66 44.75
CA THR D 42 7.56 22.85 43.98
C THR D 42 7.89 24.07 44.76
N HIS D 43 7.49 24.00 46.02
CA HIS D 43 7.68 25.05 47.02
C HIS D 43 9.06 25.64 46.89
N LEU D 44 10.07 24.78 46.82
CA LEU D 44 11.45 25.26 46.68
C LEU D 44 11.64 26.07 45.38
N ASP D 45 11.02 25.62 44.30
CA ASP D 45 11.10 26.34 43.01
C ASP D 45 10.47 27.71 43.20
N ALA D 46 9.21 27.70 43.62
CA ALA D 46 8.45 28.93 43.87
C ALA D 46 9.29 29.88 44.72
N GLY D 47 9.87 29.35 45.79
CA GLY D 47 10.69 30.19 46.65
C GLY D 47 11.81 30.81 45.87
N ALA D 48 12.61 29.94 45.28
CA ALA D 48 13.76 30.35 44.48
C ALA D 48 13.36 31.38 43.41
N LEU D 49 12.30 31.08 42.69
CA LEU D 49 11.82 31.99 41.65
C LEU D 49 11.54 33.36 42.26
N THR D 50 10.72 33.37 43.31
CA THR D 50 10.33 34.60 44.01
C THR D 50 11.52 35.43 44.38
N THR D 51 12.47 34.80 45.06
CA THR D 51 13.68 35.46 45.49
C THR D 51 14.44 36.05 44.29
N THR D 52 14.71 35.18 43.32
CA THR D 52 15.46 35.57 42.15
C THR D 52 14.84 36.73 41.39
N PHE D 53 13.58 36.61 41.01
CA PHE D 53 12.97 37.68 40.25
C PHE D 53 12.66 38.89 41.09
N GLU D 54 12.51 38.66 42.39
CA GLU D 54 12.26 39.77 43.29
C GLU D 54 13.54 40.60 43.23
N GLU D 55 14.69 39.93 43.38
CA GLU D 55 15.99 40.60 43.32
C GLU D 55 16.18 41.32 41.98
N LEU D 56 15.48 40.87 40.95
CA LEU D 56 15.60 41.48 39.62
C LEU D 56 14.59 42.59 39.45
N HIS D 57 13.91 42.91 40.54
CA HIS D 57 12.92 43.98 40.60
C HIS D 57 11.59 43.67 39.93
N PHE D 58 11.11 42.45 40.10
CA PHE D 58 9.83 42.04 39.51
C PHE D 58 8.83 41.89 40.62
N GLU D 59 7.55 42.15 40.34
CA GLU D 59 6.53 41.99 41.36
C GLU D 59 5.94 40.59 41.28
N ILE D 60 6.40 39.71 42.16
CA ILE D 60 5.95 38.34 42.18
C ILE D 60 4.46 38.23 42.47
N LYS D 61 3.80 37.25 41.86
CA LYS D 61 2.37 37.07 42.06
C LYS D 61 2.06 35.57 42.08
N PRO D 62 2.31 34.93 43.21
CA PRO D 62 2.07 33.49 43.37
C PRO D 62 0.59 33.11 43.31
N HIS D 63 0.36 31.82 43.04
CA HIS D 63 -0.96 31.22 42.95
C HIS D 63 -0.70 29.75 43.19
N HIS D 64 -1.49 29.11 44.04
CA HIS D 64 -1.25 27.72 44.35
C HIS D 64 -2.37 26.76 44.00
N ASP D 65 -1.96 25.54 43.64
CA ASP D 65 -2.87 24.47 43.28
C ASP D 65 -4.04 24.92 42.44
N CYS D 66 -3.74 25.68 41.39
CA CYS D 66 -4.77 26.19 40.49
C CYS D 66 -5.24 25.10 39.55
N THR D 67 -6.52 25.13 39.17
CA THR D 67 -7.04 24.14 38.24
C THR D 67 -6.93 24.80 36.88
N VAL D 68 -7.23 24.06 35.81
CA VAL D 68 -7.15 24.64 34.48
C VAL D 68 -8.01 25.89 34.47
N GLU D 69 -9.24 25.71 34.94
CA GLU D 69 -10.22 26.79 35.03
C GLU D 69 -9.56 28.02 35.64
N GLN D 70 -9.01 27.83 36.83
CA GLN D 70 -8.37 28.89 37.58
C GLN D 70 -7.19 29.53 36.86
N ILE D 71 -6.41 28.70 36.17
CA ILE D 71 -5.24 29.20 35.45
C ILE D 71 -5.70 30.17 34.37
N TYR D 72 -6.60 29.70 33.51
CA TYR D 72 -7.10 30.56 32.46
C TYR D 72 -7.58 31.88 33.05
N GLU D 73 -8.36 31.79 34.13
CA GLU D 73 -8.89 32.96 34.83
C GLU D 73 -7.78 33.94 35.20
N ILE D 74 -6.72 33.41 35.83
CA ILE D 74 -5.60 34.22 36.24
C ILE D 74 -4.91 34.90 35.07
N LEU D 75 -4.75 34.16 33.98
CA LEU D 75 -4.10 34.74 32.83
C LEU D 75 -5.01 35.81 32.23
N LYS D 76 -6.31 35.55 32.25
CA LYS D 76 -7.28 36.51 31.70
C LYS D 76 -7.08 37.87 32.36
N ILE D 77 -6.93 37.84 33.66
CA ILE D 77 -6.73 39.06 34.42
C ILE D 77 -5.51 39.82 33.91
N TYR D 78 -4.36 39.16 33.92
CA TYR D 78 -3.17 39.85 33.49
C TYR D 78 -3.21 40.17 32.01
N GLN D 79 -3.97 39.39 31.26
CA GLN D 79 -4.09 39.65 29.84
C GLN D 79 -4.76 41.00 29.67
N LEU D 80 -5.73 41.26 30.54
CA LEU D 80 -6.50 42.50 30.52
C LEU D 80 -5.95 43.64 31.31
N MET D 81 -4.87 43.43 32.03
CA MET D 81 -4.30 44.52 32.78
C MET D 81 -3.60 45.51 31.84
N ASP D 82 -3.24 46.66 32.37
CA ASP D 82 -2.54 47.66 31.57
C ASP D 82 -1.08 47.64 32.04
N HIS D 83 -0.22 47.13 31.17
CA HIS D 83 1.20 47.01 31.46
C HIS D 83 1.98 48.20 30.94
N SER D 84 1.29 49.28 30.59
CA SER D 84 1.97 50.45 30.03
C SER D 84 3.20 50.95 30.75
N ASN D 85 3.23 50.82 32.07
CA ASN D 85 4.38 51.30 32.83
C ASN D 85 5.28 50.16 33.25
N MET D 86 5.15 49.06 32.52
CA MET D 86 5.94 47.89 32.76
C MET D 86 6.83 47.61 31.53
N ASP D 87 8.03 47.11 31.77
CA ASP D 87 8.95 46.81 30.68
C ASP D 87 8.99 45.34 30.27
N CYS D 88 8.46 44.47 31.12
CA CYS D 88 8.49 43.06 30.85
C CYS D 88 7.38 42.33 31.60
N PHE D 89 7.05 41.12 31.18
CA PHE D 89 6.03 40.29 31.81
C PHE D 89 6.59 38.87 31.86
N ILE D 90 6.41 38.19 32.99
CA ILE D 90 6.92 36.84 33.14
C ILE D 90 5.87 35.95 33.76
N CYS D 91 5.74 34.74 33.26
CA CYS D 91 4.79 33.78 33.80
C CYS D 91 5.46 32.43 33.95
N CYS D 92 5.57 31.95 35.18
CA CYS D 92 6.17 30.65 35.46
C CYS D 92 5.08 29.67 35.82
N ILE D 93 5.19 28.47 35.29
CA ILE D 93 4.20 27.46 35.59
C ILE D 93 4.91 26.19 36.03
N LEU D 94 4.62 25.78 37.27
CA LEU D 94 5.20 24.60 37.87
C LEU D 94 4.04 23.65 38.03
N SER D 95 4.05 22.55 37.30
CA SER D 95 2.95 21.61 37.41
C SER D 95 3.28 20.36 36.64
N HIS D 96 2.33 19.44 36.56
CA HIS D 96 2.52 18.22 35.80
C HIS D 96 2.14 18.59 34.39
N GLY D 97 2.55 17.78 33.43
CA GLY D 97 2.21 18.05 32.04
C GLY D 97 2.43 16.87 31.12
N ASP D 98 2.07 17.05 29.86
CA ASP D 98 2.24 16.02 28.86
C ASP D 98 2.58 16.73 27.54
N LYS D 99 2.60 15.98 26.45
CA LYS D 99 2.94 16.56 25.14
C LYS D 99 2.19 17.85 24.87
N GLY D 100 2.92 18.95 24.87
CA GLY D 100 2.34 20.25 24.59
C GLY D 100 1.34 20.81 25.57
N ILE D 101 1.05 20.08 26.64
CA ILE D 101 0.08 20.58 27.58
C ILE D 101 0.58 20.70 29.00
N ILE D 102 -0.24 21.33 29.82
CA ILE D 102 0.06 21.53 31.21
C ILE D 102 -1.14 20.95 31.90
N TYR D 103 -0.90 20.25 33.00
CA TYR D 103 -2.00 19.65 33.74
C TYR D 103 -2.49 20.56 34.83
N GLY D 104 -3.81 20.69 34.90
CA GLY D 104 -4.39 21.52 35.93
C GLY D 104 -4.45 20.66 37.17
N THR D 105 -4.37 21.29 38.33
CA THR D 105 -4.42 20.56 39.60
C THR D 105 -5.62 19.62 39.67
N ASP D 106 -6.60 19.83 38.79
CA ASP D 106 -7.80 19.02 38.76
C ASP D 106 -7.77 17.96 37.67
N GLY D 107 -6.63 17.82 37.01
CA GLY D 107 -6.51 16.83 35.97
C GLY D 107 -6.82 17.31 34.56
N GLN D 108 -7.43 18.49 34.45
CA GLN D 108 -7.76 19.00 33.13
C GLN D 108 -6.52 19.49 32.41
N GLU D 109 -6.60 19.48 31.09
CA GLU D 109 -5.49 19.87 30.24
C GLU D 109 -5.51 21.27 29.68
N ALA D 110 -4.34 21.90 29.70
CA ALA D 110 -4.19 23.25 29.18
C ALA D 110 -3.04 23.28 28.18
N PRO D 111 -3.37 23.48 26.89
CA PRO D 111 -2.35 23.55 25.84
C PRO D 111 -1.45 24.75 26.10
N ILE D 112 -0.15 24.53 26.07
CA ILE D 112 0.74 25.62 26.33
C ILE D 112 0.50 26.75 25.35
N TYR D 113 0.02 26.41 24.16
CA TYR D 113 -0.25 27.42 23.15
C TYR D 113 -1.35 28.36 23.64
N GLU D 114 -2.40 27.79 24.20
CA GLU D 114 -3.52 28.57 24.72
C GLU D 114 -3.03 29.54 25.78
N LEU D 115 -2.04 29.11 26.55
CA LEU D 115 -1.55 29.99 27.58
C LEU D 115 -0.78 31.17 27.00
N THR D 116 0.28 30.91 26.25
CA THR D 116 1.07 32.00 25.71
C THR D 116 0.39 32.89 24.71
N SER D 117 -0.58 32.34 23.99
CA SER D 117 -1.26 33.13 22.95
C SER D 117 -2.15 34.20 23.54
N GLN D 118 -2.29 34.15 24.86
CA GLN D 118 -3.09 35.11 25.63
C GLN D 118 -2.44 36.48 25.62
N PHE D 119 -1.13 36.53 25.36
CA PHE D 119 -0.41 37.78 25.40
C PHE D 119 0.20 38.29 24.11
N THR D 120 -0.44 37.97 22.99
CA THR D 120 0.02 38.43 21.70
C THR D 120 -0.11 39.96 21.70
N GLY D 121 0.15 40.59 20.56
CA GLY D 121 0.05 42.04 20.46
C GLY D 121 -1.38 42.52 20.54
N LEU D 122 -2.29 41.84 19.83
CA LEU D 122 -3.69 42.21 19.85
C LEU D 122 -4.26 41.95 21.24
N LYS D 123 -4.17 40.70 21.67
CA LYS D 123 -4.67 40.29 22.97
C LYS D 123 -4.28 41.21 24.12
N CYS D 124 -3.13 41.88 24.05
CA CYS D 124 -2.68 42.73 25.14
C CYS D 124 -1.69 43.82 24.70
N PRO D 125 -2.22 44.84 24.03
CA PRO D 125 -1.43 45.97 23.51
C PRO D 125 -0.47 46.65 24.50
N SER D 126 -0.79 46.59 25.79
CA SER D 126 0.07 47.20 26.79
C SER D 126 1.46 46.55 26.81
N LEU D 127 1.56 45.33 26.28
CA LEU D 127 2.84 44.62 26.27
C LEU D 127 3.52 44.60 24.92
N ALA D 128 2.83 45.06 23.89
CA ALA D 128 3.37 45.11 22.53
C ALA D 128 4.80 45.65 22.49
N GLY D 129 5.72 44.83 21.96
CA GLY D 129 7.11 45.24 21.87
C GLY D 129 7.88 45.07 23.16
N LYS D 130 7.30 44.32 24.09
CA LYS D 130 7.96 44.09 25.35
C LYS D 130 8.10 42.58 25.57
N PRO D 131 9.26 42.17 26.09
CA PRO D 131 9.49 40.76 26.34
C PRO D 131 8.42 40.10 27.19
N LYS D 132 7.84 39.03 26.67
CA LYS D 132 6.85 38.22 27.39
C LYS D 132 7.49 36.83 27.55
N VAL D 133 7.97 36.55 28.75
CA VAL D 133 8.66 35.31 29.07
C VAL D 133 7.83 34.23 29.77
N PHE D 134 7.86 33.01 29.28
CA PHE D 134 7.15 31.94 29.97
C PHE D 134 8.09 30.80 30.29
N PHE D 135 8.20 30.43 31.57
CA PHE D 135 9.03 29.31 31.98
C PHE D 135 8.06 28.22 32.37
N ILE D 136 8.11 27.09 31.70
CA ILE D 136 7.21 26.01 32.03
C ILE D 136 8.00 24.81 32.52
N GLN D 137 7.76 24.42 33.77
CA GLN D 137 8.42 23.27 34.38
C GLN D 137 7.38 22.18 34.57
N ALA D 138 7.43 21.18 33.71
CA ALA D 138 6.50 20.06 33.78
C ALA D 138 6.98 18.99 32.82
N CYS D 139 6.29 17.86 32.80
CA CYS D 139 6.68 16.79 31.88
C CYS D 139 5.99 17.10 30.58
N GLN D 140 6.52 16.54 29.50
CA GLN D 140 5.95 16.73 28.17
C GLN D 140 5.74 15.35 27.57
N GLY D 141 5.71 14.34 28.44
CA GLY D 141 5.55 12.97 28.01
C GLY D 141 6.11 12.05 29.08
N ASP D 142 5.95 10.75 28.88
CA ASP D 142 6.41 9.76 29.84
C ASP D 142 7.70 9.06 29.42
N ASN D 143 8.34 9.55 28.36
CA ASN D 143 9.58 8.92 27.90
C ASN D 143 10.79 9.48 28.61
N TYR D 144 11.83 8.67 28.67
CA TYR D 144 13.06 9.09 29.32
C TYR D 144 14.07 9.49 28.27
N GLN D 145 14.61 10.68 28.41
CA GLN D 145 15.62 11.12 27.47
C GLN D 145 16.85 10.25 27.77
N LYS D 146 17.30 9.50 26.77
CA LYS D 146 18.47 8.63 26.93
C LYS D 146 19.76 9.43 26.83
N GLY D 147 20.81 8.91 27.45
CA GLY D 147 22.09 9.60 27.43
C GLY D 147 23.05 8.98 26.43
N ILE D 148 23.98 9.78 25.92
CA ILE D 148 24.97 9.32 24.97
C ILE D 148 26.32 9.83 25.45
N PRO D 149 27.36 9.01 25.30
CA PRO D 149 28.74 9.34 25.72
C PRO D 149 29.50 10.26 24.80
N VAL D 150 30.32 11.13 25.39
CA VAL D 150 31.14 12.06 24.61
C VAL D 150 32.37 12.42 25.41
N GLU D 151 33.21 13.30 24.90
CA GLU D 151 34.42 13.68 25.64
C GLU D 151 34.08 14.69 26.73
N THR D 152 35.09 15.46 27.16
CA THR D 152 34.89 16.47 28.20
C THR D 152 34.67 17.87 27.62
N ASP D 153 33.40 18.29 27.56
CA ASP D 153 33.05 19.61 27.04
C ASP D 153 33.60 20.72 27.96
N THR E 1 7.14 54.84 15.12
CA THR E 1 5.77 54.25 15.25
C THR E 1 5.52 53.25 14.12
N ARG E 2 6.34 52.18 14.09
CA ARG E 2 6.27 51.11 13.08
C ARG E 2 5.52 49.86 13.58
N TYR E 3 5.43 48.86 12.72
CA TYR E 3 4.76 47.59 13.07
C TYR E 3 5.68 46.40 13.24
N ILE E 4 5.30 45.51 14.16
CA ILE E 4 6.04 44.29 14.40
C ILE E 4 4.99 43.20 14.42
N PRO E 5 5.36 41.94 14.18
CA PRO E 5 4.34 40.89 14.21
C PRO E 5 3.64 40.61 15.55
N ASP E 6 2.38 40.22 15.43
CA ASP E 6 1.52 39.89 16.56
C ASP E 6 2.21 39.02 17.58
N GLU E 7 2.90 37.98 17.11
CA GLU E 7 3.59 37.06 18.00
C GLU E 7 5.07 37.34 18.29
N ALA E 8 5.50 38.58 18.09
CA ALA E 8 6.90 38.94 18.37
C ALA E 8 7.19 38.97 19.87
N ASP E 9 8.46 39.15 20.19
CA ASP E 9 8.95 39.26 21.57
C ASP E 9 8.47 38.22 22.58
N PHE E 10 8.54 36.95 22.23
CA PHE E 10 8.18 35.91 23.19
C PHE E 10 9.41 35.09 23.51
N LEU E 11 9.40 34.49 24.69
CA LEU E 11 10.49 33.64 25.12
C LEU E 11 9.85 32.55 25.94
N LEU E 12 9.84 31.34 25.38
CA LEU E 12 9.26 30.19 26.06
C LEU E 12 10.38 29.32 26.50
N GLY E 13 10.43 29.02 27.78
CA GLY E 13 11.50 28.18 28.29
C GLY E 13 10.96 26.89 28.83
N MET E 14 11.04 25.86 28.01
CA MET E 14 10.58 24.54 28.41
C MET E 14 11.67 23.83 29.21
N ALA E 15 11.24 23.02 30.18
CA ALA E 15 12.19 22.28 31.02
C ALA E 15 12.62 21.00 30.32
N THR E 16 11.84 20.55 29.35
CA THR E 16 12.16 19.35 28.63
C THR E 16 11.67 19.37 27.18
N VAL E 17 12.38 18.66 26.30
CA VAL E 17 11.98 18.56 24.90
C VAL E 17 10.67 17.81 24.93
N ASN E 18 9.96 17.80 23.82
CA ASN E 18 8.69 17.11 23.79
C ASN E 18 8.83 15.59 23.99
N ASN E 19 7.77 15.00 24.54
CA ASN E 19 7.66 13.57 24.80
C ASN E 19 8.44 13.03 25.99
N CYS E 20 9.19 13.89 26.66
CA CYS E 20 9.98 13.41 27.80
C CYS E 20 9.61 13.95 29.17
N VAL E 21 10.23 13.38 30.19
CA VAL E 21 9.99 13.78 31.56
C VAL E 21 11.05 14.79 32.03
N SER E 22 10.69 15.57 33.04
CA SER E 22 11.62 16.53 33.63
C SER E 22 11.67 16.07 35.09
N TYR E 23 12.77 16.37 35.77
CA TYR E 23 12.94 15.93 37.15
C TYR E 23 12.78 16.96 38.26
N ARG E 24 12.20 16.46 39.36
CA ARG E 24 11.92 17.23 40.57
C ARG E 24 12.44 16.45 41.77
N ASN E 25 13.30 17.08 42.55
CA ASN E 25 13.89 16.47 43.75
C ASN E 25 13.16 17.05 44.96
N PRO E 26 12.40 16.21 45.67
CA PRO E 26 11.63 16.63 46.84
C PRO E 26 12.41 17.52 47.78
N ALA E 27 13.72 17.27 47.86
CA ALA E 27 14.56 18.03 48.76
C ALA E 27 15.16 19.32 48.21
N GLU E 28 15.16 19.53 46.90
CA GLU E 28 15.76 20.76 46.42
C GLU E 28 15.17 21.41 45.18
N GLY E 29 14.03 20.89 44.70
CA GLY E 29 13.41 21.48 43.54
C GLY E 29 13.67 20.75 42.24
N THR E 30 13.20 21.33 41.14
CA THR E 30 13.36 20.72 39.82
C THR E 30 14.74 21.07 39.28
N TRP E 31 15.29 20.18 38.45
CA TRP E 31 16.62 20.41 37.88
C TRP E 31 16.59 21.71 37.11
N TYR E 32 15.52 21.87 36.34
CA TYR E 32 15.38 23.04 35.52
C TYR E 32 15.32 24.35 36.27
N ILE E 33 14.27 24.51 37.09
CA ILE E 33 14.09 25.77 37.82
C ILE E 33 15.28 26.16 38.67
N GLN E 34 15.77 25.21 39.46
CA GLN E 34 16.91 25.47 40.32
C GLN E 34 18.07 26.02 39.51
N SER E 35 18.40 25.29 38.46
CA SER E 35 19.46 25.71 37.56
C SER E 35 19.15 27.09 36.98
N LEU E 36 17.91 27.30 36.54
CA LEU E 36 17.52 28.58 35.98
C LEU E 36 17.87 29.72 36.94
N CYS E 37 17.41 29.59 38.17
CA CYS E 37 17.64 30.60 39.19
C CYS E 37 19.11 30.76 39.50
N GLN E 38 19.80 29.64 39.71
CA GLN E 38 21.23 29.69 40.01
C GLN E 38 21.90 30.53 38.95
N SER E 39 21.73 30.11 37.71
CA SER E 39 22.34 30.79 36.59
C SER E 39 21.92 32.24 36.53
N LEU E 40 20.63 32.49 36.71
CA LEU E 40 20.14 33.86 36.69
C LEU E 40 20.85 34.75 37.69
N ARG E 41 20.93 34.28 38.94
CA ARG E 41 21.55 35.05 40.01
C ARG E 41 23.01 35.43 39.82
N GLU E 42 23.81 34.56 39.23
CA GLU E 42 25.22 34.90 39.02
C GLU E 42 25.50 35.53 37.66
N ARG E 43 24.57 35.37 36.71
CA ARG E 43 24.71 35.91 35.36
C ARG E 43 24.19 37.32 35.18
N CYS E 44 22.90 37.52 35.46
CA CYS E 44 22.24 38.82 35.30
C CYS E 44 23.07 39.97 35.86
N PRO E 45 23.63 39.79 37.06
CA PRO E 45 24.45 40.84 37.66
C PRO E 45 25.55 41.24 36.68
N ARG E 46 26.21 40.23 36.10
CA ARG E 46 27.29 40.44 35.14
C ARG E 46 26.80 41.03 33.82
N GLY E 47 25.49 41.22 33.69
CA GLY E 47 24.93 41.79 32.48
C GLY E 47 24.70 40.83 31.33
N ASP E 48 24.70 39.54 31.62
CA ASP E 48 24.50 38.52 30.58
C ASP E 48 23.06 38.47 30.08
N ASP E 49 22.91 38.19 28.79
CA ASP E 49 21.61 38.09 28.15
C ASP E 49 20.88 36.78 28.52
N ILE E 50 19.56 36.79 28.46
CA ILE E 50 18.76 35.62 28.83
C ILE E 50 19.05 34.35 28.03
N LEU E 51 19.26 34.51 26.71
CA LEU E 51 19.55 33.37 25.85
C LEU E 51 20.87 32.71 26.32
N THR E 52 21.87 33.56 26.61
CA THR E 52 23.13 33.06 27.13
C THR E 52 22.84 32.25 28.39
N ILE E 53 22.11 32.86 29.31
CA ILE E 53 21.75 32.22 30.57
C ILE E 53 21.05 30.89 30.31
N LEU E 54 20.06 30.90 29.44
CA LEU E 54 19.34 29.68 29.11
C LEU E 54 20.23 28.60 28.55
N THR E 55 21.25 29.00 27.80
CA THR E 55 22.19 28.05 27.22
C THR E 55 22.96 27.35 28.35
N GLU E 56 23.42 28.14 29.31
CA GLU E 56 24.16 27.60 30.45
C GLU E 56 23.26 26.61 31.17
N VAL E 57 21.97 26.92 31.23
CA VAL E 57 21.05 26.00 31.88
C VAL E 57 21.06 24.70 31.12
N ASN E 58 21.03 24.79 29.79
CA ASN E 58 21.02 23.60 28.96
C ASN E 58 22.25 22.75 29.26
N TYR E 59 23.40 23.40 29.35
CA TYR E 59 24.65 22.70 29.63
C TYR E 59 24.48 21.93 30.93
N GLU E 60 24.31 22.68 32.01
CA GLU E 60 24.15 22.13 33.35
C GLU E 60 23.13 21.00 33.49
N VAL E 61 21.92 21.18 33.00
CA VAL E 61 20.91 20.15 33.15
C VAL E 61 21.27 18.90 32.36
N SER E 62 22.17 19.07 31.40
CA SER E 62 22.59 17.93 30.57
C SER E 62 23.50 17.00 31.33
N ASN E 63 24.33 17.57 32.19
CA ASN E 63 25.26 16.78 32.98
C ASN E 63 24.54 16.04 34.10
N LYS E 64 23.33 16.48 34.43
CA LYS E 64 22.56 15.81 35.48
C LYS E 64 22.00 14.49 34.94
N ASP E 65 21.70 13.57 35.85
CA ASP E 65 21.13 12.29 35.44
C ASP E 65 20.44 11.52 36.56
N ASP E 66 19.33 10.90 36.17
CA ASP E 66 18.51 10.08 37.04
C ASP E 66 19.11 8.71 37.01
N LYS E 67 20.04 8.49 37.93
CA LYS E 67 20.75 7.22 38.11
C LYS E 67 19.81 6.01 38.12
N LYS E 68 18.70 6.13 38.84
CA LYS E 68 17.70 5.07 38.92
C LYS E 68 17.38 4.53 37.53
N ASN E 69 16.80 5.39 36.70
CA ASN E 69 16.39 5.06 35.33
C ASN E 69 17.48 5.32 34.29
N MET E 70 18.63 5.81 34.75
CA MET E 70 19.75 6.15 33.86
C MET E 70 19.36 7.27 32.89
N GLY E 71 18.17 7.80 33.09
CA GLY E 71 17.61 8.86 32.26
C GLY E 71 18.25 10.23 32.39
N LYS E 72 17.89 11.12 31.47
CA LYS E 72 18.42 12.47 31.45
C LYS E 72 17.34 13.48 31.08
N GLN E 73 17.70 14.76 31.10
CA GLN E 73 16.74 15.81 30.80
C GLN E 73 17.32 16.83 29.86
N MET E 74 16.57 17.17 28.80
CA MET E 74 17.01 18.16 27.81
C MET E 74 16.06 19.35 27.71
N PRO E 75 16.43 20.50 28.28
CA PRO E 75 15.64 21.74 28.26
C PRO E 75 15.60 22.29 26.83
N GLN E 76 14.53 23.01 26.48
CA GLN E 76 14.41 23.51 25.11
C GLN E 76 13.73 24.85 24.93
N PRO E 77 14.52 25.91 24.95
CA PRO E 77 13.92 27.23 24.76
C PRO E 77 13.53 27.52 23.31
N THR E 78 12.54 28.38 23.13
CA THR E 78 12.05 28.80 21.82
C THR E 78 11.81 30.28 21.92
N PHE E 79 12.10 31.05 20.89
CA PHE E 79 11.88 32.47 21.07
C PHE E 79 11.62 33.30 19.84
N THR E 80 10.92 34.42 20.04
CA THR E 80 10.65 35.33 18.96
C THR E 80 11.19 36.68 19.39
N LEU E 81 12.06 36.69 20.39
CA LEU E 81 12.67 37.93 20.86
C LEU E 81 13.36 38.65 19.71
N ARG E 82 13.19 39.96 19.63
CA ARG E 82 13.82 40.73 18.55
C ARG E 82 15.00 41.55 19.06
N LYS E 83 15.28 41.43 20.35
CA LYS E 83 16.39 42.18 20.93
C LYS E 83 16.99 41.26 21.97
N LYS E 84 18.08 41.71 22.57
CA LYS E 84 18.69 40.94 23.63
C LYS E 84 17.89 41.25 24.88
N LEU E 85 17.49 40.22 25.60
CA LEU E 85 16.73 40.42 26.81
C LEU E 85 17.67 40.32 27.98
N VAL E 86 17.91 41.43 28.65
CA VAL E 86 18.80 41.43 29.80
C VAL E 86 18.09 41.97 31.04
N PHE E 87 18.38 41.36 32.20
CA PHE E 87 17.78 41.74 33.47
C PHE E 87 18.77 42.38 34.41
N PRO E 88 19.02 43.69 34.23
CA PRO E 88 19.96 44.42 35.08
C PRO E 88 19.58 44.30 36.55
N SER E 89 20.59 44.35 37.40
CA SER E 89 20.42 44.23 38.85
C SER E 89 20.88 45.49 39.61
N ASP F 2 15.54 10.81 42.05
CA ASP F 2 14.83 11.26 40.83
C ASP F 2 13.26 10.82 40.63
N GLU F 3 12.39 11.93 40.76
CA GLU F 3 10.87 12.01 40.73
C GLU F 3 10.37 12.80 39.47
N VAL F 4 9.74 12.03 38.53
CA VAL F 4 9.17 12.54 37.23
C VAL F 4 7.92 13.40 37.34
N LEU G 1 -3.89 5.69 -60.24
CA LEU G 1 -2.48 6.13 -60.41
C LEU G 1 -1.72 6.04 -59.09
N ASP G 2 -2.22 5.23 -58.17
CA ASP G 2 -1.58 5.04 -56.87
C ASP G 2 -0.64 3.84 -56.97
N LYS G 3 0.54 3.94 -56.37
CA LYS G 3 1.49 2.83 -56.41
C LYS G 3 0.85 1.65 -55.69
N VAL G 4 1.14 0.44 -56.16
CA VAL G 4 0.61 -0.75 -55.52
C VAL G 4 1.67 -1.85 -55.42
N TYR G 5 1.55 -2.68 -54.39
CA TYR G 5 2.47 -3.77 -54.21
C TYR G 5 2.13 -4.84 -55.21
N GLN G 6 3.14 -5.30 -55.94
CA GLN G 6 2.96 -6.35 -56.93
C GLN G 6 2.49 -7.62 -56.21
N MET G 7 1.51 -8.30 -56.80
CA MET G 7 0.98 -9.52 -56.22
C MET G 7 0.54 -10.55 -57.25
N LYS G 8 1.49 -11.02 -58.06
CA LYS G 8 1.20 -12.03 -59.09
C LYS G 8 1.84 -13.36 -58.69
N SER G 9 3.09 -13.30 -58.23
CA SER G 9 3.85 -14.47 -57.78
C SER G 9 3.08 -15.79 -57.59
N LYS G 10 3.56 -16.82 -58.31
CA LYS G 10 3.02 -18.18 -58.31
C LYS G 10 2.45 -18.62 -56.95
N PRO G 11 3.28 -18.60 -55.90
CA PRO G 11 2.68 -19.01 -54.62
C PRO G 11 2.45 -17.77 -53.74
N ARG G 12 2.69 -16.57 -54.29
CA ARG G 12 2.53 -15.31 -53.54
C ARG G 12 3.59 -15.16 -52.45
N GLY G 13 3.56 -16.09 -51.51
CA GLY G 13 4.52 -16.08 -50.42
C GLY G 13 4.04 -17.01 -49.34
N TYR G 14 4.84 -17.22 -48.31
CA TYR G 14 4.39 -18.09 -47.24
C TYR G 14 3.48 -17.32 -46.29
N CYS G 15 2.68 -18.06 -45.53
CA CYS G 15 1.79 -17.47 -44.56
C CYS G 15 1.87 -18.35 -43.33
N LEU G 16 2.80 -18.06 -42.43
CA LEU G 16 2.90 -18.85 -41.21
C LEU G 16 1.64 -18.70 -40.39
N ILE G 17 1.50 -19.56 -39.39
CA ILE G 17 0.37 -19.50 -38.51
C ILE G 17 0.80 -20.17 -37.23
N ILE G 18 1.34 -19.42 -36.28
CA ILE G 18 1.72 -20.02 -35.01
C ILE G 18 0.39 -20.07 -34.28
N ASN G 19 -0.11 -21.28 -34.08
CA ASN G 19 -1.39 -21.51 -33.42
C ASN G 19 -1.19 -22.13 -32.03
N ASN G 20 -1.27 -21.31 -30.99
CA ASN G 20 -1.10 -21.82 -29.64
C ASN G 20 -2.45 -22.09 -28.98
N HIS G 21 -2.60 -23.32 -28.49
CA HIS G 21 -3.84 -23.73 -27.84
C HIS G 21 -3.61 -24.28 -26.43
N ASN G 22 -2.88 -25.38 -26.33
CA ASN G 22 -2.62 -26.04 -25.06
C ASN G 22 -1.56 -25.39 -24.19
N PHE G 23 -1.98 -24.47 -23.32
CA PHE G 23 -1.01 -23.79 -22.46
C PHE G 23 -0.66 -24.54 -21.20
N ALA G 24 -0.39 -25.83 -21.43
CA ALA G 24 -0.02 -26.78 -20.40
C ALA G 24 1.18 -26.35 -19.55
N LYS G 25 2.40 -26.78 -19.93
CA LYS G 25 3.59 -26.43 -19.16
C LYS G 25 3.54 -24.96 -18.76
N ALA G 26 2.76 -24.19 -19.52
CA ALA G 26 2.58 -22.78 -19.26
C ALA G 26 2.07 -22.71 -17.83
N ARG G 27 0.78 -23.06 -17.65
CA ARG G 27 0.14 -23.06 -16.35
C ARG G 27 1.05 -23.69 -15.31
N GLU G 28 1.69 -24.79 -15.71
CA GLU G 28 2.60 -25.53 -14.85
C GLU G 28 3.88 -24.79 -14.47
N LYS G 29 4.52 -24.16 -15.43
CA LYS G 29 5.80 -23.51 -15.16
C LYS G 29 5.84 -22.10 -14.60
N VAL G 30 4.87 -21.29 -14.97
CA VAL G 30 4.88 -19.91 -14.51
C VAL G 30 3.91 -19.50 -13.43
N PRO G 31 4.42 -18.79 -12.42
CA PRO G 31 3.64 -18.29 -11.30
C PRO G 31 2.37 -17.63 -11.81
N LYS G 32 2.37 -16.29 -11.85
CA LYS G 32 1.22 -15.54 -12.32
C LYS G 32 0.35 -16.25 -13.37
N LEU G 33 0.98 -17.08 -14.19
CA LEU G 33 0.29 -17.78 -15.28
C LEU G 33 -0.52 -19.01 -14.87
N HIS G 34 -0.41 -19.37 -13.61
CA HIS G 34 -1.11 -20.51 -13.03
C HIS G 34 -2.49 -20.81 -13.62
N SER G 35 -3.16 -19.82 -14.19
CA SER G 35 -4.49 -20.09 -14.71
C SER G 35 -4.82 -19.70 -16.14
N ILE G 36 -3.80 -19.50 -16.96
CA ILE G 36 -4.09 -19.15 -18.34
C ILE G 36 -4.92 -20.31 -18.88
N ARG G 37 -6.06 -19.99 -19.45
CA ARG G 37 -6.97 -21.00 -20.00
C ARG G 37 -6.58 -21.45 -21.42
N ASP G 38 -6.65 -22.74 -21.70
CA ASP G 38 -6.30 -23.14 -23.06
C ASP G 38 -7.19 -22.34 -23.99
N ARG G 39 -6.60 -21.92 -25.11
CA ARG G 39 -7.31 -21.10 -26.07
C ARG G 39 -8.28 -21.86 -26.95
N ASN G 40 -9.32 -22.41 -26.33
CA ASN G 40 -10.32 -23.17 -27.06
C ASN G 40 -10.96 -22.36 -28.17
N GLY G 41 -10.74 -22.79 -29.41
CA GLY G 41 -11.33 -22.10 -30.54
C GLY G 41 -10.32 -21.67 -31.59
N THR G 42 -9.06 -21.55 -31.16
CA THR G 42 -7.98 -21.11 -32.05
C THR G 42 -8.16 -21.80 -33.37
N HIS G 43 -8.37 -23.11 -33.25
CA HIS G 43 -8.57 -24.01 -34.36
C HIS G 43 -9.43 -23.35 -35.43
N LEU G 44 -10.55 -22.77 -35.02
CA LEU G 44 -11.43 -22.11 -35.96
C LEU G 44 -10.73 -20.95 -36.68
N ASP G 45 -9.89 -20.21 -35.95
CA ASP G 45 -9.14 -19.09 -36.54
C ASP G 45 -8.17 -19.67 -37.59
N ALA G 46 -7.34 -20.60 -37.13
CA ALA G 46 -6.37 -21.28 -37.98
C ALA G 46 -7.07 -21.77 -39.24
N GLY G 47 -8.21 -22.44 -39.07
CA GLY G 47 -8.93 -22.93 -40.23
C GLY G 47 -9.27 -21.80 -41.18
N ALA G 48 -10.00 -20.82 -40.63
CA ALA G 48 -10.45 -19.65 -41.37
C ALA G 48 -9.29 -18.96 -42.08
N LEU G 49 -8.19 -18.77 -41.34
CA LEU G 49 -7.02 -18.14 -41.91
C LEU G 49 -6.54 -18.94 -43.12
N THR G 50 -6.32 -20.23 -42.88
CA THR G 50 -5.85 -21.15 -43.91
C THR G 50 -6.68 -21.05 -45.17
N THR G 51 -8.00 -21.19 -45.00
CA THR G 51 -8.92 -21.11 -46.12
C THR G 51 -8.80 -19.79 -46.86
N THR G 52 -8.92 -18.71 -46.09
CA THR G 52 -8.88 -17.37 -46.63
C THR G 52 -7.61 -17.08 -47.41
N PHE G 53 -6.45 -17.29 -46.78
CA PHE G 53 -5.22 -16.98 -47.47
C PHE G 53 -4.87 -17.97 -48.54
N GLU G 54 -5.40 -19.18 -48.39
CA GLU G 54 -5.17 -20.21 -49.37
C GLU G 54 -5.87 -19.68 -50.62
N GLU G 55 -7.13 -19.26 -50.46
CA GLU G 55 -7.92 -18.71 -51.57
C GLU G 55 -7.22 -17.49 -52.20
N LEU G 56 -6.37 -16.82 -51.44
CA LEU G 56 -5.66 -15.65 -51.93
C LEU G 56 -4.34 -16.03 -52.58
N HIS G 57 -4.14 -17.34 -52.69
CA HIS G 57 -2.96 -17.93 -53.31
C HIS G 57 -1.69 -17.88 -52.46
N PHE G 58 -1.83 -18.13 -51.16
CA PHE G 58 -0.68 -18.11 -50.25
C PHE G 58 -0.40 -19.52 -49.80
N GLU G 59 0.86 -19.84 -49.55
CA GLU G 59 1.20 -21.18 -49.09
C GLU G 59 1.20 -21.22 -47.58
N ILE G 60 0.10 -21.71 -47.01
CA ILE G 60 -0.05 -21.78 -45.57
C ILE G 60 1.00 -22.68 -44.94
N LYS G 61 1.44 -22.32 -43.73
CA LYS G 61 2.45 -23.09 -43.03
C LYS G 61 2.15 -23.10 -41.54
N PRO G 62 1.19 -23.94 -41.13
CA PRO G 62 0.79 -24.06 -39.72
C PRO G 62 1.87 -24.58 -38.80
N HIS G 63 1.69 -24.33 -37.51
CA HIS G 63 2.58 -24.76 -36.45
C HIS G 63 1.70 -24.70 -35.22
N HIS G 64 1.73 -25.74 -34.38
CA HIS G 64 0.88 -25.76 -33.21
C HIS G 64 1.59 -25.82 -31.87
N ASP G 65 0.96 -25.19 -30.89
CA ASP G 65 1.47 -25.17 -29.53
C ASP G 65 2.97 -24.98 -29.45
N CYS G 66 3.46 -23.98 -30.17
CA CYS G 66 4.88 -23.67 -30.17
C CYS G 66 5.27 -22.93 -28.89
N THR G 67 6.47 -23.15 -28.40
CA THR G 67 6.96 -22.43 -27.24
C THR G 67 7.72 -21.22 -27.77
N VAL G 68 8.13 -20.31 -26.90
CA VAL G 68 8.86 -19.15 -27.36
C VAL G 68 10.03 -19.64 -28.17
N GLU G 69 10.79 -20.57 -27.58
CA GLU G 69 11.95 -21.18 -28.20
C GLU G 69 11.60 -21.58 -29.63
N GLN G 70 10.56 -22.39 -29.75
CA GLN G 70 10.12 -22.88 -31.04
C GLN G 70 9.70 -21.78 -32.03
N ILE G 71 9.06 -20.74 -31.51
CA ILE G 71 8.60 -19.65 -32.35
C ILE G 71 9.80 -18.98 -32.98
N TYR G 72 10.74 -18.57 -32.15
CA TYR G 72 11.93 -17.93 -32.66
C TYR G 72 12.57 -18.78 -33.73
N GLU G 73 12.67 -20.08 -33.44
CA GLU G 73 13.25 -21.05 -34.38
C GLU G 73 12.54 -20.99 -35.73
N ILE G 74 11.22 -21.07 -35.69
CA ILE G 74 10.43 -21.05 -36.91
C ILE G 74 10.64 -19.77 -37.72
N LEU G 75 10.69 -18.63 -37.03
CA LEU G 75 10.87 -17.36 -37.72
C LEU G 75 12.28 -17.31 -38.30
N LYS G 76 13.25 -17.85 -37.57
CA LYS G 76 14.65 -17.89 -38.03
C LYS G 76 14.72 -18.55 -39.39
N ILE G 77 14.01 -19.66 -39.54
CA ILE G 77 13.97 -20.38 -40.80
C ILE G 77 13.46 -19.48 -41.93
N TYR G 78 12.28 -18.92 -41.74
CA TYR G 78 11.76 -18.08 -42.80
C TYR G 78 12.57 -16.82 -42.96
N GLN G 79 13.21 -16.40 -41.88
CA GLN G 79 14.02 -15.20 -41.96
C GLN G 79 15.14 -15.46 -42.95
N LEU G 80 15.67 -16.68 -42.89
CA LEU G 80 16.78 -17.11 -43.73
C LEU G 80 16.41 -17.68 -45.09
N MET G 81 15.13 -17.87 -45.34
CA MET G 81 14.76 -18.40 -46.64
C MET G 81 14.98 -17.37 -47.72
N ASP G 82 14.86 -17.80 -48.96
CA ASP G 82 15.01 -16.89 -50.08
C ASP G 82 13.63 -16.67 -50.65
N HIS G 83 13.10 -15.46 -50.43
CA HIS G 83 11.78 -15.11 -50.90
C HIS G 83 11.80 -14.44 -52.26
N SER G 84 12.91 -14.53 -52.98
CA SER G 84 13.04 -13.85 -54.26
C SER G 84 11.91 -14.02 -55.24
N ASN G 85 11.26 -15.18 -55.23
CA ASN G 85 10.18 -15.40 -56.18
C ASN G 85 8.85 -15.25 -55.50
N MET G 86 8.85 -14.54 -54.39
CA MET G 86 7.64 -14.29 -53.61
C MET G 86 7.35 -12.80 -53.60
N ASP G 87 6.07 -12.45 -53.61
CA ASP G 87 5.69 -11.05 -53.60
C ASP G 87 5.29 -10.51 -52.23
N CYS G 88 5.04 -11.41 -51.29
CA CYS G 88 4.61 -11.00 -49.98
C CYS G 88 4.92 -12.08 -48.95
N PHE G 89 4.91 -11.70 -47.67
CA PHE G 89 5.14 -12.64 -46.58
C PHE G 89 4.12 -12.31 -45.49
N ILE G 90 3.52 -13.33 -44.88
CA ILE G 90 2.54 -13.12 -43.83
C ILE G 90 2.77 -14.04 -42.67
N CYS G 91 2.66 -13.51 -41.46
CA CYS G 91 2.84 -14.32 -40.27
C CYS G 91 1.71 -14.03 -39.30
N CYS G 92 0.91 -15.04 -38.98
CA CYS G 92 -0.20 -14.91 -38.05
C CYS G 92 0.17 -15.58 -36.75
N ILE G 93 -0.14 -14.94 -35.64
CA ILE G 93 0.15 -15.53 -34.37
C ILE G 93 -1.09 -15.49 -33.51
N LEU G 94 -1.55 -16.69 -33.11
CA LEU G 94 -2.73 -16.85 -32.30
C LEU G 94 -2.21 -17.42 -30.99
N SER G 95 -2.31 -16.64 -29.92
CA SER G 95 -1.82 -17.12 -28.65
C SER G 95 -2.23 -16.15 -27.56
N HIS G 96 -1.76 -16.39 -26.34
CA HIS G 96 -2.03 -15.50 -25.22
C HIS G 96 -0.95 -14.43 -25.30
N GLY G 97 -1.19 -13.31 -24.65
CA GLY G 97 -0.21 -12.25 -24.67
C GLY G 97 -0.45 -11.20 -23.61
N ASP G 98 0.48 -10.25 -23.52
CA ASP G 98 0.38 -9.17 -22.55
C ASP G 98 0.93 -7.92 -23.22
N LYS G 99 1.11 -6.84 -22.46
CA LYS G 99 1.63 -5.59 -23.02
C LYS G 99 2.85 -5.80 -23.89
N GLY G 100 2.66 -5.59 -25.20
CA GLY G 100 3.75 -5.73 -26.16
C GLY G 100 4.37 -7.10 -26.37
N ILE G 101 3.88 -8.11 -25.65
CA ILE G 101 4.45 -9.43 -25.82
C ILE G 101 3.45 -10.50 -26.22
N ILE G 102 3.99 -11.65 -26.56
CA ILE G 102 3.23 -12.80 -26.97
C ILE G 102 3.68 -13.87 -26.03
N TYR G 103 2.74 -14.69 -25.58
CA TYR G 103 3.09 -15.74 -24.68
C TYR G 103 3.37 -17.02 -25.43
N GLY G 104 4.47 -17.67 -25.04
CA GLY G 104 4.81 -18.93 -25.65
C GLY G 104 4.01 -20.00 -24.92
N THR G 105 3.65 -21.06 -25.63
CA THR G 105 2.86 -22.14 -25.05
C THR G 105 3.45 -22.64 -23.72
N ASP G 106 4.71 -22.29 -23.46
CA ASP G 106 5.42 -22.70 -22.25
C ASP G 106 5.47 -21.60 -21.20
N GLY G 107 4.77 -20.51 -21.47
CA GLY G 107 4.76 -19.40 -20.53
C GLY G 107 5.81 -18.32 -20.73
N GLN G 108 6.80 -18.61 -21.56
CA GLN G 108 7.84 -17.63 -21.81
C GLN G 108 7.30 -16.49 -22.66
N GLU G 109 7.95 -15.34 -22.52
CA GLU G 109 7.56 -14.13 -23.24
C GLU G 109 8.35 -13.77 -24.50
N ALA G 110 7.61 -13.36 -25.53
CA ALA G 110 8.22 -12.99 -26.77
C ALA G 110 7.75 -11.59 -27.16
N PRO G 111 8.66 -10.60 -27.15
CA PRO G 111 8.31 -9.23 -27.51
C PRO G 111 7.91 -9.20 -28.98
N ILE G 112 6.76 -8.62 -29.27
CA ILE G 112 6.32 -8.56 -30.64
C ILE G 112 7.37 -7.88 -31.50
N TYR G 113 8.16 -7.00 -30.91
CA TYR G 113 9.19 -6.30 -31.66
C TYR G 113 10.24 -7.31 -32.13
N GLU G 114 10.65 -8.21 -31.23
CA GLU G 114 11.63 -9.24 -31.57
C GLU G 114 11.12 -10.06 -32.74
N LEU G 115 9.83 -10.29 -32.79
CA LEU G 115 9.28 -11.08 -33.87
C LEU G 115 9.34 -10.35 -35.21
N THR G 116 8.73 -9.19 -35.32
CA THR G 116 8.73 -8.48 -36.59
C THR G 116 10.05 -7.95 -37.07
N SER G 117 10.98 -7.69 -36.14
CA SER G 117 12.28 -7.12 -36.52
C SER G 117 13.14 -8.17 -37.21
N GLN G 118 12.64 -9.40 -37.21
CA GLN G 118 13.32 -10.52 -37.84
C GLN G 118 13.31 -10.39 -39.35
N PHE G 119 12.38 -9.60 -39.88
CA PHE G 119 12.25 -9.45 -41.31
C PHE G 119 12.53 -8.09 -41.90
N THR G 120 13.42 -7.33 -41.27
CA THR G 120 13.77 -6.01 -41.78
C THR G 120 14.45 -6.21 -43.14
N GLY G 121 14.98 -5.13 -43.70
CA GLY G 121 15.64 -5.22 -44.99
C GLY G 121 16.94 -5.98 -44.91
N LEU G 122 17.74 -5.67 -43.89
CA LEU G 122 19.01 -6.33 -43.71
C LEU G 122 18.76 -7.78 -43.37
N LYS G 123 18.05 -8.01 -42.28
CA LYS G 123 17.71 -9.34 -41.82
C LYS G 123 17.23 -10.32 -42.90
N CYS G 124 16.56 -9.82 -43.93
CA CYS G 124 16.04 -10.71 -44.98
C CYS G 124 15.86 -9.99 -46.32
N PRO G 125 16.97 -9.71 -47.02
CA PRO G 125 16.95 -9.01 -48.31
C PRO G 125 16.01 -9.54 -49.37
N SER G 126 15.68 -10.82 -49.32
CA SER G 126 14.78 -11.43 -50.29
C SER G 126 13.40 -10.78 -50.22
N LEU G 127 13.09 -10.15 -49.08
CA LEU G 127 11.78 -9.52 -48.92
C LEU G 127 11.80 -8.00 -49.06
N ALA G 128 13.00 -7.42 -49.13
CA ALA G 128 13.15 -5.98 -49.27
C ALA G 128 12.20 -5.38 -50.30
N GLY G 129 11.39 -4.42 -49.86
CA GLY G 129 10.46 -3.79 -50.77
C GLY G 129 9.20 -4.60 -51.01
N LYS G 130 8.98 -5.60 -50.17
CA LYS G 130 7.79 -6.43 -50.30
C LYS G 130 7.02 -6.43 -48.99
N PRO G 131 5.70 -6.33 -49.09
CA PRO G 131 4.87 -6.32 -47.90
C PRO G 131 5.12 -7.46 -46.95
N LYS G 132 5.41 -7.12 -45.71
CA LYS G 132 5.61 -8.10 -44.65
C LYS G 132 4.48 -7.85 -43.64
N VAL G 133 3.46 -8.72 -43.65
CA VAL G 133 2.29 -8.60 -42.79
C VAL G 133 2.26 -9.47 -41.57
N PHE G 134 1.98 -8.90 -40.39
CA PHE G 134 1.86 -9.70 -39.18
C PHE G 134 0.51 -9.46 -38.51
N PHE G 135 -0.25 -10.52 -38.30
CA PHE G 135 -1.52 -10.41 -37.63
C PHE G 135 -1.30 -11.07 -36.28
N ILE G 136 -1.48 -10.32 -35.21
CA ILE G 136 -1.30 -10.89 -33.89
C ILE G 136 -2.61 -10.85 -33.13
N GLN G 137 -3.11 -12.04 -32.77
CA GLN G 137 -4.35 -12.20 -32.02
C GLN G 137 -4.00 -12.72 -30.63
N ALA G 138 -4.04 -11.83 -29.65
CA ALA G 138 -3.73 -12.16 -28.27
C ALA G 138 -4.11 -10.99 -27.39
N CYS G 139 -3.96 -11.14 -26.08
CA CYS G 139 -4.27 -10.04 -25.18
C CYS G 139 -3.01 -9.22 -25.09
N GLN G 140 -3.20 -7.95 -24.71
CA GLN G 140 -2.09 -7.04 -24.55
C GLN G 140 -2.16 -6.43 -23.15
N GLY G 141 -2.90 -7.10 -22.29
CA GLY G 141 -3.10 -6.65 -20.92
C GLY G 141 -4.36 -7.27 -20.37
N ASP G 142 -4.61 -7.05 -19.08
CA ASP G 142 -5.78 -7.61 -18.43
C ASP G 142 -6.91 -6.61 -18.24
N ASN G 143 -6.81 -5.44 -18.86
CA ASN G 143 -7.85 -4.43 -18.72
C ASN G 143 -8.93 -4.59 -19.76
N TYR G 144 -10.12 -4.12 -19.41
CA TYR G 144 -11.25 -4.21 -20.31
C TYR G 144 -11.49 -2.86 -20.98
N GLN G 145 -11.52 -2.87 -22.29
CA GLN G 145 -11.77 -1.64 -23.01
C GLN G 145 -13.23 -1.30 -22.71
N LYS G 146 -13.45 -0.13 -22.12
CA LYS G 146 -14.79 0.31 -21.77
C LYS G 146 -15.50 0.87 -22.99
N GLY G 147 -16.83 0.80 -22.97
CA GLY G 147 -17.61 1.32 -24.09
C GLY G 147 -18.19 2.69 -23.80
N ILE G 148 -18.43 3.45 -24.86
CA ILE G 148 -19.01 4.78 -24.73
C ILE G 148 -20.14 4.89 -25.76
N PRO G 149 -21.22 5.55 -25.38
CA PRO G 149 -22.40 5.73 -26.24
C PRO G 149 -22.26 6.79 -27.33
N VAL G 150 -22.89 6.54 -28.48
CA VAL G 150 -22.85 7.50 -29.57
C VAL G 150 -24.05 7.29 -30.46
N GLU G 151 -24.06 8.01 -31.59
CA GLU G 151 -25.13 7.89 -32.57
C GLU G 151 -24.72 7.11 -33.85
N THR G 152 -25.70 6.36 -34.38
CA THR G 152 -25.63 5.48 -35.56
C THR G 152 -24.73 5.76 -36.80
N ASP G 153 -23.61 5.03 -36.86
CA ASP G 153 -22.57 5.10 -37.93
C ASP G 153 -23.02 4.93 -39.39
N THR H 1 18.28 1.40 -59.51
CA THR H 1 17.92 0.94 -58.13
C THR H 1 18.17 2.02 -57.02
N ARG H 2 17.14 2.28 -56.22
CA ARG H 2 17.25 3.26 -55.15
C ARG H 2 17.15 2.55 -53.78
N TYR H 3 17.16 3.34 -52.72
CA TYR H 3 17.08 2.86 -51.34
C TYR H 3 15.79 3.21 -50.61
N ILE H 4 15.37 2.32 -49.71
CA ILE H 4 14.21 2.55 -48.89
C ILE H 4 14.68 2.17 -47.50
N PRO H 5 14.00 2.69 -46.45
CA PRO H 5 14.43 2.33 -45.09
C PRO H 5 14.32 0.86 -44.68
N ASP H 6 15.26 0.45 -43.83
CA ASP H 6 15.34 -0.88 -43.30
C ASP H 6 13.99 -1.42 -42.85
N GLU H 7 13.24 -0.61 -42.11
CA GLU H 7 11.93 -1.01 -41.59
C GLU H 7 10.70 -0.69 -42.45
N ALA H 8 10.91 -0.45 -43.74
CA ALA H 8 9.79 -0.14 -44.60
C ALA H 8 8.89 -1.37 -44.87
N ASP H 9 7.79 -1.11 -45.58
CA ASP H 9 6.83 -2.13 -45.96
C ASP H 9 6.37 -3.14 -44.91
N PHE H 10 5.99 -2.67 -43.73
CA PHE H 10 5.49 -3.56 -42.71
C PHE H 10 4.02 -3.23 -42.45
N LEU H 11 3.30 -4.24 -41.97
CA LEU H 11 1.91 -4.08 -41.63
C LEU H 11 1.67 -4.98 -40.43
N LEU H 12 1.43 -4.37 -39.27
CA LEU H 12 1.19 -5.11 -38.05
C LEU H 12 -0.25 -4.91 -37.72
N GLY H 13 -0.97 -6.01 -37.57
CA GLY H 13 -2.38 -5.93 -37.25
C GLY H 13 -2.67 -6.51 -35.89
N MET H 14 -2.75 -5.64 -34.89
CA MET H 14 -3.02 -6.06 -33.53
C MET H 14 -4.53 -6.23 -33.37
N ALA H 15 -4.91 -7.19 -32.53
CA ALA H 15 -6.33 -7.46 -32.28
C ALA H 15 -6.87 -6.50 -31.23
N THR H 16 -5.97 -5.92 -30.43
CA THR H 16 -6.38 -5.01 -29.38
C THR H 16 -5.35 -3.93 -29.09
N VAL H 17 -5.82 -2.76 -28.65
CA VAL H 17 -4.90 -1.69 -28.29
C VAL H 17 -4.11 -2.20 -27.10
N ASN H 18 -3.06 -1.50 -26.73
CA ASN H 18 -2.26 -1.95 -25.60
C ASN H 18 -3.03 -1.94 -24.28
N ASN H 19 -2.61 -2.82 -23.38
CA ASN H 19 -3.18 -2.97 -22.03
C ASN H 19 -4.53 -3.63 -21.93
N CYS H 20 -5.13 -4.01 -23.06
CA CYS H 20 -6.44 -4.63 -23.01
C CYS H 20 -6.53 -6.07 -23.48
N VAL H 21 -7.69 -6.66 -23.27
CA VAL H 21 -7.94 -8.03 -23.65
C VAL H 21 -8.62 -8.09 -25.02
N SER H 22 -8.48 -9.24 -25.68
CA SER H 22 -9.14 -9.47 -26.95
C SER H 22 -10.00 -10.72 -26.66
N TYR H 23 -11.09 -10.87 -27.42
CA TYR H 23 -12.00 -11.99 -27.20
C TYR H 23 -11.98 -13.15 -28.17
N ARG H 24 -12.15 -14.33 -27.58
CA ARG H 24 -12.17 -15.62 -28.28
C ARG H 24 -13.42 -16.42 -27.84
N ASN H 25 -14.24 -16.77 -28.83
CA ASN H 25 -15.46 -17.55 -28.58
C ASN H 25 -15.16 -19.01 -28.93
N PRO H 26 -15.16 -19.89 -27.91
CA PRO H 26 -14.87 -21.31 -28.10
C PRO H 26 -15.60 -21.90 -29.29
N ALA H 27 -16.79 -21.38 -29.57
CA ALA H 27 -17.59 -21.90 -30.66
C ALA H 27 -17.38 -21.25 -32.03
N GLU H 28 -16.71 -20.10 -32.10
CA GLU H 28 -16.53 -19.54 -33.45
C GLU H 28 -15.26 -18.76 -33.73
N GLY H 29 -14.33 -18.78 -32.79
CA GLY H 29 -13.08 -18.07 -32.99
C GLY H 29 -13.01 -16.73 -32.31
N THR H 30 -11.92 -16.00 -32.57
CA THR H 30 -11.70 -14.68 -31.98
C THR H 30 -12.46 -13.63 -32.78
N TRP H 31 -12.89 -12.57 -32.10
CA TRP H 31 -13.64 -11.51 -32.77
C TRP H 31 -12.79 -10.98 -33.90
N TYR H 32 -11.52 -10.76 -33.57
CA TYR H 32 -10.60 -10.20 -34.54
C TYR H 32 -10.39 -11.04 -35.80
N ILE H 33 -9.82 -12.22 -35.61
CA ILE H 33 -9.51 -13.08 -36.74
C ILE H 33 -10.73 -13.36 -37.62
N GLN H 34 -11.82 -13.79 -37.00
CA GLN H 34 -13.04 -14.08 -37.74
C GLN H 34 -13.42 -12.92 -38.61
N SER H 35 -13.50 -11.76 -37.99
CA SER H 35 -13.86 -10.55 -38.71
C SER H 35 -12.84 -10.29 -39.84
N LEU H 36 -11.56 -10.47 -39.53
CA LEU H 36 -10.49 -10.26 -40.51
C LEU H 36 -10.75 -11.08 -41.77
N CYS H 37 -10.94 -12.38 -41.58
CA CYS H 37 -11.21 -13.29 -42.68
C CYS H 37 -12.49 -12.93 -43.41
N GLN H 38 -13.58 -12.73 -42.66
CA GLN H 38 -14.86 -12.37 -43.25
C GLN H 38 -14.64 -11.22 -44.21
N SER H 39 -14.12 -10.14 -43.64
CA SER H 39 -13.88 -8.94 -44.40
C SER H 39 -12.98 -9.22 -45.59
N LEU H 40 -11.91 -9.97 -45.34
CA LEU H 40 -10.97 -10.30 -46.41
C LEU H 40 -11.64 -10.99 -47.59
N ARG H 41 -12.43 -12.02 -47.27
CA ARG H 41 -13.10 -12.78 -48.31
C ARG H 41 -14.05 -12.01 -49.20
N GLU H 42 -14.79 -11.05 -48.65
CA GLU H 42 -15.71 -10.28 -49.48
C GLU H 42 -15.12 -9.00 -50.06
N ARG H 43 -14.00 -8.56 -49.50
CA ARG H 43 -13.34 -7.33 -49.96
C ARG H 43 -12.29 -7.52 -51.05
N CYS H 44 -11.30 -8.36 -50.75
CA CYS H 44 -10.20 -8.64 -51.69
C CYS H 44 -10.71 -8.90 -53.09
N PRO H 45 -11.75 -9.73 -53.23
CA PRO H 45 -12.29 -10.01 -54.55
C PRO H 45 -12.60 -8.70 -55.27
N ARG H 46 -13.26 -7.79 -54.54
CA ARG H 46 -13.65 -6.49 -55.08
C ARG H 46 -12.46 -5.58 -55.36
N GLY H 47 -11.27 -6.05 -55.00
CA GLY H 47 -10.06 -5.26 -55.22
C GLY H 47 -9.73 -4.22 -54.15
N ASP H 48 -10.34 -4.35 -52.96
CA ASP H 48 -10.10 -3.40 -51.88
C ASP H 48 -8.75 -3.57 -51.25
N ASP H 49 -8.17 -2.43 -50.84
CA ASP H 49 -6.85 -2.41 -50.22
C ASP H 49 -6.91 -2.94 -48.76
N ILE H 50 -5.79 -3.45 -48.25
CA ILE H 50 -5.74 -4.01 -46.90
C ILE H 50 -6.09 -3.05 -45.79
N LEU H 51 -5.66 -1.79 -45.91
CA LEU H 51 -5.95 -0.78 -44.89
C LEU H 51 -7.46 -0.58 -44.82
N THR H 52 -8.09 -0.46 -45.99
CA THR H 52 -9.56 -0.34 -46.07
C THR H 52 -10.16 -1.54 -45.30
N ILE H 53 -9.75 -2.73 -45.68
CA ILE H 53 -10.22 -3.95 -45.04
C ILE H 53 -10.04 -3.88 -43.52
N LEU H 54 -8.84 -3.52 -43.09
CA LEU H 54 -8.57 -3.44 -41.67
C LEU H 54 -9.47 -2.42 -40.97
N THR H 55 -9.79 -1.33 -41.67
CA THR H 55 -10.68 -0.32 -41.10
C THR H 55 -12.06 -0.91 -40.82
N GLU H 56 -12.57 -1.67 -41.81
CA GLU H 56 -13.87 -2.32 -41.69
C GLU H 56 -13.82 -3.26 -40.49
N VAL H 57 -12.68 -3.89 -40.28
CA VAL H 57 -12.55 -4.79 -39.15
C VAL H 57 -12.72 -3.96 -37.89
N ASN H 58 -12.08 -2.80 -37.85
CA ASN H 58 -12.17 -1.94 -36.69
C ASN H 58 -13.62 -1.59 -36.40
N TYR H 59 -14.36 -1.21 -37.45
CA TYR H 59 -15.76 -0.86 -37.29
C TYR H 59 -16.47 -2.03 -36.62
N GLU H 60 -16.52 -3.15 -37.33
CA GLU H 60 -17.17 -4.37 -36.87
C GLU H 60 -16.83 -4.82 -35.45
N VAL H 61 -15.54 -4.93 -35.14
CA VAL H 61 -15.18 -5.40 -33.81
C VAL H 61 -15.61 -4.41 -32.75
N SER H 62 -15.87 -3.18 -33.17
CA SER H 62 -16.26 -2.14 -32.22
C SER H 62 -17.69 -2.34 -31.74
N ASN H 63 -18.54 -2.78 -32.67
CA ASN H 63 -19.94 -3.03 -32.34
C ASN H 63 -20.13 -4.26 -31.48
N LYS H 64 -19.12 -5.12 -31.44
CA LYS H 64 -19.20 -6.34 -30.61
C LYS H 64 -18.99 -5.96 -29.15
N ASP H 65 -19.48 -6.80 -28.26
CA ASP H 65 -19.31 -6.55 -26.83
C ASP H 65 -19.53 -7.75 -25.92
N ASP H 66 -18.65 -7.81 -24.93
CA ASP H 66 -18.69 -8.83 -23.90
C ASP H 66 -19.92 -8.38 -23.17
N LYS H 67 -21.01 -9.04 -23.52
CA LYS H 67 -22.33 -8.82 -22.97
C LYS H 67 -22.27 -8.99 -21.44
N LYS H 68 -21.49 -9.98 -21.01
CA LYS H 68 -21.28 -10.32 -19.60
C LYS H 68 -20.75 -9.16 -18.76
N ASN H 69 -19.43 -8.98 -18.79
CA ASN H 69 -18.80 -7.93 -17.99
C ASN H 69 -18.61 -6.59 -18.71
N MET H 70 -19.66 -6.19 -19.42
CA MET H 70 -19.67 -4.90 -20.11
C MET H 70 -18.29 -4.41 -20.61
N GLY H 71 -17.65 -5.23 -21.45
CA GLY H 71 -16.35 -4.89 -22.05
C GLY H 71 -16.41 -4.84 -23.57
N LYS H 72 -15.37 -4.26 -24.18
CA LYS H 72 -15.30 -4.15 -25.63
C LYS H 72 -13.89 -4.40 -26.12
N GLN H 73 -13.70 -4.37 -27.44
CA GLN H 73 -12.39 -4.64 -28.03
C GLN H 73 -12.06 -3.64 -29.12
N MET H 74 -10.86 -3.06 -29.06
CA MET H 74 -10.42 -2.08 -30.06
C MET H 74 -9.13 -2.52 -30.78
N PRO H 75 -9.28 -2.99 -32.05
CA PRO H 75 -8.15 -3.45 -32.89
C PRO H 75 -7.30 -2.25 -33.25
N GLN H 76 -6.00 -2.47 -33.47
CA GLN H 76 -5.11 -1.36 -33.78
C GLN H 76 -3.97 -1.63 -34.74
N PRO H 77 -4.22 -1.42 -36.03
CA PRO H 77 -3.16 -1.64 -37.02
C PRO H 77 -2.10 -0.52 -37.02
N THR H 78 -0.89 -0.89 -37.40
CA THR H 78 0.22 0.05 -37.51
C THR H 78 0.96 -0.30 -38.79
N PHE H 79 1.46 0.67 -39.54
CA PHE H 79 2.09 0.29 -40.76
C PHE H 79 3.15 1.20 -41.33
N THR H 80 4.06 0.59 -42.08
CA THR H 80 5.09 1.37 -42.75
C THR H 80 4.96 1.10 -44.24
N LEU H 81 3.82 0.55 -44.66
CA LEU H 81 3.57 0.26 -46.06
C LEU H 81 3.77 1.49 -46.92
N ARG H 82 4.43 1.36 -48.06
CA ARG H 82 4.68 2.51 -48.91
C ARG H 82 3.82 2.49 -50.15
N LYS H 83 2.98 1.47 -50.26
CA LYS H 83 2.10 1.34 -51.40
C LYS H 83 0.83 0.75 -50.89
N LYS H 84 -0.16 0.67 -51.77
CA LYS H 84 -1.42 0.08 -51.38
C LYS H 84 -1.20 -1.42 -51.44
N LEU H 85 -1.56 -2.12 -50.38
CA LEU H 85 -1.39 -3.56 -50.39
C LEU H 85 -2.71 -4.20 -50.75
N VAL H 86 -2.78 -4.80 -51.93
CA VAL H 86 -4.01 -5.47 -52.35
C VAL H 86 -3.76 -6.93 -52.66
N PHE H 87 -4.73 -7.78 -52.30
CA PHE H 87 -4.66 -9.22 -52.52
C PHE H 87 -5.65 -9.71 -53.58
N PRO H 88 -5.28 -9.57 -54.86
CA PRO H 88 -6.15 -10.00 -55.96
C PRO H 88 -6.53 -11.47 -55.82
N SER H 89 -7.71 -11.80 -56.31
CA SER H 89 -8.23 -13.16 -56.24
C SER H 89 -8.46 -13.77 -57.64
N ASP I 2 -17.53 -15.96 -25.02
CA ASP I 2 -16.90 -14.72 -24.66
C ASP I 2 -15.72 -15.17 -23.69
N GLU I 3 -14.43 -15.04 -24.15
CA GLU I 3 -13.18 -15.50 -23.39
C GLU I 3 -11.99 -14.55 -23.60
N VAL I 4 -11.11 -14.42 -22.57
CA VAL I 4 -9.93 -13.48 -22.71
C VAL I 4 -8.53 -14.10 -22.69
N LEU J 1 -19.83 2.48 -50.91
CA LEU J 1 -20.69 1.93 -49.82
C LEU J 1 -19.87 1.70 -48.54
N ASP J 2 -18.74 2.40 -48.43
CA ASP J 2 -17.89 2.29 -47.25
C ASP J 2 -18.31 3.38 -46.27
N LYS J 3 -18.35 3.06 -44.98
CA LYS J 3 -18.71 4.05 -43.96
C LYS J 3 -17.66 5.16 -44.00
N VAL J 4 -18.08 6.40 -43.73
CA VAL J 4 -17.15 7.52 -43.72
C VAL J 4 -17.45 8.45 -42.56
N TYR J 5 -16.42 9.09 -42.05
CA TYR J 5 -16.58 10.05 -40.97
C TYR J 5 -17.19 11.31 -41.55
N GLN J 6 -18.26 11.77 -40.91
CA GLN J 6 -18.93 12.99 -41.35
C GLN J 6 -17.95 14.16 -41.21
N MET J 7 -17.95 15.02 -42.23
CA MET J 7 -17.07 16.18 -42.22
C MET J 7 -17.68 17.41 -42.89
N LYS J 8 -18.76 17.92 -42.32
CA LYS J 8 -19.43 19.11 -42.86
C LYS J 8 -19.24 20.27 -41.90
N SER J 9 -19.43 20.00 -40.61
CA SER J 9 -19.28 20.99 -39.54
C SER J 9 -18.63 22.34 -39.90
N LYS J 10 -19.37 23.41 -39.62
CA LYS J 10 -18.97 24.79 -39.86
C LYS J 10 -17.48 25.04 -39.67
N PRO J 11 -16.94 24.77 -38.47
CA PRO J 11 -15.51 25.03 -38.35
C PRO J 11 -14.75 23.70 -38.38
N ARG J 12 -15.46 22.59 -38.61
CA ARG J 12 -14.85 21.25 -38.65
C ARG J 12 -14.40 20.79 -37.27
N GLY J 13 -13.49 21.57 -36.68
CA GLY J 13 -12.98 21.27 -35.36
C GLY J 13 -11.70 22.05 -35.15
N TYR J 14 -11.15 21.97 -33.95
CA TYR J 14 -9.92 22.69 -33.69
C TYR J 14 -8.73 21.88 -34.20
N CYS J 15 -7.64 22.57 -34.46
CA CYS J 15 -6.41 21.95 -34.91
C CYS J 15 -5.28 22.59 -34.10
N LEU J 16 -4.93 22.02 -32.95
CA LEU J 16 -3.84 22.57 -32.16
C LEU J 16 -2.56 22.40 -32.93
N ILE J 17 -1.54 23.12 -32.49
CA ILE J 17 -0.22 23.04 -33.08
C ILE J 17 0.77 23.44 -32.01
N ILE J 18 1.28 22.48 -31.24
CA ILE J 18 2.26 22.82 -30.24
C ILE J 18 3.51 22.90 -31.07
N ASN J 19 4.04 24.11 -31.20
CA ASN J 19 5.24 24.34 -31.99
C ASN J 19 6.42 24.67 -31.07
N ASN J 20 7.31 23.72 -30.84
CA ASN J 20 8.46 23.98 -29.99
C ASN J 20 9.73 24.25 -30.78
N HIS J 21 10.33 25.42 -30.53
CA HIS J 21 11.53 25.85 -31.22
C HIS J 21 12.70 26.11 -30.31
N ASN J 22 12.54 27.09 -29.42
CA ASN J 22 13.60 27.49 -28.50
C ASN J 22 13.81 26.59 -27.30
N PHE J 23 14.68 25.59 -27.43
CA PHE J 23 14.92 24.68 -26.32
C PHE J 23 16.00 25.18 -25.37
N ALA J 24 15.93 26.46 -25.07
CA ALA J 24 16.94 27.04 -24.21
C ALA J 24 16.92 26.55 -22.78
N LYS J 25 15.72 26.49 -22.19
CA LYS J 25 15.60 26.05 -20.80
C LYS J 25 16.17 24.66 -20.65
N ALA J 26 15.69 23.74 -21.47
CA ALA J 26 16.17 22.38 -21.43
C ALA J 26 17.69 22.20 -21.40
N ARG J 27 18.43 23.06 -22.11
CA ARG J 27 19.90 22.94 -22.14
C ARG J 27 20.48 23.46 -20.82
N GLU J 28 19.64 24.09 -19.99
CA GLU J 28 20.05 24.61 -18.70
C GLU J 28 19.66 23.65 -17.59
N LYS J 29 18.38 23.30 -17.58
CA LYS J 29 17.84 22.44 -16.57
C LYS J 29 18.16 20.94 -16.67
N VAL J 30 18.38 20.36 -17.85
CA VAL J 30 18.69 18.91 -17.90
C VAL J 30 20.11 18.52 -18.39
N PRO J 31 20.97 18.02 -17.49
CA PRO J 31 22.32 17.66 -17.97
C PRO J 31 22.35 16.88 -19.29
N LYS J 32 21.87 15.65 -19.28
CA LYS J 32 21.90 14.84 -20.50
C LYS J 32 21.45 15.64 -21.74
N LEU J 33 20.61 16.65 -21.53
CA LEU J 33 20.08 17.44 -22.63
C LEU J 33 20.82 18.71 -22.94
N HIS J 34 22.08 18.81 -22.50
CA HIS J 34 22.87 20.00 -22.81
C HIS J 34 23.08 19.72 -24.29
N SER J 35 23.55 20.70 -25.04
CA SER J 35 23.79 20.48 -26.47
C SER J 35 22.55 20.22 -27.35
N ILE J 36 21.37 20.13 -26.76
CA ILE J 36 20.15 19.91 -27.57
C ILE J 36 19.81 21.22 -28.24
N ARG J 37 19.95 21.26 -29.57
CA ARG J 37 19.74 22.49 -30.36
C ARG J 37 18.31 22.93 -30.66
N ASP J 38 18.16 24.18 -31.09
CA ASP J 38 16.84 24.71 -31.37
C ASP J 38 16.34 24.16 -32.68
N ARG J 39 15.05 23.90 -32.75
CA ARG J 39 14.45 23.32 -33.94
C ARG J 39 14.21 24.32 -35.05
N ASN J 40 15.29 24.88 -35.60
CA ASN J 40 15.19 25.86 -36.67
C ASN J 40 14.43 25.32 -37.87
N GLY J 41 13.30 25.94 -38.15
CA GLY J 41 12.51 25.50 -39.28
C GLY J 41 11.07 25.18 -38.94
N THR J 42 10.83 24.84 -37.67
CA THR J 42 9.50 24.45 -37.21
C THR J 42 8.50 25.37 -37.82
N HIS J 43 8.84 26.64 -37.74
CA HIS J 43 8.04 27.73 -38.25
C HIS J 43 7.46 27.36 -39.60
N LEU J 44 8.29 26.83 -40.50
CA LEU J 44 7.80 26.45 -41.80
C LEU J 44 6.73 25.36 -41.70
N ASP J 45 6.91 24.40 -40.78
CA ASP J 45 5.93 23.33 -40.59
C ASP J 45 4.62 23.96 -40.11
N ALA J 46 4.73 24.72 -39.03
CA ALA J 46 3.59 25.39 -38.45
C ALA J 46 2.84 26.16 -39.54
N GLY J 47 3.59 26.91 -40.35
CA GLY J 47 2.98 27.68 -41.42
C GLY J 47 2.20 26.78 -42.34
N ALA J 48 2.91 25.82 -42.90
CA ALA J 48 2.34 24.83 -43.81
C ALA J 48 1.09 24.16 -43.21
N LEU J 49 1.22 23.68 -41.98
CA LEU J 49 0.11 23.06 -41.30
C LEU J 49 -1.08 24.02 -41.27
N THR J 50 -0.86 25.23 -40.77
CA THR J 50 -1.89 26.23 -40.68
C THR J 50 -2.60 26.43 -41.99
N THR J 51 -1.83 26.69 -43.02
CA THR J 51 -2.39 26.91 -44.35
C THR J 51 -3.22 25.71 -44.80
N THR J 52 -2.61 24.54 -44.74
CA THR J 52 -3.24 23.31 -45.16
C THR J 52 -4.54 23.03 -44.46
N PHE J 53 -4.51 22.98 -43.14
CA PHE J 53 -5.72 22.68 -42.42
C PHE J 53 -6.72 23.81 -42.41
N GLU J 54 -6.22 25.02 -42.61
CA GLU J 54 -7.10 26.16 -42.67
C GLU J 54 -7.93 25.91 -43.95
N GLU J 55 -7.24 25.62 -45.04
CA GLU J 55 -7.90 25.36 -46.32
C GLU J 55 -8.89 24.20 -46.20
N LEU J 56 -8.70 23.33 -45.23
CA LEU J 56 -9.57 22.19 -45.04
C LEU J 56 -10.70 22.52 -44.09
N HIS J 57 -10.78 23.82 -43.77
CA HIS J 57 -11.81 24.39 -42.89
C HIS J 57 -11.67 24.04 -41.42
N PHE J 58 -10.45 24.05 -40.91
CA PHE J 58 -10.19 23.76 -39.50
C PHE J 58 -9.78 25.06 -38.81
N GLU J 59 -10.10 25.19 -37.53
CA GLU J 59 -9.73 26.40 -36.81
C GLU J 59 -8.40 26.15 -36.14
N ILE J 60 -7.35 26.70 -36.73
CA ILE J 60 -6.00 26.53 -36.21
C ILE J 60 -5.83 27.20 -34.87
N LYS J 61 -5.04 26.59 -34.00
CA LYS J 61 -4.81 27.13 -32.66
C LYS J 61 -3.35 26.91 -32.27
N PRO J 62 -2.47 27.78 -32.74
CA PRO J 62 -1.03 27.69 -32.46
C PRO J 62 -0.67 27.95 -31.02
N HIS J 63 0.51 27.47 -30.64
CA HIS J 63 1.06 27.60 -29.31
C HIS J 63 2.55 27.43 -29.52
N HIS J 64 3.38 28.32 -28.95
CA HIS J 64 4.81 28.24 -29.16
C HIS J 64 5.66 28.00 -27.94
N ASP J 65 6.75 27.29 -28.15
CA ASP J 65 7.71 26.98 -27.11
C ASP J 65 7.06 26.59 -25.79
N CYS J 66 6.10 25.67 -25.86
CA CYS J 66 5.40 25.21 -24.68
C CYS J 66 6.26 24.23 -23.87
N THR J 67 6.12 24.24 -22.55
CA THR J 67 6.87 23.30 -21.72
C THR J 67 5.91 22.15 -21.52
N VAL J 68 6.40 21.05 -20.93
CA VAL J 68 5.54 19.89 -20.68
C VAL J 68 4.32 20.38 -19.92
N GLU J 69 4.58 21.12 -18.86
CA GLU J 69 3.55 21.70 -18.02
C GLU J 69 2.49 22.37 -18.90
N GLN J 70 2.96 23.29 -19.73
CA GLN J 70 2.09 24.05 -20.60
C GLN J 70 1.31 23.21 -21.60
N ILE J 71 1.95 22.14 -22.09
CA ILE J 71 1.31 21.27 -23.06
C ILE J 71 0.12 20.59 -22.42
N TYR J 72 0.38 19.93 -21.32
CA TYR J 72 -0.69 19.27 -20.59
C TYR J 72 -1.83 20.25 -20.36
N GLU J 73 -1.50 21.45 -19.91
CA GLU J 73 -2.50 22.50 -19.66
C GLU J 73 -3.34 22.74 -20.89
N ILE J 74 -2.68 22.93 -22.02
CA ILE J 74 -3.38 23.21 -23.27
C ILE J 74 -4.29 22.07 -23.70
N LEU J 75 -3.83 20.84 -23.50
CA LEU J 75 -4.65 19.70 -23.85
C LEU J 75 -5.84 19.60 -22.89
N LYS J 76 -5.60 19.90 -21.61
CA LYS J 76 -6.65 19.87 -20.62
C LYS J 76 -7.82 20.75 -21.07
N ILE J 77 -7.49 21.92 -21.56
CA ILE J 77 -8.52 22.84 -22.02
C ILE J 77 -9.35 22.19 -23.12
N TYR J 78 -8.70 21.72 -24.18
CA TYR J 78 -9.48 21.15 -25.26
C TYR J 78 -10.13 19.85 -24.85
N GLN J 79 -9.53 19.19 -23.88
CA GLN J 79 -10.10 17.95 -23.40
C GLN J 79 -11.46 18.27 -22.81
N LEU J 80 -11.54 19.40 -22.11
CA LEU J 80 -12.75 19.85 -21.43
C LEU J 80 -13.70 20.70 -22.26
N MET J 81 -13.31 21.04 -23.48
CA MET J 81 -14.21 21.83 -24.29
C MET J 81 -15.38 20.98 -24.77
N ASP J 82 -16.37 21.62 -25.38
CA ASP J 82 -17.52 20.89 -25.88
C ASP J 82 -17.40 20.92 -27.38
N HIS J 83 -17.08 19.76 -27.95
CA HIS J 83 -16.89 19.64 -29.40
C HIS J 83 -18.17 19.19 -30.12
N SER J 84 -19.30 19.24 -29.42
CA SER J 84 -20.57 18.79 -30.00
C SER J 84 -20.87 19.26 -31.41
N ASN J 85 -20.46 20.46 -31.77
CA ASN J 85 -20.74 20.97 -33.10
C ASN J 85 -19.54 20.85 -33.99
N MET J 86 -18.64 19.96 -33.59
CA MET J 86 -17.43 19.71 -34.34
C MET J 86 -17.43 18.27 -34.86
N ASP J 87 -16.87 18.07 -36.06
CA ASP J 87 -16.83 16.75 -36.65
C ASP J 87 -15.49 16.02 -36.47
N CYS J 88 -14.45 16.77 -36.13
CA CYS J 88 -13.13 16.19 -35.97
C CYS J 88 -12.26 17.05 -35.07
N PHE J 89 -11.18 16.47 -34.55
CA PHE J 89 -10.23 17.18 -33.70
C PHE J 89 -8.84 16.78 -34.15
N ILE J 90 -7.94 17.74 -34.25
CA ILE J 90 -6.56 17.46 -34.67
C ILE J 90 -5.54 18.15 -33.78
N CYS J 91 -4.48 17.44 -33.42
CA CYS J 91 -3.45 18.01 -32.59
C CYS J 91 -2.09 17.67 -33.20
N CYS J 92 -1.35 18.71 -33.59
CA CYS J 92 -0.02 18.51 -34.16
C CYS J 92 1.01 18.92 -33.14
N ILE J 93 2.07 18.14 -33.01
CA ILE J 93 3.12 18.47 -32.07
C ILE J 93 4.46 18.42 -32.79
N LEU J 94 5.12 19.57 -32.82
CA LEU J 94 6.41 19.73 -33.46
C LEU J 94 7.39 20.01 -32.33
N SER J 95 8.31 19.09 -32.07
CA SER J 95 9.25 19.29 -30.99
C SER J 95 10.31 18.20 -31.03
N HIS J 96 11.18 18.17 -30.03
CA HIS J 96 12.17 17.13 -29.92
C HIS J 96 11.47 15.98 -29.21
N GLY J 97 12.07 14.81 -29.25
CA GLY J 97 11.47 13.67 -28.59
C GLY J 97 12.41 12.50 -28.49
N ASP J 98 11.96 11.45 -27.82
CA ASP J 98 12.73 10.24 -27.67
C ASP J 98 11.74 9.05 -27.68
N LYS J 99 12.22 7.85 -27.38
CA LYS J 99 11.37 6.66 -27.40
C LYS J 99 10.05 6.87 -26.69
N GLY J 100 8.98 6.94 -27.47
CA GLY J 100 7.66 7.10 -26.91
C GLY J 100 7.32 8.42 -26.24
N ILE J 101 8.28 9.33 -26.17
CA ILE J 101 7.99 10.60 -25.54
C ILE J 101 8.19 11.82 -26.42
N ILE J 102 7.77 12.95 -25.89
CA ILE J 102 7.88 14.22 -26.56
C ILE J 102 8.60 15.07 -25.56
N TYR J 103 9.52 15.90 -26.02
CA TYR J 103 10.27 16.73 -25.11
C TYR J 103 9.61 18.08 -25.01
N GLY J 104 9.51 18.55 -23.78
CA GLY J 104 8.93 19.85 -23.54
C GLY J 104 10.05 20.86 -23.73
N THR J 105 9.68 22.07 -24.12
CA THR J 105 10.68 23.10 -24.36
C THR J 105 11.61 23.30 -23.17
N ASP J 106 11.21 22.78 -22.03
CA ASP J 106 11.98 22.89 -20.79
C ASP J 106 12.78 21.64 -20.47
N GLY J 107 12.74 20.66 -21.37
CA GLY J 107 13.49 19.43 -21.15
C GLY J 107 12.69 18.30 -20.52
N GLN J 108 11.52 18.62 -20.00
CA GLN J 108 10.73 17.58 -19.37
C GLN J 108 10.11 16.69 -20.41
N GLU J 109 9.82 15.47 -19.99
CA GLU J 109 9.23 14.45 -20.86
C GLU J 109 7.75 14.25 -20.77
N ALA J 110 7.15 14.08 -21.94
CA ALA J 110 5.72 13.84 -22.03
C ALA J 110 5.45 12.59 -22.89
N PRO J 111 4.97 11.52 -22.24
CA PRO J 111 4.68 10.28 -22.95
C PRO J 111 3.57 10.54 -23.97
N ILE J 112 3.79 10.10 -25.19
CA ILE J 112 2.80 10.35 -26.19
C ILE J 112 1.47 9.73 -25.79
N TYR J 113 1.53 8.66 -24.99
CA TYR J 113 0.32 8.00 -24.53
C TYR J 113 -0.50 8.95 -23.65
N GLU J 114 0.18 9.65 -22.73
CA GLU J 114 -0.46 10.62 -21.86
C GLU J 114 -1.17 11.67 -22.70
N LEU J 115 -0.57 12.05 -23.82
CA LEU J 115 -1.19 13.06 -24.62
C LEU J 115 -2.45 12.58 -25.29
N THR J 116 -2.38 11.52 -26.08
CA THR J 116 -3.56 11.03 -26.79
C THR J 116 -4.66 10.46 -25.92
N SER J 117 -4.30 9.95 -24.74
CA SER J 117 -5.30 9.34 -23.87
C SER J 117 -6.23 10.37 -23.24
N GLN J 118 -5.87 11.62 -23.45
CA GLN J 118 -6.62 12.75 -22.95
C GLN J 118 -7.96 12.87 -23.67
N PHE J 119 -8.06 12.27 -24.84
CA PHE J 119 -9.26 12.42 -25.63
C PHE J 119 -10.07 11.15 -25.91
N THR J 120 -10.00 10.21 -24.97
CA THR J 120 -10.75 8.96 -25.09
C THR J 120 -12.23 9.31 -25.09
N GLY J 121 -13.08 8.30 -25.06
CA GLY J 121 -14.52 8.54 -25.05
C GLY J 121 -14.97 9.12 -23.72
N LEU J 122 -14.49 8.55 -22.64
CA LEU J 122 -14.85 9.03 -21.31
C LEU J 122 -14.29 10.43 -21.14
N LYS J 123 -12.97 10.53 -21.22
CA LYS J 123 -12.28 11.79 -21.07
C LYS J 123 -12.92 12.99 -21.83
N CYS J 124 -13.57 12.74 -22.96
CA CYS J 124 -14.15 13.84 -23.75
C CYS J 124 -15.32 13.38 -24.65
N PRO J 125 -16.46 13.12 -24.03
CA PRO J 125 -17.67 12.67 -24.72
C PRO J 125 -18.09 13.47 -25.94
N SER J 126 -17.75 14.74 -25.97
CA SER J 126 -18.14 15.58 -27.11
C SER J 126 -17.49 15.08 -28.41
N LEU J 127 -16.41 14.32 -28.26
CA LEU J 127 -15.70 13.80 -29.43
C LEU J 127 -15.99 12.33 -29.74
N ALA J 128 -16.66 11.63 -28.83
CA ALA J 128 -17.00 10.22 -29.00
C ALA J 128 -17.52 9.91 -30.40
N GLY J 129 -16.84 8.99 -31.09
CA GLY J 129 -17.26 8.61 -32.44
C GLY J 129 -16.82 9.60 -33.52
N LYS J 130 -15.89 10.46 -33.16
CA LYS J 130 -15.37 11.44 -34.11
C LYS J 130 -13.87 11.27 -34.20
N PRO J 131 -13.34 11.35 -35.42
CA PRO J 131 -11.91 11.21 -35.61
C PRO J 131 -11.06 12.18 -34.77
N LYS J 132 -10.15 11.62 -33.99
CA LYS J 132 -9.22 12.37 -33.18
C LYS J 132 -7.83 12.04 -33.77
N VAL J 133 -7.28 12.99 -34.53
CA VAL J 133 -5.99 12.84 -35.18
C VAL J 133 -4.79 13.52 -34.49
N PHE J 134 -3.70 12.80 -34.29
CA PHE J 134 -2.50 13.38 -33.73
C PHE J 134 -1.32 13.19 -34.67
N PHE J 135 -0.68 14.30 -35.06
CA PHE J 135 0.51 14.19 -35.89
C PHE J 135 1.66 14.57 -34.98
N ILE J 136 2.62 13.69 -34.81
CA ILE J 136 3.74 14.01 -33.96
C ILE J 136 5.03 14.00 -34.73
N GLN J 137 5.66 15.17 -34.83
CA GLN J 137 6.93 15.29 -35.54
C GLN J 137 8.04 15.53 -34.51
N ALA J 138 8.83 14.49 -34.26
CA ALA J 138 9.93 14.57 -33.33
C ALA J 138 10.78 13.31 -33.49
N CYS J 139 11.88 13.24 -32.75
CA CYS J 139 12.69 12.04 -32.81
C CYS J 139 12.09 11.05 -31.82
N GLN J 140 12.42 9.78 -32.00
CA GLN J 140 11.94 8.73 -31.13
C GLN J 140 13.14 7.91 -30.68
N GLY J 141 14.31 8.54 -30.76
CA GLY J 141 15.54 7.89 -30.40
C GLY J 141 16.69 8.55 -31.14
N ASP J 142 17.91 8.11 -30.88
CA ASP J 142 19.08 8.68 -31.52
C ASP J 142 19.67 7.78 -32.60
N ASN J 143 18.95 6.74 -32.98
CA ASN J 143 19.48 5.84 -33.99
C ASN J 143 19.10 6.31 -35.39
N TYR J 144 19.92 5.92 -36.36
CA TYR J 144 19.66 6.26 -37.74
C TYR J 144 19.05 5.08 -38.48
N GLN J 145 17.90 5.28 -39.09
CA GLN J 145 17.26 4.22 -39.83
C GLN J 145 18.19 3.99 -41.03
N LYS J 146 18.69 2.76 -41.18
CA LYS J 146 19.60 2.43 -42.27
C LYS J 146 18.80 2.16 -43.53
N GLY J 147 19.45 2.34 -44.68
CA GLY J 147 18.80 2.12 -45.95
C GLY J 147 19.15 0.79 -46.57
N ILE J 148 18.25 0.26 -47.37
CA ILE J 148 18.49 -1.01 -48.06
C ILE J 148 18.13 -0.82 -49.53
N PRO J 149 18.90 -1.41 -50.45
CA PRO J 149 18.69 -1.31 -51.89
C PRO J 149 17.56 -2.20 -52.44
N VAL J 150 16.86 -1.70 -53.45
CA VAL J 150 15.79 -2.45 -54.08
C VAL J 150 15.64 -1.96 -55.51
N GLU J 151 14.71 -2.53 -56.28
CA GLU J 151 14.51 -2.08 -57.67
C GLU J 151 13.71 -0.78 -57.66
N THR J 152 13.09 -0.42 -58.79
CA THR J 152 12.31 0.83 -58.82
C THR J 152 10.80 0.62 -58.66
N ASP J 153 10.31 0.96 -57.45
CA ASP J 153 8.89 0.82 -57.10
C ASP J 153 8.01 1.75 -57.94
N THR K 1 -27.94 4.47 -31.68
CA THR K 1 -27.61 4.76 -30.25
C THR K 1 -26.91 3.55 -29.61
N ARG K 2 -25.79 3.15 -30.20
CA ARG K 2 -25.00 2.00 -29.79
C ARG K 2 -23.61 2.34 -29.18
N TYR K 3 -22.91 1.33 -28.67
CA TYR K 3 -21.59 1.53 -28.04
C TYR K 3 -20.38 1.20 -28.91
N ILE K 4 -19.30 1.98 -28.72
CA ILE K 4 -18.02 1.75 -29.39
C ILE K 4 -16.98 1.82 -28.30
N PRO K 5 -15.81 1.20 -28.50
CA PRO K 5 -14.80 1.25 -27.45
C PRO K 5 -14.24 2.64 -27.12
N ASP K 6 -13.87 2.79 -25.85
CA ASP K 6 -13.31 4.02 -25.29
C ASP K 6 -12.23 4.64 -26.18
N GLU K 7 -11.32 3.78 -26.68
CA GLU K 7 -10.20 4.22 -27.52
C GLU K 7 -10.41 4.17 -29.04
N ALA K 8 -11.65 4.10 -29.49
CA ALA K 8 -11.92 4.08 -30.92
C ALA K 8 -11.64 5.41 -31.60
N ASP K 9 -11.75 5.40 -32.92
CA ASP K 9 -11.53 6.57 -33.75
C ASP K 9 -10.30 7.45 -33.51
N PHE K 10 -9.13 6.84 -33.40
CA PHE K 10 -7.91 7.60 -33.23
C PHE K 10 -7.02 7.40 -34.45
N LEU K 11 -6.19 8.38 -34.71
CA LEU K 11 -5.24 8.28 -35.81
C LEU K 11 -3.98 8.97 -35.33
N LEU K 12 -2.94 8.19 -35.07
CA LEU K 12 -1.68 8.74 -34.63
C LEU K 12 -0.71 8.67 -35.78
N GLY K 13 -0.15 9.80 -36.16
CA GLY K 13 0.78 9.83 -37.25
C GLY K 13 2.17 10.19 -36.78
N MET K 14 3.00 9.17 -36.52
CA MET K 14 4.38 9.39 -36.12
C MET K 14 5.26 9.69 -37.33
N ALA K 15 6.26 10.54 -37.15
CA ALA K 15 7.17 10.91 -38.23
C ALA K 15 8.27 9.87 -38.39
N THR K 16 8.46 9.05 -37.35
CA THR K 16 9.48 8.02 -37.40
C THR K 16 9.13 6.82 -36.54
N VAL K 17 9.63 5.65 -36.94
CA VAL K 17 9.41 4.44 -36.17
C VAL K 17 10.14 4.66 -34.85
N ASN K 18 9.91 3.79 -33.88
CA ASN K 18 10.58 3.95 -32.60
C ASN K 18 12.11 3.78 -32.68
N ASN K 19 12.79 4.46 -31.76
CA ASN K 19 14.25 4.43 -31.65
C ASN K 19 15.03 5.22 -32.66
N CYS K 20 14.36 5.83 -33.62
CA CYS K 20 15.07 6.58 -34.64
C CYS K 20 14.84 8.09 -34.71
N VAL K 21 15.66 8.75 -35.52
CA VAL K 21 15.57 10.18 -35.69
C VAL K 21 14.71 10.56 -36.88
N SER K 22 14.16 11.76 -36.86
CA SER K 22 13.38 12.27 -37.97
C SER K 22 14.15 13.53 -38.38
N TYR K 23 14.02 13.95 -39.63
CA TYR K 23 14.76 15.08 -40.12
C TYR K 23 14.02 16.40 -40.32
N ARG K 24 14.74 17.48 -40.02
CA ARG K 24 14.25 18.85 -40.14
C ARG K 24 15.30 19.66 -40.91
N ASN K 25 14.86 20.30 -41.99
CA ASN K 25 15.72 21.14 -42.82
C ASN K 25 15.42 22.58 -42.47
N PRO K 26 16.38 23.28 -41.85
CA PRO K 26 16.21 24.68 -41.46
C PRO K 26 15.57 25.54 -42.51
N ALA K 27 15.84 25.24 -43.77
CA ALA K 27 15.30 26.02 -44.85
C ALA K 27 13.94 25.61 -45.38
N GLU K 28 13.45 24.42 -45.05
CA GLU K 28 12.14 24.06 -45.60
C GLU K 28 11.23 23.20 -44.74
N GLY K 29 11.64 22.93 -43.50
CA GLY K 29 10.80 22.15 -42.62
C GLY K 29 11.20 20.70 -42.50
N THR K 30 10.39 19.92 -41.79
CA THR K 30 10.69 18.52 -41.57
C THR K 30 10.23 17.71 -42.78
N TRP K 31 10.93 16.60 -43.03
CA TRP K 31 10.59 15.74 -44.16
C TRP K 31 9.14 15.30 -44.02
N TYR K 32 8.80 14.88 -42.80
CA TYR K 32 7.46 14.42 -42.53
C TYR K 32 6.36 15.44 -42.73
N ILE K 33 6.37 16.52 -41.95
CA ILE K 33 5.32 17.52 -42.07
C ILE K 33 5.15 18.09 -43.47
N GLN K 34 6.25 18.52 -44.07
CA GLN K 34 6.19 19.06 -45.41
C GLN K 34 5.49 18.09 -46.32
N SER K 35 5.97 16.86 -46.34
CA SER K 35 5.36 15.82 -47.16
C SER K 35 3.87 15.66 -46.82
N LEU K 36 3.54 15.60 -45.53
CA LEU K 36 2.17 15.46 -45.10
C LEU K 36 1.31 16.52 -45.75
N CYS K 37 1.72 17.78 -45.61
CA CYS K 37 0.96 18.89 -46.17
C CYS K 37 0.87 18.82 -47.68
N GLN K 38 2.01 18.59 -48.33
CA GLN K 38 2.04 18.50 -49.80
C GLN K 38 0.98 17.49 -50.22
N SER K 39 1.12 16.29 -49.70
CA SER K 39 0.21 15.22 -50.02
C SER K 39 -1.22 15.60 -49.70
N LEU K 40 -1.43 16.18 -48.52
CA LEU K 40 -2.77 16.58 -48.14
C LEU K 40 -3.41 17.54 -49.15
N ARG K 41 -2.65 18.55 -49.54
CA ARG K 41 -3.17 19.55 -50.45
C ARG K 41 -3.58 19.05 -51.81
N GLU K 42 -2.86 18.10 -52.38
CA GLU K 42 -3.23 17.58 -53.69
C GLU K 42 -4.16 16.37 -53.65
N ARG K 43 -4.23 15.70 -52.50
CA ARG K 43 -5.06 14.51 -52.33
C ARG K 43 -6.48 14.77 -51.86
N CYS K 44 -6.62 15.45 -50.72
CA CYS K 44 -7.93 15.75 -50.13
C CYS K 44 -8.90 16.31 -51.15
N PRO K 45 -8.43 17.23 -52.00
CA PRO K 45 -9.33 17.80 -53.02
C PRO K 45 -9.93 16.68 -53.84
N ARG K 46 -9.09 15.73 -54.24
CA ARG K 46 -9.51 14.58 -55.04
C ARG K 46 -10.37 13.59 -54.26
N GLY K 47 -10.60 13.87 -52.99
CA GLY K 47 -11.43 13.02 -52.17
C GLY K 47 -10.74 11.80 -51.58
N ASP K 48 -9.42 11.79 -51.57
CA ASP K 48 -8.67 10.65 -51.03
C ASP K 48 -8.76 10.55 -49.52
N ASP K 49 -8.74 9.31 -49.02
CA ASP K 49 -8.82 9.06 -47.61
C ASP K 49 -7.47 9.32 -46.91
N ILE K 50 -7.50 9.59 -45.60
CA ILE K 50 -6.29 9.92 -44.86
C ILE K 50 -5.23 8.82 -44.84
N LEU K 51 -5.67 7.57 -44.70
CA LEU K 51 -4.74 6.44 -44.69
C LEU K 51 -4.00 6.38 -46.04
N THR K 52 -4.74 6.58 -47.14
CA THR K 52 -4.14 6.60 -48.45
C THR K 52 -3.07 7.69 -48.44
N ILE K 53 -3.46 8.89 -48.03
CA ILE K 53 -2.55 10.03 -47.97
C ILE K 53 -1.32 9.70 -47.13
N LEU K 54 -1.55 9.13 -45.95
CA LEU K 54 -0.43 8.78 -45.10
C LEU K 54 0.52 7.77 -45.74
N THR K 55 -0.04 6.88 -46.56
CA THR K 55 0.76 5.87 -47.26
C THR K 55 1.69 6.56 -48.24
N GLU K 56 1.15 7.51 -48.98
CA GLU K 56 1.93 8.26 -49.94
C GLU K 56 3.06 8.95 -49.19
N VAL K 57 2.77 9.40 -47.97
CA VAL K 57 3.79 10.09 -47.20
C VAL K 57 4.89 9.09 -46.92
N ASN K 58 4.50 7.89 -46.53
CA ASN K 58 5.48 6.84 -46.26
C ASN K 58 6.37 6.60 -47.47
N TYR K 59 5.75 6.52 -48.65
CA TYR K 59 6.52 6.31 -49.86
C TYR K 59 7.56 7.43 -49.99
N GLU K 60 7.06 8.65 -50.15
CA GLU K 60 7.91 9.81 -50.31
C GLU K 60 9.04 9.98 -49.31
N VAL K 61 8.73 9.90 -48.03
CA VAL K 61 9.76 10.10 -47.03
C VAL K 61 10.80 8.99 -47.10
N SER K 62 10.45 7.86 -47.72
CA SER K 62 11.37 6.74 -47.82
C SER K 62 12.45 6.99 -48.84
N ASN K 63 12.09 7.71 -49.91
CA ASN K 63 13.05 8.02 -50.95
C ASN K 63 14.02 9.11 -50.51
N LYS K 64 13.66 9.84 -49.46
CA LYS K 64 14.54 10.89 -48.94
C LYS K 64 15.70 10.26 -48.19
N ASP K 65 16.80 11.00 -48.08
CA ASP K 65 17.97 10.50 -47.35
C ASP K 65 19.01 11.56 -46.96
N ASP K 66 19.66 11.26 -45.85
CA ASP K 66 20.66 12.09 -45.26
C ASP K 66 22.03 11.50 -45.54
N LYS K 67 22.48 11.64 -46.78
CA LYS K 67 23.78 11.10 -47.24
C LYS K 67 24.89 11.17 -46.18
N LYS K 68 25.02 12.32 -45.53
CA LYS K 68 26.07 12.49 -44.53
C LYS K 68 26.25 11.27 -43.66
N ASN K 69 25.16 10.84 -43.03
CA ASN K 69 25.17 9.70 -42.12
C ASN K 69 24.55 8.47 -42.75
N MET K 70 24.37 8.53 -44.05
CA MET K 70 23.78 7.40 -44.75
C MET K 70 22.53 7.02 -44.01
N GLY K 71 21.77 8.03 -43.58
CA GLY K 71 20.55 7.77 -42.86
C GLY K 71 19.25 7.97 -43.60
N LYS K 72 18.18 7.38 -43.06
CA LYS K 72 16.88 7.51 -43.67
C LYS K 72 15.81 7.69 -42.62
N GLN K 73 14.56 7.87 -43.05
CA GLN K 73 13.46 8.09 -42.13
C GLN K 73 12.25 7.24 -42.49
N MET K 74 11.68 6.53 -41.52
CA MET K 74 10.50 5.70 -41.77
C MET K 74 9.31 6.11 -40.89
N PRO K 75 8.31 6.79 -41.47
CA PRO K 75 7.10 7.25 -40.79
C PRO K 75 6.24 6.05 -40.40
N GLN K 76 5.45 6.17 -39.35
CA GLN K 76 4.66 5.03 -38.89
C GLN K 76 3.31 5.32 -38.26
N PRO K 77 2.26 5.38 -39.10
CA PRO K 77 0.93 5.63 -38.58
C PRO K 77 0.31 4.43 -37.86
N THR K 78 -0.56 4.72 -36.90
CA THR K 78 -1.25 3.72 -36.11
C THR K 78 -2.67 4.22 -36.00
N PHE K 79 -3.65 3.33 -36.03
CA PHE K 79 -4.99 3.85 -35.97
C PHE K 79 -6.07 2.93 -35.44
N THR K 80 -7.12 3.54 -34.91
CA THR K 80 -8.26 2.80 -34.43
C THR K 80 -9.48 3.34 -35.15
N LEU K 81 -9.25 4.07 -36.25
CA LEU K 81 -10.35 4.63 -37.05
C LEU K 81 -11.32 3.52 -37.47
N ARG K 82 -12.62 3.78 -37.37
CA ARG K 82 -13.61 2.76 -37.74
C ARG K 82 -14.28 3.10 -39.06
N LYS K 83 -13.88 4.20 -39.66
CA LYS K 83 -14.46 4.60 -40.94
C LYS K 83 -13.35 5.23 -41.72
N LYS K 84 -13.64 5.56 -42.97
CA LYS K 84 -12.65 6.22 -43.78
C LYS K 84 -12.66 7.67 -43.34
N LEU K 85 -11.50 8.23 -43.07
CA LEU K 85 -11.45 9.63 -42.68
C LEU K 85 -11.07 10.45 -43.91
N VAL K 86 -12.00 11.25 -44.39
CA VAL K 86 -11.71 12.08 -45.55
C VAL K 86 -11.97 13.55 -45.22
N PHE K 87 -11.14 14.43 -45.79
CA PHE K 87 -11.22 15.88 -45.55
C PHE K 87 -11.61 16.62 -46.80
N PRO K 88 -12.92 16.68 -47.06
CA PRO K 88 -13.43 17.39 -48.25
C PRO K 88 -12.99 18.83 -48.27
N SER K 89 -12.84 19.36 -49.48
CA SER K 89 -12.40 20.74 -49.66
C SER K 89 -13.44 21.60 -50.40
N ASP L 2 19.77 19.16 -43.02
CA ASP L 2 19.65 17.78 -42.65
C ASP L 2 19.99 18.00 -41.14
N GLU L 3 18.97 17.93 -40.26
CA GLU L 3 19.11 18.21 -38.79
C GLU L 3 18.17 17.26 -38.00
N VAL L 4 18.66 16.72 -36.89
CA VAL L 4 17.85 15.74 -36.05
C VAL L 4 16.99 16.31 -34.93
N LEU M 1 -3.30 -10.23 3.63
CA LEU M 1 -3.38 -11.01 2.35
C LEU M 1 -3.99 -12.40 2.58
N ASP M 2 -4.72 -12.55 3.70
CA ASP M 2 -5.36 -13.83 4.02
C ASP M 2 -6.77 -13.78 3.46
N LYS M 3 -7.23 -14.89 2.87
CA LYS M 3 -8.59 -14.95 2.33
C LYS M 3 -9.57 -14.74 3.48
N VAL M 4 -10.70 -14.11 3.20
CA VAL M 4 -11.71 -13.87 4.23
C VAL M 4 -13.12 -14.09 3.69
N TYR M 5 -14.01 -14.52 4.57
CA TYR M 5 -15.38 -14.74 4.18
C TYR M 5 -16.04 -13.38 4.04
N GLN M 6 -16.69 -13.17 2.90
CA GLN M 6 -17.38 -11.93 2.64
C GLN M 6 -18.51 -11.77 3.67
N MET M 7 -18.65 -10.57 4.20
CA MET M 7 -19.67 -10.29 5.19
C MET M 7 -20.26 -8.89 5.11
N LYS M 8 -20.90 -8.59 3.98
CA LYS M 8 -21.53 -7.28 3.77
C LYS M 8 -23.05 -7.43 3.77
N SER M 9 -23.54 -8.45 3.08
CA SER M 9 -24.96 -8.76 2.98
C SER M 9 -25.92 -8.02 3.93
N LYS M 10 -26.90 -7.35 3.33
CA LYS M 10 -27.94 -6.58 4.01
C LYS M 10 -28.37 -7.17 5.35
N PRO M 11 -28.87 -8.42 5.35
CA PRO M 11 -29.25 -8.95 6.66
C PRO M 11 -28.19 -9.96 7.14
N ARG M 12 -27.11 -10.11 6.40
CA ARG M 12 -26.03 -11.06 6.74
C ARG M 12 -26.47 -12.50 6.54
N GLY M 13 -27.51 -12.87 7.29
CA GLY M 13 -28.04 -14.21 7.22
C GLY M 13 -28.92 -14.44 8.44
N TYR M 14 -29.59 -15.59 8.48
CA TYR M 14 -30.41 -15.88 9.64
C TYR M 14 -29.55 -16.42 10.79
N CYS M 15 -30.07 -16.30 12.00
CA CYS M 15 -29.37 -16.81 13.16
C CYS M 15 -30.43 -17.49 14.01
N LEU M 16 -30.64 -18.79 13.81
CA LEU M 16 -31.63 -19.50 14.60
C LEU M 16 -31.18 -19.55 16.05
N ILE M 17 -32.11 -19.90 16.92
CA ILE M 17 -31.81 -20.03 18.33
C ILE M 17 -32.83 -20.98 18.89
N ILE M 18 -32.51 -22.27 18.91
CA ILE M 18 -33.43 -23.22 19.50
C ILE M 18 -33.13 -23.08 20.98
N ASN M 19 -34.09 -22.55 21.73
CA ASN M 19 -33.93 -22.30 23.15
C ASN M 19 -34.80 -23.25 23.95
N ASN M 20 -34.23 -24.31 24.49
CA ASN M 20 -35.02 -25.25 25.27
C ASN M 20 -34.91 -24.99 26.77
N HIS M 21 -36.05 -24.80 27.42
CA HIS M 21 -36.10 -24.53 28.84
C HIS M 21 -36.94 -25.53 29.64
N ASN M 22 -38.23 -25.58 29.33
CA ASN M 22 -39.15 -26.46 30.03
C ASN M 22 -39.11 -27.93 29.61
N PHE M 23 -38.28 -28.73 30.28
CA PHE M 23 -38.18 -30.14 29.94
C PHE M 23 -39.22 -31.00 30.64
N ALA M 24 -40.42 -30.45 30.79
CA ALA M 24 -41.52 -31.16 31.43
C ALA M 24 -41.77 -32.50 30.73
N LYS M 25 -42.46 -32.44 29.59
CA LYS M 25 -42.79 -33.62 28.79
C LYS M 25 -41.63 -34.61 28.70
N ALA M 26 -40.42 -34.08 28.58
CA ALA M 26 -39.23 -34.92 28.49
C ALA M 26 -39.23 -35.84 29.71
N ARG M 27 -39.31 -35.24 30.90
CA ARG M 27 -39.37 -36.02 32.13
C ARG M 27 -40.60 -36.90 31.93
N GLU M 28 -41.73 -36.36 32.36
CA GLU M 28 -43.00 -37.02 32.22
C GLU M 28 -42.98 -38.34 31.40
N LYS M 29 -42.64 -38.28 30.11
CA LYS M 29 -42.66 -39.51 29.30
C LYS M 29 -41.39 -40.32 29.12
N VAL M 30 -40.31 -40.01 29.84
CA VAL M 30 -39.04 -40.78 29.70
C VAL M 30 -38.42 -41.27 31.05
N PRO M 31 -37.77 -42.47 31.03
CA PRO M 31 -37.14 -43.08 32.21
C PRO M 31 -35.91 -42.34 32.72
N LYS M 32 -34.76 -42.82 32.27
CA LYS M 32 -33.45 -42.28 32.59
C LYS M 32 -33.44 -40.75 32.75
N LEU M 33 -34.48 -40.11 32.24
CA LEU M 33 -34.59 -38.66 32.27
C LEU M 33 -35.52 -38.14 33.37
N HIS M 34 -36.35 -39.02 33.90
CA HIS M 34 -37.34 -38.73 34.94
C HIS M 34 -37.31 -37.37 35.67
N SER M 35 -36.13 -36.90 36.08
CA SER M 35 -36.05 -35.62 36.80
C SER M 35 -35.03 -34.62 36.26
N ILE M 36 -34.81 -34.63 34.95
CA ILE M 36 -33.89 -33.69 34.31
C ILE M 36 -34.50 -32.30 34.47
N ARG M 37 -34.12 -31.54 35.50
CA ARG M 37 -34.74 -30.23 35.66
C ARG M 37 -34.65 -29.28 34.46
N ASP M 38 -35.37 -28.17 34.59
CA ASP M 38 -35.51 -27.17 33.56
C ASP M 38 -34.28 -26.29 33.51
N ARG M 39 -33.92 -25.88 32.31
CA ARG M 39 -32.73 -25.09 32.11
C ARG M 39 -32.90 -23.62 32.47
N ASN M 40 -33.14 -23.36 33.75
CA ASN M 40 -33.32 -22.00 34.22
C ASN M 40 -32.14 -21.10 33.89
N GLY M 41 -32.39 -20.09 33.06
CA GLY M 41 -31.34 -19.17 32.69
C GLY M 41 -31.14 -19.04 31.19
N THR M 42 -31.56 -20.07 30.45
CA THR M 42 -31.41 -20.09 28.98
C THR M 42 -31.72 -18.72 28.46
N HIS M 43 -32.86 -18.22 28.95
CA HIS M 43 -33.40 -16.93 28.59
C HIS M 43 -32.28 -15.90 28.48
N LEU M 44 -31.42 -15.85 29.48
CA LEU M 44 -30.32 -14.90 29.45
C LEU M 44 -29.38 -15.14 28.26
N ASP M 45 -29.15 -16.41 27.93
CA ASP M 45 -28.29 -16.77 26.78
C ASP M 45 -28.97 -16.24 25.51
N ALA M 46 -30.21 -16.69 25.32
CA ALA M 46 -31.04 -16.29 24.18
C ALA M 46 -30.99 -14.76 24.04
N GLY M 47 -31.24 -14.06 25.14
CA GLY M 47 -31.20 -12.61 25.09
C GLY M 47 -29.85 -12.13 24.59
N ALA M 48 -28.81 -12.54 25.30
CA ALA M 48 -27.44 -12.15 24.97
C ALA M 48 -27.13 -12.45 23.50
N LEU M 49 -27.47 -13.66 23.07
CA LEU M 49 -27.23 -14.08 21.69
C LEU M 49 -27.90 -13.10 20.73
N THR M 50 -29.21 -12.93 20.95
CA THR M 50 -30.02 -12.03 20.13
C THR M 50 -29.39 -10.66 19.99
N THR M 51 -29.07 -10.06 21.14
CA THR M 51 -28.45 -8.73 21.18
C THR M 51 -27.16 -8.72 20.39
N THR M 52 -26.28 -9.65 20.73
CA THR M 52 -24.98 -9.74 20.11
C THR M 52 -25.04 -9.90 18.61
N PHE M 53 -25.75 -10.91 18.13
CA PHE M 53 -25.80 -11.13 16.71
C PHE M 53 -26.66 -10.12 15.99
N GLU M 54 -27.58 -9.52 16.72
CA GLU M 54 -28.41 -8.50 16.14
C GLU M 54 -27.44 -7.36 15.82
N GLU M 55 -26.61 -7.00 16.81
CA GLU M 55 -25.63 -5.93 16.63
C GLU M 55 -24.66 -6.24 15.49
N LEU M 56 -24.51 -7.52 15.17
CA LEU M 56 -23.61 -7.93 14.10
C LEU M 56 -24.33 -7.99 12.77
N HIS M 57 -25.57 -7.50 12.78
CA HIS M 57 -26.44 -7.44 11.60
C HIS M 57 -27.00 -8.77 11.13
N PHE M 58 -27.42 -9.62 12.07
CA PHE M 58 -27.99 -10.92 11.73
C PHE M 58 -29.47 -10.89 12.07
N GLU M 59 -30.27 -11.63 11.31
CA GLU M 59 -31.70 -11.65 11.58
C GLU M 59 -32.00 -12.82 12.50
N ILE M 60 -32.17 -12.50 13.78
CA ILE M 60 -32.44 -13.51 14.79
C ILE M 60 -33.76 -14.21 14.55
N LYS M 61 -33.80 -15.50 14.82
CA LYS M 61 -35.02 -16.29 14.64
C LYS M 61 -35.19 -17.28 15.79
N PRO M 62 -35.69 -16.79 16.94
CA PRO M 62 -35.91 -17.63 18.13
C PRO M 62 -36.96 -18.69 17.96
N HIS M 63 -36.88 -19.70 18.83
CA HIS M 63 -37.80 -20.84 18.87
C HIS M 63 -37.67 -21.35 20.28
N HIS M 64 -38.78 -21.62 20.95
CA HIS M 64 -38.70 -22.08 22.32
C HIS M 64 -39.26 -23.47 22.60
N ASP M 65 -38.63 -24.13 23.58
CA ASP M 65 -39.04 -25.46 24.01
C ASP M 65 -39.42 -26.39 22.86
N CYS M 66 -38.57 -26.44 21.85
CA CYS M 66 -38.82 -27.27 20.69
C CYS M 66 -38.52 -28.73 21.03
N THR M 67 -39.26 -29.66 20.43
CA THR M 67 -39.00 -31.08 20.63
C THR M 67 -38.08 -31.49 19.49
N VAL M 68 -37.58 -32.72 19.53
CA VAL M 68 -36.70 -33.17 18.47
C VAL M 68 -37.44 -32.98 17.17
N GLU M 69 -38.67 -33.46 17.16
CA GLU M 69 -39.53 -33.36 16.00
C GLU M 69 -39.49 -31.94 15.46
N GLN M 70 -39.85 -31.00 16.33
CA GLN M 70 -39.88 -29.58 15.99
C GLN M 70 -38.55 -29.02 15.50
N ILE M 71 -37.46 -29.45 16.13
CA ILE M 71 -36.14 -28.97 15.75
C ILE M 71 -35.86 -29.35 14.30
N TYR M 72 -35.97 -30.65 14.00
CA TYR M 72 -35.73 -31.10 12.65
C TYR M 72 -36.56 -30.28 11.66
N GLU M 73 -37.83 -30.07 12.02
CA GLU M 73 -38.75 -29.31 11.19
C GLU M 73 -38.18 -27.94 10.89
N ILE M 74 -37.80 -27.23 11.95
CA ILE M 74 -37.23 -25.88 11.83
C ILE M 74 -35.97 -25.84 10.96
N LEU M 75 -35.10 -26.83 11.12
CA LEU M 75 -33.90 -26.88 10.30
C LEU M 75 -34.27 -27.17 8.85
N LYS M 76 -35.26 -28.04 8.65
CA LYS M 76 -35.72 -28.38 7.29
C LYS M 76 -36.08 -27.11 6.54
N ILE M 77 -36.82 -26.24 7.22
CA ILE M 77 -37.21 -24.98 6.61
C ILE M 77 -36.00 -24.21 6.14
N TYR M 78 -35.08 -23.90 7.05
CA TYR M 78 -33.92 -23.12 6.67
C TYR M 78 -33.03 -23.89 5.72
N GLN M 79 -33.08 -25.20 5.80
CA GLN M 79 -32.29 -25.98 4.89
C GLN M 79 -32.78 -25.72 3.48
N LEU M 80 -34.10 -25.56 3.34
CA LEU M 80 -34.72 -25.36 2.05
C LEU M 80 -34.88 -23.91 1.61
N MET M 81 -34.53 -22.98 2.48
CA MET M 81 -34.64 -21.59 2.09
C MET M 81 -33.58 -21.24 1.04
N ASP M 82 -33.69 -20.05 0.48
CA ASP M 82 -32.71 -19.62 -0.50
C ASP M 82 -31.90 -18.52 0.19
N HIS M 83 -30.65 -18.86 0.49
CA HIS M 83 -29.75 -17.95 1.18
C HIS M 83 -28.87 -17.16 0.20
N SER M 84 -29.22 -17.18 -1.07
CA SER M 84 -28.42 -16.51 -2.10
C SER M 84 -27.98 -15.08 -1.79
N ASN M 85 -28.81 -14.33 -1.07
CA ASN M 85 -28.46 -12.95 -0.74
C ASN M 85 -27.96 -12.83 0.68
N MET M 86 -27.51 -13.96 1.20
CA MET M 86 -26.98 -14.03 2.55
C MET M 86 -25.51 -14.44 2.50
N ASP M 87 -24.72 -13.90 3.42
CA ASP M 87 -23.30 -14.20 3.45
C ASP M 87 -22.92 -15.26 4.49
N CYS M 88 -23.81 -15.52 5.43
CA CYS M 88 -23.52 -16.46 6.48
C CYS M 88 -24.82 -17.00 7.08
N PHE M 89 -24.72 -18.13 7.77
CA PHE M 89 -25.85 -18.76 8.45
C PHE M 89 -25.37 -19.21 9.84
N ILE M 90 -26.18 -18.98 10.85
CA ILE M 90 -25.82 -19.36 12.22
C ILE M 90 -26.97 -20.05 12.92
N CYS M 91 -26.66 -21.11 13.64
CA CYS M 91 -27.69 -21.84 14.37
C CYS M 91 -27.17 -22.11 15.79
N CYS M 92 -27.87 -21.57 16.78
CA CYS M 92 -27.50 -21.79 18.16
C CYS M 92 -28.49 -22.72 18.79
N ILE M 93 -28.00 -23.65 19.58
CA ILE M 93 -28.89 -24.57 20.25
C ILE M 93 -28.56 -24.60 21.74
N LEU M 94 -29.54 -24.23 22.55
CA LEU M 94 -29.41 -24.19 24.00
C LEU M 94 -30.36 -25.26 24.50
N SER M 95 -29.81 -26.31 25.10
CA SER M 95 -30.67 -27.38 25.59
C SER M 95 -29.83 -28.38 26.38
N HIS M 96 -30.44 -29.48 26.78
CA HIS M 96 -29.73 -30.53 27.49
C HIS M 96 -29.14 -31.38 26.41
N GLY M 97 -28.17 -32.21 26.78
CA GLY M 97 -27.56 -33.08 25.79
C GLY M 97 -26.72 -34.17 26.42
N ASP M 98 -26.20 -35.04 25.58
CA ASP M 98 -25.36 -36.14 26.03
C ASP M 98 -24.32 -36.38 24.94
N LYS M 99 -23.54 -37.46 25.06
CA LYS M 99 -22.49 -37.74 24.10
C LYS M 99 -22.96 -37.62 22.69
N GLY M 100 -22.46 -36.60 22.00
CA GLY M 100 -22.81 -36.39 20.60
C GLY M 100 -24.25 -36.04 20.26
N ILE M 101 -25.11 -35.95 21.27
CA ILE M 101 -26.49 -35.63 20.98
C ILE M 101 -27.03 -34.41 21.70
N ILE M 102 -28.21 -34.01 21.29
CA ILE M 102 -28.90 -32.87 21.85
C ILE M 102 -30.24 -33.43 22.28
N TYR M 103 -30.71 -33.00 23.42
CA TYR M 103 -31.98 -33.50 23.90
C TYR M 103 -33.10 -32.61 23.49
N GLY M 104 -34.16 -33.24 23.00
CA GLY M 104 -35.31 -32.47 22.61
C GLY M 104 -36.12 -32.23 23.86
N THR M 105 -36.83 -31.10 23.92
CA THR M 105 -37.63 -30.76 25.07
C THR M 105 -38.55 -31.90 25.51
N ASP M 106 -38.74 -32.88 24.64
CA ASP M 106 -39.60 -34.02 24.91
C ASP M 106 -38.79 -35.27 25.30
N GLY M 107 -37.50 -35.10 25.47
CA GLY M 107 -36.67 -36.24 25.84
C GLY M 107 -36.05 -37.00 24.70
N GLN M 108 -36.51 -36.75 23.48
CA GLN M 108 -35.95 -37.46 22.35
C GLN M 108 -34.56 -36.96 22.02
N GLU M 109 -33.79 -37.82 21.37
CA GLU M 109 -32.42 -37.50 21.01
C GLU M 109 -32.16 -37.07 19.58
N ALA M 110 -31.31 -36.07 19.43
CA ALA M 110 -30.94 -35.55 18.14
C ALA M 110 -29.43 -35.49 18.00
N PRO M 111 -28.87 -36.36 17.16
CA PRO M 111 -27.42 -36.41 16.93
C PRO M 111 -26.98 -35.07 16.34
N ILE M 112 -25.95 -34.49 16.92
CA ILE M 112 -25.48 -33.22 16.42
C ILE M 112 -25.09 -33.34 14.96
N TYR M 113 -24.68 -34.53 14.55
CA TYR M 113 -24.31 -34.72 13.17
C TYR M 113 -25.54 -34.53 12.26
N GLU M 114 -26.68 -35.10 12.68
CA GLU M 114 -27.91 -34.97 11.91
C GLU M 114 -28.26 -33.51 11.74
N LEU M 115 -27.99 -32.71 12.76
CA LEU M 115 -28.30 -31.31 12.67
C LEU M 115 -27.42 -30.57 11.67
N THR M 116 -26.12 -30.62 11.85
CA THR M 116 -25.23 -29.89 10.95
C THR M 116 -25.17 -30.40 9.53
N SER M 117 -25.41 -31.69 9.33
CA SER M 117 -25.32 -32.25 7.99
C SER M 117 -26.46 -31.79 7.09
N GLN M 118 -27.40 -31.09 7.71
CA GLN M 118 -28.54 -30.53 7.03
C GLN M 118 -28.14 -29.42 6.10
N PHE M 119 -26.97 -28.83 6.35
CA PHE M 119 -26.53 -27.70 5.56
C PHE M 119 -25.30 -27.88 4.71
N THR M 120 -25.05 -29.11 4.27
CA THR M 120 -23.91 -29.38 3.43
C THR M 120 -24.07 -28.59 2.13
N GLY M 121 -23.18 -28.83 1.17
CA GLY M 121 -23.27 -28.14 -0.10
C GLY M 121 -24.46 -28.62 -0.91
N LEU M 122 -24.64 -29.92 -0.99
CA LEU M 122 -25.75 -30.49 -1.73
C LEU M 122 -27.05 -30.08 -1.04
N LYS M 123 -27.18 -30.49 0.21
CA LYS M 123 -28.36 -30.18 1.00
C LYS M 123 -28.85 -28.74 0.91
N CYS M 124 -27.95 -27.78 0.70
CA CYS M 124 -28.35 -26.38 0.64
C CYS M 124 -27.40 -25.49 -0.18
N PRO M 125 -27.41 -25.67 -1.50
CA PRO M 125 -26.55 -24.90 -2.42
C PRO M 125 -26.52 -23.38 -2.22
N SER M 126 -27.59 -22.80 -1.69
CA SER M 126 -27.62 -21.35 -1.47
C SER M 126 -26.54 -20.92 -0.49
N LEU M 127 -26.04 -21.87 0.31
CA LEU M 127 -25.02 -21.57 1.31
C LEU M 127 -23.62 -22.02 0.92
N ALA M 128 -23.52 -22.80 -0.16
CA ALA M 128 -22.24 -23.30 -0.65
C ALA M 128 -21.15 -22.25 -0.66
N GLY M 129 -20.06 -22.50 0.06
CA GLY M 129 -18.97 -21.54 0.12
C GLY M 129 -19.22 -20.41 1.08
N LYS M 130 -20.19 -20.58 1.96
CA LYS M 130 -20.47 -19.56 2.95
C LYS M 130 -20.40 -20.17 4.35
N PRO M 131 -19.83 -19.43 5.29
CA PRO M 131 -19.73 -19.93 6.65
C PRO M 131 -21.05 -20.37 7.26
N LYS M 132 -21.08 -21.60 7.73
CA LYS M 132 -22.25 -22.16 8.39
C LYS M 132 -21.77 -22.46 9.82
N VAL M 133 -22.17 -21.63 10.77
CA VAL M 133 -21.77 -21.72 12.16
C VAL M 133 -22.80 -22.33 13.10
N PHE M 134 -22.39 -23.30 13.91
CA PHE M 134 -23.30 -23.87 14.91
C PHE M 134 -22.72 -23.78 16.30
N PHE M 135 -23.44 -23.14 17.20
CA PHE M 135 -23.01 -23.05 18.58
C PHE M 135 -23.93 -23.96 19.37
N ILE M 136 -23.36 -24.98 19.99
CA ILE M 136 -24.19 -25.88 20.77
C ILE M 136 -23.85 -25.81 22.26
N GLN M 137 -24.82 -25.38 23.07
CA GLN M 137 -24.62 -25.27 24.51
C GLN M 137 -25.48 -26.34 25.18
N ALA M 138 -24.82 -27.39 25.64
CA ALA M 138 -25.51 -28.50 26.31
C ALA M 138 -24.46 -29.42 26.92
N CYS M 139 -24.90 -30.44 27.62
CA CYS M 139 -23.94 -31.37 28.19
C CYS M 139 -23.66 -32.40 27.12
N GLN M 140 -22.53 -33.07 27.25
CA GLN M 140 -22.14 -34.11 26.31
C GLN M 140 -21.81 -35.36 27.12
N GLY M 141 -22.33 -35.40 28.34
CA GLY M 141 -22.11 -36.51 29.24
C GLY M 141 -22.33 -36.07 30.66
N ASP M 142 -22.23 -37.01 31.60
CA ASP M 142 -22.44 -36.70 33.01
C ASP M 142 -21.13 -36.63 33.80
N ASN M 143 -19.99 -36.65 33.11
CA ASN M 143 -18.71 -36.58 33.80
C ASN M 143 -18.27 -35.16 34.04
N TYR M 144 -17.48 -34.97 35.09
CA TYR M 144 -16.96 -33.66 35.44
C TYR M 144 -15.53 -33.51 34.96
N GLN M 145 -15.26 -32.48 34.18
CA GLN M 145 -13.92 -32.25 33.70
C GLN M 145 -13.14 -31.87 34.95
N LYS M 146 -12.09 -32.63 35.25
CA LYS M 146 -11.27 -32.36 36.41
C LYS M 146 -10.25 -31.26 36.11
N GLY M 147 -9.83 -30.56 37.18
CA GLY M 147 -8.88 -29.49 37.02
C GLY M 147 -7.47 -29.90 37.38
N ILE M 148 -6.49 -29.25 36.76
CA ILE M 148 -5.08 -29.54 37.01
C ILE M 148 -4.38 -28.19 37.25
N PRO M 149 -3.44 -28.15 38.20
CA PRO M 149 -2.69 -26.95 38.56
C PRO M 149 -1.57 -26.57 37.61
N VAL M 150 -1.36 -25.27 37.42
CA VAL M 150 -0.29 -24.79 36.55
C VAL M 150 0.13 -23.41 37.00
N GLU M 151 1.10 -22.82 36.28
CA GLU M 151 1.58 -21.48 36.59
C GLU M 151 0.74 -20.49 35.80
N THR M 152 0.35 -19.38 36.43
CA THR M 152 -0.48 -18.35 35.76
C THR M 152 -0.03 -18.03 34.31
N ASP M 153 -1.00 -18.15 33.40
CA ASP M 153 -0.86 -17.98 31.93
C ASP M 153 -0.51 -16.63 31.27
N THR N 1 -16.44 -20.52 -11.91
CA THR N 1 -16.93 -21.74 -11.17
C THR N 1 -15.79 -22.71 -10.80
N ARG N 2 -15.72 -23.07 -9.51
CA ARG N 2 -14.68 -23.97 -9.00
C ARG N 2 -15.28 -24.87 -7.89
N TYR N 3 -14.67 -26.04 -7.63
CA TYR N 3 -15.25 -26.94 -6.62
C TYR N 3 -14.58 -26.97 -5.24
N ILE N 4 -15.42 -27.12 -4.21
CA ILE N 4 -14.94 -27.24 -2.84
C ILE N 4 -15.71 -28.42 -2.28
N PRO N 5 -15.19 -29.07 -1.24
CA PRO N 5 -15.91 -30.22 -0.68
C PRO N 5 -17.28 -29.92 -0.06
N ASP N 6 -18.16 -30.93 -0.18
CA ASP N 6 -19.50 -30.89 0.32
C ASP N 6 -19.57 -30.33 1.74
N GLU N 7 -18.69 -30.82 2.62
CA GLU N 7 -18.66 -30.40 4.02
C GLU N 7 -17.76 -29.23 4.38
N ALA N 8 -17.36 -28.43 3.39
CA ALA N 8 -16.52 -27.27 3.67
C ALA N 8 -17.26 -26.16 4.42
N ASP N 9 -16.49 -25.16 4.82
CA ASP N 9 -17.01 -23.99 5.53
C ASP N 9 -17.95 -24.19 6.70
N PHE N 10 -17.58 -25.07 7.62
CA PHE N 10 -18.40 -25.28 8.80
C PHE N 10 -17.62 -24.84 10.03
N LEU N 11 -18.36 -24.43 11.05
CA LEU N 11 -17.74 -24.06 12.29
C LEU N 11 -18.68 -24.53 13.39
N LEU N 12 -18.26 -25.55 14.13
CA LEU N 12 -19.08 -26.08 15.22
C LEU N 12 -18.43 -25.67 16.52
N GLY N 13 -19.19 -25.01 17.37
CA GLY N 13 -18.66 -24.57 18.63
C GLY N 13 -19.34 -25.24 19.78
N MET N 14 -18.71 -26.31 20.27
CA MET N 14 -19.25 -27.05 21.41
C MET N 14 -18.88 -26.35 22.70
N ALA N 15 -19.78 -26.43 23.68
CA ALA N 15 -19.54 -25.80 24.98
C ALA N 15 -18.67 -26.68 25.86
N THR N 16 -18.60 -27.96 25.53
CA THR N 16 -17.82 -28.88 26.30
C THR N 16 -17.28 -30.04 25.47
N VAL N 17 -16.13 -30.58 25.89
CA VAL N 17 -15.55 -31.72 25.20
C VAL N 17 -16.53 -32.85 25.43
N ASN N 18 -16.33 -33.95 24.71
CA ASN N 18 -17.25 -35.07 24.86
C ASN N 18 -17.20 -35.70 26.25
N ASN N 19 -18.32 -36.29 26.65
CA ASN N 19 -18.48 -36.98 27.93
C ASN N 19 -18.61 -36.10 29.16
N CYS N 20 -18.54 -34.79 29.00
CA CYS N 20 -18.62 -33.94 30.17
C CYS N 20 -19.78 -32.99 30.23
N VAL N 21 -19.93 -32.34 31.36
CA VAL N 21 -21.02 -31.39 31.58
C VAL N 21 -20.58 -29.98 31.27
N SER N 22 -21.55 -29.10 31.00
CA SER N 22 -21.28 -27.69 30.78
C SER N 22 -22.15 -27.01 31.83
N TYR N 23 -21.77 -25.81 32.24
CA TYR N 23 -22.49 -25.13 33.31
C TYR N 23 -23.40 -23.97 32.93
N ARG N 24 -24.51 -23.91 33.66
CA ARG N 24 -25.53 -22.88 33.49
C ARG N 24 -25.88 -22.28 34.85
N ASN N 25 -25.73 -20.96 34.96
CA ASN N 25 -26.02 -20.23 36.19
C ASN N 25 -27.40 -19.58 36.02
N PRO N 26 -28.38 -20.03 36.82
CA PRO N 26 -29.75 -19.50 36.76
C PRO N 26 -29.81 -17.98 36.71
N ALA N 27 -28.86 -17.34 37.37
CA ALA N 27 -28.83 -15.88 37.40
C ALA N 27 -28.10 -15.18 36.27
N GLU N 28 -27.26 -15.88 35.51
CA GLU N 28 -26.57 -15.15 34.45
C GLU N 28 -26.26 -15.89 33.14
N GLY N 29 -26.78 -17.10 33.01
CA GLY N 29 -26.56 -17.85 31.79
C GLY N 29 -25.49 -18.90 31.88
N THR N 30 -25.20 -19.53 30.76
CA THR N 30 -24.18 -20.57 30.69
C THR N 30 -22.77 -19.94 30.59
N TRP N 31 -21.78 -20.62 31.14
CA TRP N 31 -20.41 -20.11 31.10
C TRP N 31 -20.03 -19.90 29.67
N TYR N 32 -20.36 -20.89 28.85
CA TYR N 32 -20.01 -20.82 27.44
C TYR N 32 -20.63 -19.65 26.68
N ILE N 33 -21.96 -19.65 26.57
CA ILE N 33 -22.65 -18.61 25.82
C ILE N 33 -22.31 -17.21 26.28
N GLN N 34 -22.42 -16.97 27.59
CA GLN N 34 -22.10 -15.65 28.12
C GLN N 34 -20.73 -15.21 27.65
N SER N 35 -19.75 -16.07 27.86
CA SER N 35 -18.38 -15.79 27.46
C SER N 35 -18.32 -15.52 25.94
N LEU N 36 -18.99 -16.38 25.17
CA LEU N 36 -19.00 -16.24 23.71
C LEU N 36 -19.43 -14.83 23.32
N CYS N 37 -20.56 -14.40 23.86
CA CYS N 37 -21.11 -13.08 23.58
C CYS N 37 -20.18 -11.98 24.04
N GLN N 38 -19.76 -12.06 25.31
CA GLN N 38 -18.84 -11.06 25.86
C GLN N 38 -17.70 -10.88 24.87
N SER N 39 -17.01 -11.99 24.61
CA SER N 39 -15.87 -11.96 23.72
C SER N 39 -16.25 -11.41 22.36
N LEU N 40 -17.36 -11.88 21.82
CA LEU N 40 -17.81 -11.41 20.52
C LEU N 40 -17.98 -9.90 20.47
N ARG N 41 -18.68 -9.36 21.46
CA ARG N 41 -18.93 -7.93 21.50
C ARG N 41 -17.71 -7.02 21.54
N GLU N 42 -16.66 -7.41 22.27
CA GLU N 42 -15.47 -6.56 22.33
C GLU N 42 -14.42 -6.90 21.27
N ARG N 43 -14.51 -8.09 20.67
CA ARG N 43 -13.56 -8.53 19.65
C ARG N 43 -13.91 -8.18 18.21
N CYS N 44 -15.10 -8.60 17.78
CA CYS N 44 -15.58 -8.35 16.41
C CYS N 44 -15.38 -6.90 16.00
N PRO N 45 -15.72 -5.96 16.89
CA PRO N 45 -15.53 -4.54 16.55
C PRO N 45 -14.09 -4.31 16.11
N ARG N 46 -13.16 -4.85 16.89
CA ARG N 46 -11.73 -4.72 16.60
C ARG N 46 -11.29 -5.47 15.35
N GLY N 47 -12.22 -6.18 14.72
CA GLY N 47 -11.90 -6.92 13.51
C GLY N 47 -11.29 -8.29 13.71
N ASP N 48 -11.39 -8.83 14.92
CA ASP N 48 -10.83 -10.14 15.21
C ASP N 48 -11.59 -11.29 14.57
N ASP N 49 -10.85 -12.32 14.16
CA ASP N 49 -11.44 -13.49 13.53
C ASP N 49 -12.16 -14.40 14.56
N ILE N 50 -13.12 -15.20 14.10
CA ILE N 50 -13.90 -16.06 14.99
C ILE N 50 -13.09 -17.09 15.76
N LEU N 51 -12.10 -17.70 15.10
CA LEU N 51 -11.27 -18.69 15.76
C LEU N 51 -10.55 -18.00 16.94
N THR N 52 -10.00 -16.82 16.68
CA THR N 52 -9.33 -16.07 17.74
C THR N 52 -10.32 -15.92 18.89
N ILE N 53 -11.50 -15.40 18.58
CA ILE N 53 -12.53 -15.19 19.57
C ILE N 53 -12.82 -16.48 20.33
N LEU N 54 -13.01 -17.56 19.59
CA LEU N 54 -13.29 -18.84 20.23
C LEU N 54 -12.16 -19.28 21.18
N THR N 55 -10.91 -18.99 20.81
CA THR N 55 -9.78 -19.33 21.64
C THR N 55 -9.86 -18.58 22.98
N GLU N 56 -10.18 -17.30 22.91
CA GLU N 56 -10.32 -16.47 24.11
C GLU N 56 -11.41 -17.09 24.99
N VAL N 57 -12.44 -17.62 24.35
CA VAL N 57 -13.53 -18.24 25.09
C VAL N 57 -12.95 -19.44 25.83
N ASN N 58 -12.13 -20.21 25.13
CA ASN N 58 -11.52 -21.37 25.75
C ASN N 58 -10.72 -20.97 26.98
N TYR N 59 -9.94 -19.90 26.84
CA TYR N 59 -9.13 -19.44 27.96
C TYR N 59 -10.06 -19.16 29.13
N GLU N 60 -10.93 -18.17 28.94
CA GLU N 60 -11.88 -17.74 29.95
C GLU N 60 -12.67 -18.83 30.65
N VAL N 61 -13.30 -19.72 29.87
CA VAL N 61 -14.09 -20.77 30.49
C VAL N 61 -13.23 -21.74 31.28
N SER N 62 -11.94 -21.78 30.97
CA SER N 62 -11.01 -22.66 31.69
C SER N 62 -10.77 -22.20 33.11
N ASN N 63 -10.68 -20.89 33.30
CA ASN N 63 -10.44 -20.33 34.61
C ASN N 63 -11.66 -20.46 35.49
N LYS N 64 -12.82 -20.70 34.90
CA LYS N 64 -14.04 -20.83 35.69
C LYS N 64 -14.03 -22.20 36.37
N ASP N 65 -14.80 -22.33 37.46
CA ASP N 65 -14.91 -23.60 38.15
C ASP N 65 -16.09 -23.70 39.12
N ASP N 66 -16.69 -24.88 39.18
CA ASP N 66 -17.83 -25.11 40.07
C ASP N 66 -17.20 -25.34 41.41
N LYS N 67 -17.52 -24.43 42.33
CA LYS N 67 -16.99 -24.49 43.68
C LYS N 67 -17.27 -25.84 44.33
N LYS N 68 -18.48 -26.37 44.13
CA LYS N 68 -18.82 -27.66 44.72
C LYS N 68 -17.97 -28.85 44.20
N ASN N 69 -18.55 -29.68 43.34
CA ASN N 69 -17.85 -30.86 42.81
C ASN N 69 -16.43 -30.66 42.30
N MET N 70 -15.88 -29.47 42.51
CA MET N 70 -14.51 -29.21 42.10
C MET N 70 -14.37 -29.58 40.63
N GLY N 71 -15.35 -29.16 39.84
CA GLY N 71 -15.36 -29.44 38.42
C GLY N 71 -15.02 -28.25 37.55
N LYS N 72 -14.77 -28.51 36.27
CA LYS N 72 -14.44 -27.48 35.31
C LYS N 72 -15.08 -27.75 33.96
N GLN N 73 -14.91 -26.83 33.02
CA GLN N 73 -15.52 -26.96 31.70
C GLN N 73 -14.53 -26.66 30.60
N MET N 74 -14.46 -27.52 29.58
CA MET N 74 -13.53 -27.31 28.48
C MET N 74 -14.25 -27.27 27.13
N PRO N 75 -14.40 -26.08 26.55
CA PRO N 75 -15.07 -25.85 25.25
C PRO N 75 -14.24 -26.45 24.14
N GLN N 76 -14.89 -26.84 23.04
CA GLN N 76 -14.13 -27.49 21.97
C GLN N 76 -14.61 -27.25 20.54
N PRO N 77 -14.10 -26.19 19.92
CA PRO N 77 -14.50 -25.91 18.54
C PRO N 77 -13.88 -26.85 17.53
N THR N 78 -14.58 -27.04 16.42
CA THR N 78 -14.10 -27.88 15.33
C THR N 78 -14.47 -27.13 14.07
N PHE N 79 -13.65 -27.20 13.04
CA PHE N 79 -14.02 -26.44 11.86
C PHE N 79 -13.47 -26.89 10.54
N THR N 80 -14.19 -26.54 9.48
CA THR N 80 -13.76 -26.85 8.13
C THR N 80 -13.70 -25.54 7.36
N LEU N 81 -13.71 -24.42 8.10
CA LEU N 81 -13.61 -23.09 7.50
C LEU N 81 -12.38 -22.98 6.59
N ARG N 82 -12.55 -22.40 5.40
CA ARG N 82 -11.43 -22.28 4.46
C ARG N 82 -10.93 -20.85 4.37
N LYS N 83 -11.52 -19.98 5.17
CA LYS N 83 -11.09 -18.59 5.18
C LYS N 83 -11.26 -18.11 6.60
N LYS N 84 -10.83 -16.89 6.85
CA LYS N 84 -10.97 -16.33 8.16
C LYS N 84 -12.40 -15.86 8.21
N LEU N 85 -13.09 -16.20 9.29
CA LEU N 85 -14.47 -15.77 9.42
C LEU N 85 -14.49 -14.56 10.35
N VAL N 86 -14.81 -13.40 9.81
CA VAL N 86 -14.87 -12.20 10.63
C VAL N 86 -16.24 -11.55 10.54
N PHE N 87 -16.70 -11.00 11.66
CA PHE N 87 -18.00 -10.35 11.74
C PHE N 87 -17.89 -8.86 11.96
N PRO N 88 -17.68 -8.10 10.87
CA PRO N 88 -17.55 -6.64 10.96
C PRO N 88 -18.77 -6.01 11.61
N SER N 89 -18.53 -4.89 12.28
CA SER N 89 -19.60 -4.18 12.98
C SER N 89 -19.81 -2.75 12.43
N ASP O 2 -24.84 -22.77 39.91
CA ASP O 2 -23.87 -23.70 39.35
C ASP O 2 -24.79 -24.95 39.06
N GLU O 3 -24.93 -25.33 37.74
CA GLU O 3 -25.79 -26.49 37.28
C GLU O 3 -25.28 -27.07 35.93
N VAL O 4 -25.38 -28.41 35.79
CA VAL O 4 -24.93 -29.15 34.54
C VAL O 4 -26.05 -29.32 33.50
N LEU P 1 -2.09 -7.95 22.21
CA LEU P 1 -2.48 -8.15 23.65
C LEU P 1 -3.20 -9.49 23.84
N ASP P 2 -3.02 -10.40 22.88
CA ASP P 2 -3.63 -11.73 22.96
C ASP P 2 -2.65 -12.67 23.66
N LYS P 3 -3.14 -13.53 24.56
CA LYS P 3 -2.28 -14.49 25.26
C LYS P 3 -1.65 -15.41 24.20
N VAL P 4 -0.41 -15.83 24.44
CA VAL P 4 0.26 -16.73 23.49
C VAL P 4 1.03 -17.81 24.22
N TYR P 5 1.14 -18.98 23.59
CA TYR P 5 1.88 -20.07 24.18
C TYR P 5 3.35 -19.75 24.05
N GLN P 6 4.06 -19.86 25.17
CA GLN P 6 5.49 -19.62 25.20
C GLN P 6 6.18 -20.64 24.29
N MET P 7 7.14 -20.19 23.51
CA MET P 7 7.85 -21.06 22.59
C MET P 7 9.32 -20.67 22.40
N LYS P 8 10.09 -20.71 23.49
CA LYS P 8 11.51 -20.38 23.44
C LYS P 8 12.34 -21.64 23.65
N SER P 9 11.94 -22.45 24.63
CA SER P 9 12.60 -23.71 24.96
C SER P 9 13.64 -24.26 23.97
N LYS P 10 14.85 -24.47 24.50
CA LYS P 10 16.02 -24.99 23.77
C LYS P 10 15.67 -25.99 22.67
N PRO P 11 15.02 -27.12 23.04
CA PRO P 11 14.67 -28.04 21.94
C PRO P 11 13.17 -27.92 21.60
N ARG P 12 12.48 -26.97 22.23
CA ARG P 12 11.03 -26.77 22.03
C ARG P 12 10.21 -27.92 22.62
N GLY P 13 10.47 -29.13 22.10
CA GLY P 13 9.78 -30.33 22.56
C GLY P 13 9.99 -31.43 21.54
N TYR P 14 9.51 -32.62 21.85
CA TYR P 14 9.66 -33.70 20.91
C TYR P 14 8.57 -33.64 19.85
N CYS P 15 8.82 -34.27 18.72
CA CYS P 15 7.85 -34.31 17.65
C CYS P 15 7.87 -35.73 17.11
N LEU P 16 7.05 -36.61 17.67
CA LEU P 16 7.01 -37.99 17.19
C LEU P 16 6.53 -38.00 15.76
N ILE P 17 6.71 -39.14 15.12
CA ILE P 17 6.25 -39.32 13.77
C ILE P 17 6.06 -40.80 13.56
N ILE P 18 4.87 -41.30 13.82
CA ILE P 18 4.61 -42.71 13.60
C ILE P 18 4.37 -42.75 12.11
N ASN P 19 5.29 -43.36 11.37
CA ASN P 19 5.20 -43.45 9.91
C ASN P 19 4.92 -44.88 9.48
N ASN P 20 3.68 -45.19 9.15
CA ASN P 20 3.33 -46.54 8.72
C ASN P 20 3.27 -46.64 7.21
N HIS P 21 4.04 -47.58 6.66
CA HIS P 21 4.11 -47.79 5.23
C HIS P 21 3.76 -49.23 4.81
N ASN P 22 4.55 -50.19 5.27
CA ASN P 22 4.37 -51.60 4.92
C ASN P 22 3.26 -52.31 5.69
N PHE P 23 2.04 -52.31 5.15
CA PHE P 23 0.93 -52.96 5.82
C PHE P 23 0.79 -54.44 5.49
N ALA P 24 1.94 -55.11 5.42
CA ALA P 24 1.95 -56.53 5.10
C ALA P 24 1.04 -57.44 5.96
N LYS P 25 1.25 -57.46 7.27
CA LYS P 25 0.46 -58.34 8.15
C LYS P 25 -1.05 -58.16 8.13
N ALA P 26 -1.49 -56.90 8.15
CA ALA P 26 -2.92 -56.58 8.14
C ALA P 26 -3.64 -57.60 7.24
N ARG P 27 -3.00 -57.87 6.11
CA ARG P 27 -3.47 -58.82 5.14
C ARG P 27 -3.01 -60.18 5.64
N GLU P 28 -3.59 -60.61 6.76
CA GLU P 28 -3.27 -61.91 7.34
C GLU P 28 -4.09 -62.29 8.60
N LYS P 29 -4.19 -61.38 9.56
CA LYS P 29 -4.97 -61.66 10.77
C LYS P 29 -6.32 -60.96 10.70
N VAL P 30 -6.39 -59.96 9.83
CA VAL P 30 -7.64 -59.22 9.62
C VAL P 30 -8.18 -59.69 8.27
N PRO P 31 -8.98 -60.77 8.28
CA PRO P 31 -9.53 -61.25 7.01
C PRO P 31 -10.15 -60.03 6.34
N LYS P 32 -11.09 -59.44 7.07
CA LYS P 32 -11.83 -58.25 6.66
C LYS P 32 -10.91 -57.04 6.48
N LEU P 33 -9.92 -57.21 5.61
CA LEU P 33 -8.96 -56.18 5.32
C LEU P 33 -8.01 -56.78 4.30
N HIS P 34 -8.60 -57.37 3.26
CA HIS P 34 -7.82 -58.00 2.22
C HIS P 34 -7.15 -56.99 1.30
N SER P 35 -6.03 -57.40 0.72
CA SER P 35 -5.21 -56.59 -0.18
C SER P 35 -5.17 -55.08 0.16
N ILE P 36 -4.76 -54.75 1.40
CA ILE P 36 -4.65 -53.36 1.84
C ILE P 36 -3.36 -52.72 1.28
N ARG P 37 -3.50 -51.57 0.66
CA ARG P 37 -2.38 -50.84 0.05
C ARG P 37 -1.20 -50.43 0.95
N ASP P 38 0.05 -50.63 0.51
CA ASP P 38 1.12 -50.06 1.31
C ASP P 38 1.04 -48.57 0.98
N ARG P 39 1.27 -47.75 2.00
CA ARG P 39 1.18 -46.30 1.85
C ARG P 39 2.39 -45.67 1.16
N ASN P 40 2.57 -46.02 -0.11
CA ASN P 40 3.67 -45.46 -0.88
C ASN P 40 3.68 -43.95 -0.93
N GLY P 41 4.72 -43.34 -0.36
CA GLY P 41 4.83 -41.89 -0.36
C GLY P 41 4.98 -41.32 1.03
N THR P 42 4.52 -42.06 2.06
CA THR P 42 4.60 -41.61 3.46
C THR P 42 5.93 -40.93 3.68
N HIS P 43 6.96 -41.63 3.20
CA HIS P 43 8.34 -41.22 3.28
C HIS P 43 8.46 -39.73 3.01
N LEU P 44 7.83 -39.28 1.93
CA LEU P 44 7.87 -37.86 1.60
C LEU P 44 7.27 -36.99 2.71
N ASP P 45 6.18 -37.47 3.32
CA ASP P 45 5.54 -36.73 4.41
C ASP P 45 6.52 -36.64 5.58
N ALA P 46 6.97 -37.82 6.01
CA ALA P 46 7.92 -37.95 7.10
C ALA P 46 9.09 -36.99 6.85
N GLY P 47 9.63 -37.03 5.63
CA GLY P 47 10.73 -36.15 5.31
C GLY P 47 10.35 -34.70 5.55
N ALA P 48 9.30 -34.28 4.84
CA ALA P 48 8.79 -32.93 4.92
C ALA P 48 8.54 -32.50 6.37
N LEU P 49 7.86 -33.35 7.12
CA LEU P 49 7.57 -33.08 8.52
C LEU P 49 8.88 -32.81 9.27
N THR P 50 9.80 -33.78 9.17
CA THR P 50 11.12 -33.69 9.84
C THR P 50 11.79 -32.36 9.54
N THR P 51 11.91 -32.05 8.26
CA THR P 51 12.54 -30.80 7.83
C THR P 51 11.84 -29.60 8.44
N THR P 52 10.53 -29.55 8.23
CA THR P 52 9.72 -28.45 8.71
C THR P 52 9.81 -28.20 10.20
N PHE P 53 9.53 -29.24 10.99
CA PHE P 53 9.58 -29.06 12.42
C PHE P 53 10.99 -28.96 12.98
N GLU P 54 11.94 -29.51 12.23
CA GLU P 54 13.34 -29.42 12.63
C GLU P 54 13.64 -27.91 12.54
N GLU P 55 13.28 -27.31 11.40
CA GLU P 55 13.51 -25.88 11.19
C GLU P 55 12.80 -25.03 12.26
N LEU P 56 11.75 -25.58 12.87
CA LEU P 56 11.02 -24.88 13.91
C LEU P 56 11.59 -25.14 15.28
N HIS P 57 12.73 -25.83 15.29
CA HIS P 57 13.47 -26.18 16.50
C HIS P 57 12.85 -27.27 17.35
N PHE P 58 12.33 -28.31 16.70
CA PHE P 58 11.73 -29.44 17.41
C PHE P 58 12.62 -30.66 17.25
N GLU P 59 12.65 -31.52 18.26
CA GLU P 59 13.48 -32.71 18.16
C GLU P 59 12.65 -33.83 17.60
N ILE P 60 12.85 -34.09 16.31
CA ILE P 60 12.12 -35.14 15.61
C ILE P 60 12.43 -36.52 16.17
N LYS P 61 11.42 -37.39 16.20
CA LYS P 61 11.59 -38.74 16.73
C LYS P 61 10.78 -39.73 15.89
N PRO P 62 11.32 -40.10 14.72
CA PRO P 62 10.67 -41.03 13.80
C PRO P 62 10.52 -42.43 14.37
N HIS P 63 9.59 -43.18 13.77
CA HIS P 63 9.27 -44.56 14.12
C HIS P 63 8.60 -45.10 12.87
N HIS P 64 9.00 -46.28 12.42
CA HIS P 64 8.43 -46.81 11.20
C HIS P 64 7.68 -48.12 11.34
N ASP P 65 6.66 -48.26 10.49
CA ASP P 65 5.83 -49.45 10.45
C ASP P 65 5.50 -50.01 11.84
N CYS P 66 5.04 -49.13 12.72
CA CYS P 66 4.70 -49.55 14.07
C CYS P 66 3.34 -50.24 14.07
N THR P 67 3.16 -51.21 14.95
CA THR P 67 1.87 -51.88 15.08
C THR P 67 1.14 -51.13 16.17
N VAL P 68 -0.13 -51.46 16.38
CA VAL P 68 -0.91 -50.79 17.42
C VAL P 68 -0.14 -50.93 18.72
N GLU P 69 0.27 -52.17 18.99
CA GLU P 69 1.03 -52.49 20.19
C GLU P 69 2.18 -51.51 20.34
N GLN P 70 2.99 -51.46 19.31
CA GLN P 70 4.15 -50.59 19.30
C GLN P 70 3.83 -49.10 19.49
N ILE P 71 2.73 -48.66 18.87
CA ILE P 71 2.33 -47.26 18.96
C ILE P 71 2.04 -46.93 20.41
N TYR P 72 1.14 -47.69 21.01
CA TYR P 72 0.81 -47.46 22.40
C TYR P 72 2.09 -47.37 23.24
N GLU P 73 2.99 -48.33 23.02
CA GLU P 73 4.27 -48.37 23.72
C GLU P 73 5.02 -47.07 23.59
N ILE P 74 5.19 -46.62 22.35
CA ILE P 74 5.89 -45.37 22.08
C ILE P 74 5.26 -44.17 22.78
N LEU P 75 3.94 -44.10 22.77
CA LEU P 75 3.26 -43.00 23.42
C LEU P 75 3.43 -43.11 24.93
N LYS P 76 3.41 -44.33 25.43
CA LYS P 76 3.58 -44.54 26.87
C LYS P 76 4.89 -43.91 27.33
N ILE P 77 5.94 -44.12 26.54
CA ILE P 77 7.23 -43.55 26.87
C ILE P 77 7.15 -42.03 27.00
N TYR P 78 6.69 -41.38 25.94
CA TYR P 78 6.62 -39.94 25.99
C TYR P 78 5.61 -39.46 26.99
N GLN P 79 4.62 -40.31 27.26
CA GLN P 79 3.63 -39.93 28.22
C GLN P 79 4.30 -39.80 29.57
N LEU P 80 5.27 -40.69 29.80
CA LEU P 80 5.98 -40.74 31.07
C LEU P 80 7.24 -39.92 31.15
N MET P 81 7.64 -39.32 30.04
CA MET P 81 8.83 -38.49 30.09
C MET P 81 8.57 -37.22 30.87
N ASP P 82 9.62 -36.48 31.16
CA ASP P 82 9.47 -35.23 31.88
C ASP P 82 9.70 -34.12 30.86
N HIS P 83 8.62 -33.41 30.51
CA HIS P 83 8.68 -32.35 29.52
C HIS P 83 8.87 -30.98 30.17
N SER P 84 9.25 -30.94 31.44
CA SER P 84 9.41 -29.68 32.15
C SER P 84 10.19 -28.59 31.45
N ASN P 85 11.20 -28.96 30.67
CA ASN P 85 12.00 -27.96 29.98
C ASN P 85 11.61 -27.85 28.54
N MET P 86 10.39 -28.29 28.26
CA MET P 86 9.85 -28.25 26.91
C MET P 86 8.62 -27.35 26.88
N ASP P 87 8.44 -26.64 25.77
CA ASP P 87 7.31 -25.71 25.65
C ASP P 87 6.13 -26.27 24.88
N CYS P 88 6.37 -27.34 24.13
CA CYS P 88 5.34 -27.94 23.32
C CYS P 88 5.63 -29.41 23.03
N PHE P 89 4.60 -30.15 22.64
CA PHE P 89 4.74 -31.56 22.27
C PHE P 89 3.93 -31.79 20.99
N ILE P 90 4.49 -32.53 20.05
CA ILE P 90 3.80 -32.79 18.79
C ILE P 90 3.92 -34.25 18.42
N CYS P 91 2.81 -34.82 17.96
CA CYS P 91 2.79 -36.22 17.54
C CYS P 91 2.09 -36.33 16.19
N CYS P 92 2.82 -36.80 15.19
CA CYS P 92 2.25 -36.96 13.85
C CYS P 92 2.06 -38.42 13.58
N ILE P 93 0.94 -38.78 12.98
CA ILE P 93 0.68 -40.18 12.69
C ILE P 93 0.26 -40.29 11.24
N LEU P 94 1.07 -41.02 10.47
CA LEU P 94 0.83 -41.26 9.05
C LEU P 94 0.52 -42.74 8.95
N SER P 95 -0.69 -43.08 8.56
CA SER P 95 -1.06 -44.49 8.47
C SER P 95 -2.44 -44.61 7.86
N HIS P 96 -2.96 -45.83 7.81
CA HIS P 96 -4.30 -46.05 7.31
C HIS P 96 -5.20 -45.84 8.49
N GLY P 97 -6.49 -45.65 8.22
CA GLY P 97 -7.42 -45.44 9.30
C GLY P 97 -8.86 -45.58 8.87
N ASP P 98 -9.76 -45.50 9.83
CA ASP P 98 -11.19 -45.59 9.59
C ASP P 98 -11.90 -44.65 10.58
N LYS P 99 -13.22 -44.71 10.63
CA LYS P 99 -13.99 -43.83 11.51
C LYS P 99 -13.42 -43.78 12.91
N GLY P 100 -12.86 -42.63 13.27
CA GLY P 100 -12.30 -42.43 14.60
C GLY P 100 -11.09 -43.26 15.00
N ILE P 101 -10.59 -44.12 14.12
CA ILE P 101 -9.46 -44.94 14.48
C ILE P 101 -8.28 -44.81 13.53
N ILE P 102 -7.18 -45.41 13.96
CA ILE P 102 -5.95 -45.41 13.21
C ILE P 102 -5.62 -46.87 13.11
N TYR P 103 -5.13 -47.26 11.94
CA TYR P 103 -4.77 -48.65 11.73
C TYR P 103 -3.33 -48.89 12.04
N GLY P 104 -3.09 -49.96 12.79
CA GLY P 104 -1.73 -50.34 13.13
C GLY P 104 -1.21 -51.12 11.93
N THR P 105 0.10 -51.02 11.69
CA THR P 105 0.72 -51.71 10.57
C THR P 105 0.35 -53.21 10.53
N ASP P 106 -0.17 -53.72 11.66
CA ASP P 106 -0.56 -55.12 11.78
C ASP P 106 -2.07 -55.33 11.62
N GLY P 107 -2.77 -54.25 11.27
CA GLY P 107 -4.21 -54.36 11.08
C GLY P 107 -5.05 -54.04 12.30
N GLN P 108 -4.42 -53.97 13.47
CA GLN P 108 -5.17 -53.68 14.68
C GLN P 108 -5.59 -52.20 14.71
N GLU P 109 -6.66 -51.95 15.44
CA GLU P 109 -7.22 -50.63 15.55
C GLU P 109 -6.87 -49.83 16.79
N ALA P 110 -6.59 -48.56 16.57
CA ALA P 110 -6.27 -47.67 17.67
C ALA P 110 -7.17 -46.44 17.61
N PRO P 111 -8.07 -46.30 18.58
CA PRO P 111 -8.98 -45.16 18.64
C PRO P 111 -8.14 -43.88 18.83
N ILE P 112 -8.39 -42.88 18.01
CA ILE P 112 -7.63 -41.67 18.11
C ILE P 112 -7.79 -41.09 19.50
N TYR P 113 -8.90 -41.38 20.16
CA TYR P 113 -9.13 -40.86 21.50
C TYR P 113 -8.11 -41.46 22.46
N GLU P 114 -7.89 -42.76 22.34
CA GLU P 114 -6.92 -43.46 23.19
C GLU P 114 -5.55 -42.84 23.03
N LEU P 115 -5.23 -42.42 21.82
CA LEU P 115 -3.93 -41.83 21.60
C LEU P 115 -3.80 -40.47 22.28
N THR P 116 -4.65 -39.52 21.94
CA THR P 116 -4.54 -38.18 22.54
C THR P 116 -4.83 -38.07 24.00
N SER P 117 -5.63 -38.99 24.54
CA SER P 117 -5.97 -38.92 25.98
C SER P 117 -4.79 -39.31 26.87
N GLN P 118 -3.73 -39.77 26.20
CA GLN P 118 -2.51 -40.19 26.85
C GLN P 118 -1.78 -38.99 27.44
N PHE P 119 -2.06 -37.81 26.91
CA PHE P 119 -1.36 -36.63 27.35
C PHE P 119 -2.17 -35.55 28.05
N THR P 120 -3.21 -35.97 28.76
CA THR P 120 -4.04 -35.03 29.50
C THR P 120 -3.17 -34.41 30.59
N GLY P 121 -3.79 -33.61 31.45
CA GLY P 121 -3.05 -32.97 32.52
C GLY P 121 -2.58 -33.96 33.56
N LEU P 122 -3.46 -34.86 33.99
CA LEU P 122 -3.12 -35.88 34.95
C LEU P 122 -2.10 -36.83 34.34
N LYS P 123 -2.47 -37.45 33.24
CA LYS P 123 -1.60 -38.38 32.54
C LYS P 123 -0.14 -37.92 32.33
N CYS P 124 0.07 -36.61 32.20
CA CYS P 124 1.44 -36.09 31.97
C CYS P 124 1.61 -34.64 32.41
N PRO P 125 1.66 -34.40 33.74
CA PRO P 125 1.82 -33.08 34.33
C PRO P 125 2.95 -32.20 33.77
N SER P 126 3.99 -32.81 33.23
CA SER P 126 5.09 -32.04 32.66
C SER P 126 4.61 -31.19 31.48
N LEU P 127 3.48 -31.55 30.87
CA LEU P 127 2.96 -30.81 29.73
C LEU P 127 1.78 -29.90 30.05
N ALA P 128 1.25 -30.02 31.28
CA ALA P 128 0.12 -29.21 31.73
C ALA P 128 0.26 -27.74 31.34
N GLY P 129 -0.70 -27.22 30.60
CA GLY P 129 -0.65 -25.83 30.19
C GLY P 129 0.26 -25.58 28.99
N LYS P 130 0.65 -26.66 28.31
CA LYS P 130 1.49 -26.52 27.14
C LYS P 130 0.80 -27.17 25.95
N PRO P 131 0.89 -26.53 24.79
CA PRO P 131 0.28 -27.08 23.59
C PRO P 131 0.68 -28.50 23.27
N LYS P 132 -0.32 -29.36 23.12
CA LYS P 132 -0.13 -30.75 22.75
C LYS P 132 -0.83 -30.89 21.39
N VAL P 133 -0.04 -30.95 20.33
CA VAL P 133 -0.54 -31.03 18.96
C VAL P 133 -0.48 -32.41 18.32
N PHE P 134 -1.59 -32.86 17.74
CA PHE P 134 -1.58 -34.14 17.03
C PHE P 134 -2.05 -33.98 15.59
N PHE P 135 -1.23 -34.39 14.65
CA PHE P 135 -1.61 -34.33 13.26
C PHE P 135 -1.84 -35.76 12.85
N ILE P 136 -3.05 -36.08 12.41
CA ILE P 136 -3.31 -37.43 11.98
C ILE P 136 -3.66 -37.46 10.51
N GLN P 137 -2.84 -38.16 9.72
CA GLN P 137 -3.07 -38.30 8.28
C GLN P 137 -3.44 -39.75 7.98
N ALA P 138 -4.72 -39.96 7.74
CA ALA P 138 -5.23 -41.30 7.45
C ALA P 138 -6.66 -41.17 6.98
N CYS P 139 -7.25 -42.28 6.60
CA CYS P 139 -8.64 -42.24 6.17
C CYS P 139 -9.48 -42.34 7.43
N GLN P 140 -10.72 -41.88 7.34
CA GLN P 140 -11.67 -41.96 8.44
C GLN P 140 -12.94 -42.65 7.94
N GLY P 141 -12.82 -43.37 6.83
CA GLY P 141 -13.93 -44.06 6.23
C GLY P 141 -13.62 -44.30 4.77
N ASP P 142 -14.51 -45.00 4.09
CA ASP P 142 -14.31 -45.33 2.68
C ASP P 142 -15.16 -44.46 1.74
N ASN P 143 -15.78 -43.42 2.28
CA ASN P 143 -16.63 -42.58 1.45
C ASN P 143 -15.83 -41.46 0.81
N TYR P 144 -16.33 -40.98 -0.33
CA TYR P 144 -15.66 -39.90 -1.03
C TYR P 144 -16.39 -38.60 -0.76
N GLN P 145 -15.65 -37.60 -0.31
CA GLN P 145 -16.25 -36.31 -0.05
C GLN P 145 -16.58 -35.78 -1.45
N LYS P 146 -17.87 -35.48 -1.66
CA LYS P 146 -18.32 -34.97 -2.95
C LYS P 146 -18.05 -33.48 -3.05
N GLY P 147 -17.91 -32.99 -4.28
CA GLY P 147 -17.65 -31.58 -4.52
C GLY P 147 -18.90 -30.82 -4.92
N ILE P 148 -18.92 -29.54 -4.60
CA ILE P 148 -20.05 -28.69 -4.94
C ILE P 148 -19.48 -27.42 -5.57
N PRO P 149 -20.16 -26.90 -6.61
CA PRO P 149 -19.74 -25.69 -7.33
C PRO P 149 -20.04 -24.38 -6.61
N VAL P 150 -19.13 -23.42 -6.78
CA VAL P 150 -19.30 -22.10 -6.18
C VAL P 150 -18.58 -21.05 -7.00
N GLU P 151 -18.75 -19.81 -6.54
CA GLU P 151 -18.16 -18.65 -7.17
C GLU P 151 -16.68 -18.70 -6.78
N THR P 152 -15.91 -17.67 -7.14
CA THR P 152 -14.49 -17.64 -6.81
C THR P 152 -14.20 -16.78 -5.58
N ASP P 153 -13.27 -17.30 -4.77
CA ASP P 153 -12.82 -16.69 -3.52
C ASP P 153 -11.64 -15.73 -3.71
N THR Q 1 -0.34 -20.51 39.39
CA THR Q 1 -0.63 -21.77 40.16
C THR Q 1 -2.13 -22.12 40.18
N ARG Q 2 -2.88 -21.43 39.33
CA ARG Q 2 -4.33 -21.66 39.23
C ARG Q 2 -4.59 -22.95 38.48
N TYR Q 3 -5.87 -23.26 38.27
CA TYR Q 3 -6.30 -24.50 37.57
C TYR Q 3 -6.91 -24.32 36.19
N ILE Q 4 -6.63 -25.30 35.32
CA ILE Q 4 -7.19 -25.32 33.98
C ILE Q 4 -7.70 -26.75 33.82
N PRO Q 5 -8.66 -26.98 32.91
CA PRO Q 5 -9.16 -28.35 32.75
C PRO Q 5 -8.17 -29.39 32.24
N ASP Q 6 -8.38 -30.62 32.71
CA ASP Q 6 -7.56 -31.77 32.36
C ASP Q 6 -7.27 -31.87 30.86
N GLU Q 7 -8.30 -31.66 30.03
CA GLU Q 7 -8.16 -31.74 28.59
C GLU Q 7 -7.86 -30.45 27.84
N ALA Q 8 -7.40 -29.42 28.56
CA ALA Q 8 -7.07 -28.16 27.90
C ALA Q 8 -5.83 -28.25 26.98
N ASP Q 9 -5.57 -27.16 26.26
CA ASP Q 9 -4.44 -27.06 25.36
C ASP Q 9 -4.16 -28.20 24.39
N PHE Q 10 -5.18 -28.66 23.70
CA PHE Q 10 -4.97 -29.69 22.70
C PHE Q 10 -5.28 -29.13 21.32
N LEU Q 11 -4.64 -29.71 20.32
CA LEU Q 11 -4.89 -29.32 18.95
C LEU Q 11 -4.79 -30.59 18.12
N LEU Q 12 -5.93 -31.04 17.62
CA LEU Q 12 -5.98 -32.23 16.80
C LEU Q 12 -6.22 -31.80 15.37
N GLY Q 13 -5.34 -32.22 14.47
CA GLY Q 13 -5.48 -31.83 13.09
C GLY Q 13 -5.73 -33.05 12.24
N MET Q 14 -7.00 -33.29 11.93
CA MET Q 14 -7.38 -34.41 11.09
C MET Q 14 -7.22 -34.02 9.63
N ALA Q 15 -6.86 -35.01 8.80
CA ALA Q 15 -6.66 -34.78 7.37
C ALA Q 15 -8.00 -34.82 6.63
N THR Q 16 -8.99 -35.44 7.27
CA THR Q 16 -10.32 -35.56 6.67
C THR Q 16 -11.43 -35.62 7.70
N VAL Q 17 -12.61 -35.15 7.30
CA VAL Q 17 -13.77 -35.20 8.17
C VAL Q 17 -14.08 -36.68 8.35
N ASN Q 18 -14.93 -37.00 9.31
CA ASN Q 18 -15.25 -38.40 9.54
C ASN Q 18 -15.96 -39.07 8.34
N ASN Q 19 -15.76 -40.38 8.23
CA ASN Q 19 -16.34 -41.21 7.19
C ASN Q 19 -15.73 -41.10 5.80
N CYS Q 20 -14.77 -40.22 5.62
CA CYS Q 20 -14.19 -40.06 4.29
C CYS Q 20 -12.73 -40.45 4.14
N VAL Q 21 -12.27 -40.46 2.89
CA VAL Q 21 -10.90 -40.81 2.59
C VAL Q 21 -10.04 -39.56 2.47
N SER Q 22 -8.73 -39.74 2.64
CA SER Q 22 -7.78 -38.66 2.47
C SER Q 22 -6.85 -39.19 1.37
N TYR Q 23 -6.21 -38.30 0.64
CA TYR Q 23 -5.36 -38.70 -0.47
C TYR Q 23 -3.85 -38.61 -0.28
N ARG Q 24 -3.19 -39.62 -0.87
CA ARG Q 24 -1.74 -39.78 -0.84
C ARG Q 24 -1.24 -40.03 -2.27
N ASN Q 25 -0.33 -39.17 -2.72
CA ASN Q 25 0.26 -39.26 -4.05
C ASN Q 25 1.63 -39.91 -3.90
N PRO Q 26 1.79 -41.13 -4.43
CA PRO Q 26 3.06 -41.87 -4.34
C PRO Q 26 4.28 -41.01 -4.66
N ALA Q 27 4.11 -40.06 -5.56
CA ALA Q 27 5.20 -39.19 -5.98
C ALA Q 27 5.44 -37.92 -5.15
N GLU Q 28 4.49 -37.50 -4.32
CA GLU Q 28 4.75 -36.28 -3.55
C GLU Q 28 4.15 -36.16 -2.15
N GLY Q 29 3.56 -37.25 -1.66
CA GLY Q 29 2.99 -37.23 -0.32
C GLY Q 29 1.49 -37.03 -0.29
N THR Q 30 0.95 -36.91 0.93
CA THR Q 30 -0.48 -36.71 1.13
C THR Q 30 -0.84 -35.24 0.91
N TRP Q 31 -2.06 -35.00 0.43
CA TRP Q 31 -2.50 -33.64 0.18
C TRP Q 31 -2.38 -32.86 1.47
N TYR Q 32 -2.84 -33.49 2.55
CA TYR Q 32 -2.84 -32.84 3.84
C TYR Q 32 -1.46 -32.45 4.37
N ILE Q 33 -0.62 -33.46 4.61
CA ILE Q 33 0.70 -33.20 5.15
C ILE Q 33 1.51 -32.21 4.32
N GLN Q 34 1.60 -32.47 3.03
CA GLN Q 34 2.36 -31.60 2.15
C GLN Q 34 1.90 -30.16 2.34
N SER Q 35 0.61 -29.97 2.22
CA SER Q 35 0.04 -28.64 2.38
C SER Q 35 0.39 -28.08 3.76
N LEU Q 36 0.26 -28.92 4.79
CA LEU Q 36 0.54 -28.50 6.16
C LEU Q 36 1.94 -27.90 6.23
N CYS Q 37 2.91 -28.66 5.75
CA CYS Q 37 4.31 -28.25 5.77
C CYS Q 37 4.53 -26.98 4.94
N GLN Q 38 4.02 -27.01 3.70
CA GLN Q 38 4.16 -25.84 2.82
C GLN Q 38 3.72 -24.61 3.58
N SER Q 39 2.47 -24.65 4.03
CA SER Q 39 1.89 -23.53 4.75
C SER Q 39 2.74 -23.17 5.96
N LEU Q 40 3.13 -24.20 6.71
CA LEU Q 40 3.93 -23.96 7.91
C LEU Q 40 5.21 -23.17 7.60
N ARG Q 41 5.94 -23.65 6.61
CA ARG Q 41 7.19 -23.02 6.26
C ARG Q 41 7.12 -21.55 5.85
N GLU Q 42 6.08 -21.15 5.13
CA GLU Q 42 5.99 -19.75 4.72
C GLU Q 42 5.21 -18.88 5.71
N ARG Q 43 4.44 -19.51 6.59
CA ARG Q 43 3.63 -18.78 7.57
C ARG Q 43 4.30 -18.50 8.89
N CYS Q 44 4.77 -19.57 9.55
CA CYS Q 44 5.42 -19.45 10.85
C CYS Q 44 6.46 -18.35 10.87
N PRO Q 45 7.29 -18.27 9.83
CA PRO Q 45 8.32 -17.23 9.78
C PRO Q 45 7.67 -15.87 9.98
N ARG Q 46 6.57 -15.64 9.27
CA ARG Q 46 5.81 -14.40 9.34
C ARG Q 46 5.10 -14.20 10.68
N GLY Q 47 5.22 -15.18 11.57
CA GLY Q 47 4.61 -15.09 12.88
C GLY Q 47 3.15 -15.46 12.95
N ASP Q 48 2.64 -16.14 11.94
CA ASP Q 48 1.22 -16.54 11.91
C ASP Q 48 0.90 -17.63 12.90
N ASP Q 49 -0.32 -17.57 13.45
CA ASP Q 49 -0.79 -18.56 14.41
C ASP Q 49 -1.16 -19.88 13.73
N ILE Q 50 -1.13 -20.98 14.49
CA ILE Q 50 -1.40 -22.31 13.92
C ILE Q 50 -2.81 -22.46 13.34
N LEU Q 51 -3.81 -21.90 14.02
CA LEU Q 51 -5.19 -21.98 13.53
C LEU Q 51 -5.24 -21.31 12.16
N THR Q 52 -4.64 -20.13 12.05
CA THR Q 52 -4.60 -19.44 10.78
C THR Q 52 -4.01 -20.38 9.75
N ILE Q 53 -2.84 -20.93 10.06
CA ILE Q 53 -2.16 -21.86 9.16
C ILE Q 53 -3.08 -23.02 8.78
N LEU Q 54 -3.70 -23.62 9.78
CA LEU Q 54 -4.59 -24.74 9.51
C LEU Q 54 -5.75 -24.36 8.59
N THR Q 55 -6.25 -23.12 8.74
CA THR Q 55 -7.33 -22.63 7.90
C THR Q 55 -6.87 -22.60 6.43
N GLU Q 56 -5.67 -22.09 6.20
CA GLU Q 56 -5.09 -22.00 4.85
C GLU Q 56 -4.98 -23.42 4.28
N VAL Q 57 -4.68 -24.37 5.15
CA VAL Q 57 -4.58 -25.74 4.70
C VAL Q 57 -5.95 -26.18 4.21
N ASN Q 58 -6.98 -25.82 4.98
CA ASN Q 58 -8.33 -26.18 4.62
C ASN Q 58 -8.67 -25.63 3.23
N TYR Q 59 -8.33 -24.36 3.02
CA TYR Q 59 -8.61 -23.72 1.74
C TYR Q 59 -7.96 -24.56 0.64
N GLU Q 60 -6.64 -24.62 0.69
CA GLU Q 60 -5.85 -25.35 -0.28
C GLU Q 60 -6.28 -26.77 -0.60
N VAL Q 61 -6.46 -27.58 0.43
CA VAL Q 61 -6.85 -28.97 0.21
C VAL Q 61 -8.25 -29.06 -0.43
N SER Q 62 -9.03 -27.99 -0.27
CA SER Q 62 -10.38 -27.97 -0.83
C SER Q 62 -10.37 -27.84 -2.35
N ASN Q 63 -9.42 -27.07 -2.85
CA ASN Q 63 -9.29 -26.86 -4.29
C ASN Q 63 -8.74 -28.09 -4.98
N LYS Q 64 -8.12 -28.99 -4.22
CA LYS Q 64 -7.58 -30.22 -4.81
C LYS Q 64 -8.72 -31.17 -5.10
N ASP Q 65 -8.49 -32.10 -6.02
CA ASP Q 65 -9.49 -33.10 -6.37
C ASP Q 65 -8.97 -34.32 -7.11
N ASP Q 66 -9.56 -35.44 -6.74
CA ASP Q 66 -9.23 -36.74 -7.29
C ASP Q 66 -10.10 -36.99 -8.52
N LYS Q 67 -9.47 -36.97 -9.70
CA LYS Q 67 -10.11 -37.17 -11.00
C LYS Q 67 -11.21 -38.27 -11.10
N LYS Q 68 -10.77 -39.53 -11.11
CA LYS Q 68 -11.61 -40.73 -11.23
C LYS Q 68 -13.01 -40.65 -10.64
N ASN Q 69 -13.07 -40.39 -9.35
CA ASN Q 69 -14.33 -40.31 -8.59
C ASN Q 69 -14.73 -38.87 -8.31
N MET Q 70 -14.07 -37.93 -9.00
CA MET Q 70 -14.35 -36.50 -8.85
C MET Q 70 -14.24 -36.13 -7.35
N GLY Q 71 -13.82 -37.11 -6.55
CA GLY Q 71 -13.73 -36.93 -5.12
C GLY Q 71 -12.93 -35.75 -4.62
N LYS Q 72 -13.14 -35.41 -3.36
CA LYS Q 72 -12.44 -34.31 -2.74
C LYS Q 72 -12.07 -34.65 -1.30
N GLN Q 73 -11.35 -33.74 -0.64
CA GLN Q 73 -10.92 -33.97 0.74
C GLN Q 73 -11.17 -32.75 1.61
N MET Q 74 -11.77 -32.97 2.78
CA MET Q 74 -12.04 -31.87 3.71
C MET Q 74 -11.38 -32.08 5.08
N PRO Q 75 -10.28 -31.35 5.35
CA PRO Q 75 -9.53 -31.43 6.61
C PRO Q 75 -10.38 -30.87 7.74
N GLN Q 76 -10.15 -31.33 8.97
CA GLN Q 76 -10.97 -30.86 10.07
C GLN Q 76 -10.30 -30.75 11.43
N PRO Q 77 -9.74 -29.58 11.73
CA PRO Q 77 -9.09 -29.38 13.02
C PRO Q 77 -10.06 -29.21 14.17
N THR Q 78 -9.62 -29.59 15.36
CA THR Q 78 -10.44 -29.46 16.56
C THR Q 78 -9.49 -29.01 17.64
N PHE Q 79 -9.93 -28.16 18.56
CA PHE Q 79 -8.96 -27.72 19.52
C PHE Q 79 -9.49 -27.24 20.85
N THR Q 80 -8.63 -27.32 21.86
CA THR Q 80 -8.97 -26.84 23.18
C THR Q 80 -7.90 -25.85 23.58
N LEU Q 81 -7.14 -25.37 22.60
CA LEU Q 81 -6.08 -24.37 22.85
C LEU Q 81 -6.65 -23.13 23.56
N ARG Q 82 -5.97 -22.65 24.58
CA ARG Q 82 -6.47 -21.50 25.32
C ARG Q 82 -5.68 -20.25 24.98
N LYS Q 83 -4.72 -20.37 24.07
CA LYS Q 83 -3.90 -19.24 23.68
C LYS Q 83 -3.60 -19.42 22.22
N LYS Q 84 -2.95 -18.43 21.62
CA LYS Q 84 -2.59 -18.55 20.24
C LYS Q 84 -1.35 -19.39 20.21
N LEU Q 85 -1.31 -20.39 19.35
CA LEU Q 85 -0.14 -21.23 19.28
C LEU Q 85 0.67 -20.77 18.10
N VAL Q 86 1.84 -20.21 18.37
CA VAL Q 86 2.71 -19.75 17.29
C VAL Q 86 4.08 -20.42 17.38
N PHE Q 87 4.65 -20.73 16.22
CA PHE Q 87 5.96 -21.38 16.12
C PHE Q 87 7.03 -20.47 15.54
N PRO Q 88 7.60 -19.59 16.38
CA PRO Q 88 8.63 -18.66 15.92
C PRO Q 88 9.81 -19.40 15.27
N SER Q 89 10.45 -18.72 14.33
CA SER Q 89 11.57 -19.29 13.59
C SER Q 89 12.87 -18.48 13.79
N ASP R 2 -2.72 -40.29 -6.68
CA ASP R 2 -3.67 -39.82 -5.62
C ASP R 2 -4.42 -41.16 -5.30
N GLU R 3 -4.20 -41.66 -4.02
CA GLU R 3 -4.76 -42.98 -3.52
C GLU R 3 -5.57 -42.91 -2.18
N VAL R 4 -5.94 -44.13 -1.68
CA VAL R 4 -6.73 -44.35 -0.40
C VAL R 4 -5.90 -44.45 0.89
#